data_9N32
#
_entry.id   9N32
#
_cell.length_a   191.035
_cell.length_b   191.035
_cell.length_c   191.035
_cell.angle_alpha   90.000
_cell.angle_beta   90.000
_cell.angle_gamma   90.000
#
_symmetry.space_group_name_H-M   'P 21 3'
#
_entity_poly.entity_id   1
_entity_poly.type   'polypeptide(L)'
_entity_poly.pdbx_seq_one_letter_code
;MGSSHHHHHHSSGLVPRGSHMEFEKLLRLMVEKGGSDLFITAGVPPSMKVNGRVMPVTKTPLSPEQTRETVLGVMNEQQR
RDFAENHECNFAISARGIGRFRVSAFYQRNLVGMVLRRIETNIPTLEELKLPEILKKLALTKRGLVIFVGATGTGKSTSL
AAMIGYRNKNSTGHIISIEDPIEYIHQHQGCIVTQREVGLDTDSFEVALKNTLRQAPDVIMIGEVRSRETMDHAVAFAET
GHLCLATLHANNANQALERIIHFFPADRHGQVWMDLSLNLKAIVAQQLVPTPDGKGRRAVIEVLLNTPLAADLIRKGEVH
ELKPLMKRSTEQGMQTFDQALYQLYTQGEITYEDALAHADSANDLRLMIKLGSESDADHLSSLTQGLSLEITDDDPAGRR
FR
;
_entity_poly.pdbx_strand_id   A,B,C,D
#
# COMPACT_ATOMS: atom_id res chain seq x y z
N GLU A 22 -45.07 21.59 -26.43
CA GLU A 22 -45.75 22.52 -25.52
C GLU A 22 -44.74 23.25 -24.64
N PHE A 23 -44.73 22.87 -23.36
CA PHE A 23 -43.76 23.42 -22.41
C PHE A 23 -42.34 23.04 -22.78
N GLU A 24 -42.13 21.78 -23.20
CA GLU A 24 -40.81 21.34 -23.59
C GLU A 24 -40.31 22.08 -24.82
N LYS A 25 -41.22 22.54 -25.68
CA LYS A 25 -40.81 23.32 -26.85
C LYS A 25 -40.31 24.70 -26.45
N LEU A 26 -40.93 25.30 -25.43
CA LEU A 26 -40.47 26.60 -24.95
C LEU A 26 -39.07 26.53 -24.36
N LEU A 27 -38.71 25.38 -23.78
CA LEU A 27 -37.36 25.23 -23.24
C LEU A 27 -36.32 25.12 -24.34
N ARG A 28 -36.63 24.38 -25.41
CA ARG A 28 -35.71 24.24 -26.52
C ARG A 28 -35.49 25.58 -27.23
N LEU A 29 -36.53 26.39 -27.33
CA LEU A 29 -36.38 27.71 -27.95
C LEU A 29 -35.46 28.60 -27.13
N MET A 30 -35.53 28.51 -25.79
CA MET A 30 -34.66 29.31 -24.95
C MET A 30 -33.20 28.87 -25.09
N VAL A 31 -32.97 27.56 -25.21
CA VAL A 31 -31.60 27.06 -25.36
C VAL A 31 -31.07 27.38 -26.75
N GLU A 32 -31.94 27.27 -27.77
CA GLU A 32 -31.50 27.55 -29.14
C GLU A 32 -31.28 29.05 -29.35
N LYS A 33 -32.01 29.89 -28.64
CA LYS A 33 -31.87 31.35 -28.75
C LYS A 33 -30.97 31.92 -27.66
N GLY A 34 -30.49 31.11 -26.74
CA GLY A 34 -29.59 31.58 -25.70
C GLY A 34 -30.22 32.53 -24.71
N GLY A 35 -31.48 32.30 -24.34
CA GLY A 35 -32.13 33.16 -23.38
C GLY A 35 -31.56 32.99 -21.98
N SER A 36 -31.47 34.10 -21.26
CA SER A 36 -30.94 34.06 -19.90
C SER A 36 -31.99 33.64 -18.89
N ASP A 37 -33.24 34.07 -19.10
CA ASP A 37 -34.31 33.77 -18.15
C ASP A 37 -35.64 33.74 -18.89
N LEU A 38 -36.51 32.82 -18.49
CA LEU A 38 -37.86 32.70 -19.03
C LEU A 38 -38.86 33.13 -17.97
N PHE A 39 -39.88 33.87 -18.39
CA PHE A 39 -40.87 34.45 -17.49
C PHE A 39 -42.24 33.85 -17.77
N ILE A 40 -42.86 33.29 -16.74
CA ILE A 40 -44.18 32.68 -16.83
C ILE A 40 -45.05 33.30 -15.74
N THR A 41 -45.90 34.25 -16.12
CA THR A 41 -46.80 34.90 -15.17
C THR A 41 -48.05 35.35 -15.92
N ALA A 42 -49.12 35.55 -15.17
CA ALA A 42 -50.38 35.98 -15.75
C ALA A 42 -50.31 37.45 -16.15
N GLY A 43 -51.02 37.80 -17.22
CA GLY A 43 -51.08 39.15 -17.71
C GLY A 43 -50.09 39.50 -18.79
N VAL A 44 -49.09 38.65 -19.03
CA VAL A 44 -48.08 38.91 -20.07
C VAL A 44 -47.79 37.62 -20.81
N PRO A 45 -47.48 37.73 -22.10
CA PRO A 45 -47.12 36.55 -22.87
C PRO A 45 -45.85 35.91 -22.34
N PRO A 46 -45.64 34.62 -22.59
CA PRO A 46 -44.36 34.00 -22.22
C PRO A 46 -43.18 34.76 -22.82
N SER A 47 -42.40 35.40 -21.96
CA SER A 47 -41.30 36.24 -22.40
C SER A 47 -39.98 35.71 -21.85
N MET A 48 -38.91 35.89 -22.64
CA MET A 48 -37.58 35.47 -22.26
C MET A 48 -36.63 36.65 -22.32
N LYS A 49 -35.70 36.70 -21.37
CA LYS A 49 -34.69 37.76 -21.32
C LYS A 49 -33.48 37.30 -22.12
N VAL A 50 -33.39 37.76 -23.38
CA VAL A 50 -32.29 37.43 -24.26
C VAL A 50 -31.37 38.64 -24.33
N ASN A 51 -30.12 38.46 -23.89
CA ASN A 51 -29.12 39.54 -23.86
C ASN A 51 -29.60 40.73 -23.02
N GLY A 52 -30.38 40.46 -21.98
CA GLY A 52 -30.85 41.49 -21.08
C GLY A 52 -32.13 42.17 -21.50
N ARG A 53 -32.72 41.79 -22.63
CA ARG A 53 -33.93 42.41 -23.15
C ARG A 53 -35.09 41.43 -23.03
N VAL A 54 -36.09 41.79 -22.23
CA VAL A 54 -37.28 40.96 -22.11
C VAL A 54 -38.08 41.05 -23.40
N MET A 55 -38.27 39.91 -24.05
CA MET A 55 -38.95 39.85 -25.33
C MET A 55 -40.03 38.78 -25.29
N PRO A 56 -41.24 39.07 -25.76
CA PRO A 56 -42.30 38.05 -25.75
C PRO A 56 -42.02 36.97 -26.79
N VAL A 57 -42.32 35.72 -26.42
CA VAL A 57 -42.13 34.60 -27.32
C VAL A 57 -43.35 34.37 -28.21
N THR A 58 -44.53 34.31 -27.61
CA THR A 58 -45.78 34.18 -28.35
C THR A 58 -46.51 35.52 -28.39
N LYS A 59 -47.67 35.52 -29.04
CA LYS A 59 -48.48 36.73 -29.15
C LYS A 59 -49.64 36.76 -28.17
N THR A 60 -49.97 35.63 -27.54
CA THR A 60 -51.12 35.57 -26.64
C THR A 60 -50.65 35.53 -25.19
N PRO A 61 -51.14 36.45 -24.35
CA PRO A 61 -50.78 36.40 -22.93
C PRO A 61 -51.37 35.20 -22.24
N LEU A 62 -50.78 34.85 -21.10
CA LEU A 62 -51.18 33.68 -20.34
C LEU A 62 -52.30 34.05 -19.37
N SER A 63 -53.29 33.17 -19.27
CA SER A 63 -54.41 33.36 -18.35
C SER A 63 -54.02 32.91 -16.94
N PRO A 64 -54.75 33.34 -15.92
CA PRO A 64 -54.47 32.84 -14.56
C PRO A 64 -54.61 31.34 -14.45
N GLU A 65 -55.56 30.73 -15.16
CA GLU A 65 -55.71 29.29 -15.12
C GLU A 65 -54.56 28.60 -15.84
N GLN A 66 -54.13 29.14 -16.99
CA GLN A 66 -53.02 28.55 -17.71
C GLN A 66 -51.71 28.73 -16.96
N THR A 67 -51.55 29.87 -16.29
CA THR A 67 -50.35 30.08 -15.47
C THR A 67 -50.37 29.18 -14.25
N ARG A 68 -51.54 29.01 -13.64
CA ARG A 68 -51.65 28.08 -12.51
C ARG A 68 -51.48 26.64 -12.95
N GLU A 69 -51.88 26.31 -14.19
CA GLU A 69 -51.71 24.96 -14.70
C GLU A 69 -50.27 24.70 -15.14
N THR A 70 -49.57 25.74 -15.59
CA THR A 70 -48.18 25.56 -16.03
C THR A 70 -47.22 25.53 -14.85
N VAL A 71 -47.44 26.38 -13.84
CA VAL A 71 -46.54 26.43 -12.70
C VAL A 71 -46.67 25.17 -11.86
N LEU A 72 -47.90 24.79 -11.52
CA LEU A 72 -48.12 23.59 -10.72
C LEU A 72 -47.79 22.31 -11.48
N GLY A 73 -47.82 22.35 -12.82
CA GLY A 73 -47.51 21.16 -13.60
C GLY A 73 -46.05 20.75 -13.54
N VAL A 74 -45.16 21.68 -13.18
CA VAL A 74 -43.75 21.34 -13.07
C VAL A 74 -43.39 20.76 -11.70
N MET A 75 -44.21 21.01 -10.68
CA MET A 75 -43.96 20.51 -9.34
C MET A 75 -44.51 19.09 -9.19
N ASN A 76 -43.95 18.37 -8.22
CA ASN A 76 -44.49 17.08 -7.83
C ASN A 76 -45.54 17.29 -6.73
N GLU A 77 -46.03 16.20 -6.16
CA GLU A 77 -47.10 16.32 -5.17
C GLU A 77 -46.62 17.02 -3.90
N GLN A 78 -45.34 16.85 -3.53
CA GLN A 78 -44.83 17.48 -2.32
C GLN A 78 -44.50 18.94 -2.57
N GLN A 79 -43.90 19.26 -3.72
CA GLN A 79 -43.61 20.65 -4.05
C GLN A 79 -44.88 21.47 -4.19
N ARG A 80 -45.96 20.85 -4.67
CA ARG A 80 -47.25 21.54 -4.74
C ARG A 80 -47.81 21.81 -3.34
N ARG A 81 -47.45 20.98 -2.36
CA ARG A 81 -47.90 21.19 -0.99
C ARG A 81 -47.12 22.31 -0.31
N ASP A 82 -45.81 22.35 -0.51
CA ASP A 82 -45.01 23.43 0.06
C ASP A 82 -45.33 24.76 -0.60
N PHE A 83 -45.70 24.74 -1.89
CA PHE A 83 -46.02 25.98 -2.58
C PHE A 83 -47.34 26.56 -2.10
N ALA A 84 -48.31 25.70 -1.79
CA ALA A 84 -49.61 26.18 -1.31
C ALA A 84 -49.55 26.68 0.13
N GLU A 85 -48.63 26.13 0.94
CA GLU A 85 -48.53 26.51 2.34
C GLU A 85 -47.66 27.73 2.56
N ASN A 86 -46.53 27.81 1.86
CA ASN A 86 -45.58 28.90 2.05
C ASN A 86 -45.72 30.00 1.01
N HIS A 87 -46.61 29.84 0.03
CA HIS A 87 -46.82 30.77 -1.07
C HIS A 87 -45.58 30.97 -1.93
N GLU A 88 -44.51 30.21 -1.66
CA GLU A 88 -43.28 30.28 -2.44
C GLU A 88 -42.66 28.89 -2.50
N CYS A 89 -41.87 28.65 -3.54
CA CYS A 89 -41.19 27.37 -3.71
C CYS A 89 -40.09 27.55 -4.73
N ASN A 90 -38.85 27.28 -4.33
CA ASN A 90 -37.70 27.31 -5.21
C ASN A 90 -37.15 25.90 -5.37
N PHE A 91 -36.96 25.47 -6.61
CA PHE A 91 -36.50 24.12 -6.89
C PHE A 91 -35.73 24.11 -8.21
N ALA A 92 -35.26 22.93 -8.59
CA ALA A 92 -34.52 22.73 -9.83
C ALA A 92 -35.08 21.50 -10.55
N ILE A 93 -34.90 21.49 -11.87
CA ILE A 93 -35.44 20.42 -12.72
C ILE A 93 -34.37 19.99 -13.72
N SER A 94 -34.59 18.82 -14.31
CA SER A 94 -33.68 18.25 -15.30
C SER A 94 -34.51 17.73 -16.46
N ALA A 95 -34.37 18.38 -17.62
CA ALA A 95 -35.07 17.97 -18.83
C ALA A 95 -34.14 17.11 -19.68
N ARG A 96 -34.58 15.91 -20.00
CA ARG A 96 -33.75 14.96 -20.75
C ARG A 96 -33.50 15.47 -22.16
N GLY A 97 -32.23 15.65 -22.51
CA GLY A 97 -31.85 16.06 -23.84
C GLY A 97 -31.78 17.56 -24.07
N ILE A 98 -32.27 18.37 -23.14
CA ILE A 98 -32.26 19.83 -23.28
C ILE A 98 -31.25 20.46 -22.33
N GLY A 99 -31.37 20.21 -21.05
CA GLY A 99 -30.46 20.78 -20.07
C GLY A 99 -31.16 20.90 -18.72
N ARG A 100 -30.60 21.76 -17.88
CA ARG A 100 -31.14 22.01 -16.55
C ARG A 100 -31.44 23.49 -16.38
N PHE A 101 -32.41 23.79 -15.52
CA PHE A 101 -32.80 25.17 -15.26
C PHE A 101 -33.35 25.28 -13.85
N ARG A 102 -33.08 26.41 -13.20
CA ARG A 102 -33.54 26.68 -11.85
C ARG A 102 -34.77 27.57 -11.90
N VAL A 103 -35.79 27.21 -11.11
CA VAL A 103 -37.07 27.90 -11.12
C VAL A 103 -37.28 28.58 -9.77
N SER A 104 -37.91 29.75 -9.81
CA SER A 104 -38.28 30.50 -8.61
C SER A 104 -39.77 30.84 -8.73
N ALA A 105 -40.61 30.00 -8.16
CA ALA A 105 -42.05 30.21 -8.18
C ALA A 105 -42.47 31.13 -7.04
N PHE A 106 -43.60 31.81 -7.23
CA PHE A 106 -44.03 32.80 -6.26
C PHE A 106 -45.50 33.15 -6.52
N TYR A 107 -46.17 33.59 -5.46
CA TYR A 107 -47.47 34.23 -5.59
C TYR A 107 -47.28 35.69 -5.93
N GLN A 108 -48.15 36.22 -6.78
CA GLN A 108 -48.11 37.63 -7.13
C GLN A 108 -49.54 38.08 -7.41
N ARG A 109 -50.02 39.04 -6.61
CA ARG A 109 -51.41 39.51 -6.69
C ARG A 109 -52.38 38.34 -6.57
N ASN A 110 -52.06 37.42 -5.64
CA ASN A 110 -52.84 36.20 -5.42
C ASN A 110 -52.93 35.35 -6.68
N LEU A 111 -51.89 35.38 -7.51
CA LEU A 111 -51.83 34.59 -8.73
C LEU A 111 -50.45 33.96 -8.85
N VAL A 112 -50.39 32.81 -9.53
CA VAL A 112 -49.15 32.05 -9.64
C VAL A 112 -48.23 32.68 -10.66
N GLY A 113 -46.92 32.52 -10.44
CA GLY A 113 -45.93 33.02 -11.36
C GLY A 113 -44.60 32.36 -11.09
N MET A 114 -43.79 32.23 -12.14
CA MET A 114 -42.51 31.53 -12.03
C MET A 114 -41.49 32.15 -12.97
N VAL A 115 -40.24 32.18 -12.53
CA VAL A 115 -39.12 32.65 -13.33
C VAL A 115 -38.10 31.52 -13.42
N LEU A 116 -37.70 31.18 -14.65
CA LEU A 116 -36.78 30.08 -14.90
C LEU A 116 -35.45 30.63 -15.40
N ARG A 117 -34.36 30.15 -14.82
CA ARG A 117 -33.01 30.56 -15.19
C ARG A 117 -32.27 29.37 -15.77
N ARG A 118 -31.71 29.54 -16.97
CA ARG A 118 -30.99 28.46 -17.62
C ARG A 118 -29.63 28.25 -16.96
N ILE A 119 -29.32 27.00 -16.64
CA ILE A 119 -28.04 26.63 -16.05
C ILE A 119 -27.11 26.18 -17.17
N GLU A 120 -25.84 26.59 -17.07
CA GLU A 120 -24.85 26.29 -18.09
C GLU A 120 -23.96 25.13 -17.63
N THR A 121 -23.81 24.12 -18.49
CA THR A 121 -22.98 22.96 -18.19
C THR A 121 -21.66 22.96 -18.95
N ASN A 122 -21.57 23.64 -20.09
CA ASN A 122 -20.34 23.73 -20.86
C ASN A 122 -19.44 24.78 -20.20
N ILE A 123 -18.32 24.33 -19.64
CA ILE A 123 -17.36 25.20 -18.97
C ILE A 123 -16.26 25.56 -19.95
N PRO A 124 -16.10 26.82 -20.34
CA PRO A 124 -15.04 27.18 -21.27
C PRO A 124 -13.68 27.11 -20.61
N THR A 125 -12.65 27.26 -21.46
CA THR A 125 -11.27 27.21 -21.00
C THR A 125 -10.71 28.62 -20.85
N LEU A 126 -9.56 28.71 -20.17
CA LEU A 126 -8.88 29.99 -20.02
C LEU A 126 -8.39 30.52 -21.37
N GLU A 127 -8.05 29.63 -22.30
CA GLU A 127 -7.60 30.06 -23.61
C GLU A 127 -8.76 30.61 -24.44
N GLU A 128 -9.94 30.00 -24.34
CA GLU A 128 -11.10 30.50 -25.06
C GLU A 128 -11.48 31.91 -24.60
N LEU A 129 -11.29 32.21 -23.32
CA LEU A 129 -11.51 33.56 -22.81
C LEU A 129 -10.34 34.48 -23.06
N LYS A 130 -9.22 33.96 -23.59
CA LYS A 130 -8.03 34.75 -23.90
C LYS A 130 -7.51 35.46 -22.66
N LEU A 131 -7.49 34.76 -21.54
CA LEU A 131 -7.00 35.31 -20.28
C LEU A 131 -5.48 35.19 -20.19
N PRO A 132 -4.82 36.06 -19.42
CA PRO A 132 -3.37 36.01 -19.31
C PRO A 132 -2.90 34.72 -18.65
N GLU A 133 -1.66 34.34 -18.98
CA GLU A 133 -1.10 33.08 -18.51
C GLU A 133 -0.84 33.07 -17.01
N ILE A 134 -0.76 34.23 -16.37
CA ILE A 134 -0.59 34.29 -14.92
C ILE A 134 -1.77 33.65 -14.21
N LEU A 135 -2.94 33.62 -14.85
CA LEU A 135 -4.09 32.94 -14.26
C LEU A 135 -3.87 31.43 -14.18
N LYS A 136 -3.18 30.86 -15.18
CA LYS A 136 -2.91 29.42 -15.16
C LYS A 136 -2.02 29.05 -13.97
N LYS A 137 -0.97 29.83 -13.73
CA LYS A 137 -0.12 29.59 -12.57
C LYS A 137 -0.90 29.79 -11.28
N LEU A 138 -1.82 30.76 -11.25
CA LEU A 138 -2.66 30.96 -10.08
C LEU A 138 -3.65 29.82 -9.91
N ALA A 139 -4.14 29.25 -11.01
CA ALA A 139 -5.10 28.15 -10.92
C ALA A 139 -4.48 26.90 -10.32
N LEU A 140 -3.20 26.66 -10.56
CA LEU A 140 -2.50 25.50 -10.04
C LEU A 140 -1.87 25.75 -8.68
N THR A 141 -2.11 26.91 -8.07
CA THR A 141 -1.55 27.18 -6.75
C THR A 141 -2.13 26.24 -5.71
N LYS A 142 -1.31 25.94 -4.69
CA LYS A 142 -1.70 24.97 -3.68
C LYS A 142 -2.44 25.61 -2.51
N ARG A 143 -2.00 26.79 -2.06
CA ARG A 143 -2.63 27.46 -0.92
C ARG A 143 -2.55 28.96 -1.13
N GLY A 144 -3.53 29.67 -0.56
CA GLY A 144 -3.59 31.11 -0.68
C GLY A 144 -4.98 31.62 -0.95
N LEU A 145 -5.12 32.95 -1.06
CA LEU A 145 -6.41 33.58 -1.31
C LEU A 145 -6.35 34.34 -2.63
N VAL A 146 -7.25 34.00 -3.54
CA VAL A 146 -7.38 34.69 -4.83
C VAL A 146 -8.77 35.31 -4.89
N ILE A 147 -8.82 36.58 -5.26
CA ILE A 147 -10.05 37.36 -5.24
C ILE A 147 -10.34 37.89 -6.63
N PHE A 148 -11.55 37.64 -7.13
CA PHE A 148 -12.03 38.17 -8.40
C PHE A 148 -12.87 39.41 -8.11
N VAL A 149 -12.38 40.57 -8.52
CA VAL A 149 -13.10 41.82 -8.35
C VAL A 149 -13.61 42.30 -9.70
N GLY A 150 -14.61 43.16 -9.65
CA GLY A 150 -15.22 43.70 -10.85
C GLY A 150 -16.64 44.12 -10.58
N ALA A 151 -17.16 44.96 -11.49
CA ALA A 151 -18.54 45.41 -11.40
C ALA A 151 -19.49 44.26 -11.72
N THR A 152 -20.79 44.56 -11.66
CA THR A 152 -21.80 43.53 -11.93
C THR A 152 -21.75 43.12 -13.39
N GLY A 153 -21.61 41.81 -13.62
CA GLY A 153 -21.63 41.30 -14.98
C GLY A 153 -20.36 41.52 -15.76
N THR A 154 -19.22 41.69 -15.08
CA THR A 154 -17.94 41.83 -15.76
C THR A 154 -17.29 40.50 -16.10
N GLY A 155 -18.05 39.40 -16.00
CA GLY A 155 -17.48 38.09 -16.28
C GLY A 155 -16.68 37.50 -15.16
N LYS A 156 -16.91 37.93 -13.91
CA LYS A 156 -16.17 37.38 -12.78
C LYS A 156 -16.44 35.88 -12.63
N SER A 157 -17.72 35.51 -12.53
CA SER A 157 -18.05 34.10 -12.37
C SER A 157 -17.76 33.30 -13.63
N THR A 158 -17.85 33.93 -14.81
CA THR A 158 -17.55 33.22 -16.04
C THR A 158 -16.06 32.88 -16.12
N SER A 159 -15.19 33.85 -15.85
CA SER A 159 -13.76 33.58 -15.87
C SER A 159 -13.35 32.66 -14.71
N LEU A 160 -14.03 32.76 -13.58
CA LEU A 160 -13.72 31.89 -12.44
C LEU A 160 -14.05 30.44 -12.75
N ALA A 161 -15.24 30.19 -13.32
CA ALA A 161 -15.60 28.84 -13.70
C ALA A 161 -14.66 28.29 -14.77
N ALA A 162 -14.24 29.15 -15.70
CA ALA A 162 -13.24 28.74 -16.68
C ALA A 162 -11.92 28.39 -16.00
N MET A 163 -11.53 29.20 -15.00
CA MET A 163 -10.33 28.88 -14.22
C MET A 163 -10.55 27.65 -13.35
N ILE A 164 -11.77 27.45 -12.86
CA ILE A 164 -12.07 26.26 -12.05
C ILE A 164 -11.94 25.01 -12.90
N GLY A 165 -12.34 25.08 -14.17
CA GLY A 165 -12.18 23.95 -15.06
C GLY A 165 -10.72 23.64 -15.36
N TYR A 166 -9.86 24.65 -15.29
CA TYR A 166 -8.43 24.42 -15.51
C TYR A 166 -7.82 23.61 -14.36
N ARG A 167 -8.10 24.03 -13.12
CA ARG A 167 -7.60 23.29 -11.97
C ARG A 167 -8.26 21.92 -11.87
N ASN A 168 -9.55 21.83 -12.23
CA ASN A 168 -10.24 20.55 -12.17
C ASN A 168 -9.65 19.56 -13.17
N LYS A 169 -9.14 20.04 -14.30
CA LYS A 169 -8.62 19.16 -15.34
C LYS A 169 -7.12 18.90 -15.21
N ASN A 170 -6.39 19.76 -14.49
CA ASN A 170 -4.94 19.67 -14.44
C ASN A 170 -4.39 19.24 -13.10
N SER A 171 -5.23 18.89 -12.14
CA SER A 171 -4.75 18.46 -10.83
C SER A 171 -5.70 17.41 -10.28
N THR A 172 -5.26 16.77 -9.19
CA THR A 172 -6.05 15.76 -8.49
C THR A 172 -6.33 16.25 -7.07
N GLY A 173 -7.57 16.10 -6.64
CA GLY A 173 -7.94 16.54 -5.30
C GLY A 173 -9.45 16.67 -5.18
N HIS A 174 -9.85 17.58 -4.28
CA HIS A 174 -11.26 17.84 -4.01
C HIS A 174 -11.50 19.33 -4.05
N ILE A 175 -12.47 19.75 -4.87
CA ILE A 175 -12.88 21.15 -4.97
C ILE A 175 -14.26 21.28 -4.34
N ILE A 176 -14.40 22.22 -3.40
CA ILE A 176 -15.66 22.49 -2.73
C ILE A 176 -16.14 23.87 -3.15
N SER A 177 -17.38 23.95 -3.63
CA SER A 177 -17.94 25.18 -4.17
C SER A 177 -19.19 25.57 -3.40
N ILE A 178 -19.26 26.83 -3.01
CA ILE A 178 -20.44 27.40 -2.34
C ILE A 178 -20.85 28.63 -3.15
N GLU A 179 -21.96 28.53 -3.87
CA GLU A 179 -22.40 29.59 -4.77
C GLU A 179 -23.84 29.97 -4.44
N ASP A 180 -24.19 31.20 -4.84
CA ASP A 180 -25.54 31.72 -4.64
C ASP A 180 -25.88 32.65 -5.79
N PRO A 181 -26.38 32.11 -6.91
CA PRO A 181 -26.62 30.69 -7.18
C PRO A 181 -25.42 30.04 -7.87
N ILE A 182 -25.51 28.75 -8.17
CA ILE A 182 -24.48 28.08 -8.97
C ILE A 182 -24.67 28.50 -10.42
N GLU A 183 -23.64 29.14 -10.99
CA GLU A 183 -23.73 29.62 -12.36
C GLU A 183 -23.23 28.61 -13.38
N TYR A 184 -22.22 27.82 -13.03
CA TYR A 184 -21.69 26.79 -13.91
C TYR A 184 -21.50 25.50 -13.12
N ILE A 185 -21.87 24.39 -13.73
CA ILE A 185 -21.76 23.07 -13.11
C ILE A 185 -20.60 22.35 -13.79
N HIS A 186 -19.53 22.10 -13.03
CA HIS A 186 -18.34 21.43 -13.54
C HIS A 186 -18.45 19.93 -13.30
N GLN A 187 -18.23 19.15 -14.35
CA GLN A 187 -18.22 17.70 -14.22
C GLN A 187 -16.92 17.26 -13.55
N HIS A 188 -16.97 16.09 -12.91
CA HIS A 188 -15.81 15.54 -12.23
C HIS A 188 -14.69 15.23 -13.22
N GLN A 189 -13.60 15.98 -13.13
CA GLN A 189 -12.41 15.76 -13.97
C GLN A 189 -11.30 15.23 -13.07
N GLY A 190 -10.09 15.80 -13.09
CA GLY A 190 -9.02 15.29 -12.24
C GLY A 190 -9.31 15.46 -10.76
N CYS A 191 -9.98 16.54 -10.39
CA CYS A 191 -10.35 16.80 -9.00
C CYS A 191 -11.82 16.48 -8.78
N ILE A 192 -12.14 16.07 -7.55
CA ILE A 192 -13.52 15.87 -7.16
C ILE A 192 -14.19 17.24 -6.99
N VAL A 193 -15.33 17.42 -7.64
CA VAL A 193 -16.01 18.72 -7.70
C VAL A 193 -17.33 18.59 -6.96
N THR A 194 -17.44 19.27 -5.82
CA THR A 194 -18.67 19.32 -5.03
C THR A 194 -19.24 20.72 -5.11
N GLN A 195 -20.33 20.87 -5.87
CA GLN A 195 -20.99 22.15 -6.05
C GLN A 195 -22.22 22.21 -5.15
N ARG A 196 -22.25 23.19 -4.24
CA ARG A 196 -23.37 23.38 -3.33
C ARG A 196 -23.92 24.78 -3.52
N GLU A 197 -25.24 24.89 -3.66
CA GLU A 197 -25.91 26.17 -3.87
C GLU A 197 -26.63 26.57 -2.60
N VAL A 198 -26.48 27.85 -2.22
CA VAL A 198 -27.16 28.37 -1.04
C VAL A 198 -28.66 28.38 -1.27
N GLY A 199 -29.43 27.89 -0.31
CA GLY A 199 -30.87 27.79 -0.43
C GLY A 199 -31.38 26.47 -0.93
N LEU A 200 -30.50 25.59 -1.42
CA LEU A 200 -30.91 24.27 -1.89
C LEU A 200 -30.05 23.19 -1.25
N ASP A 201 -28.74 23.38 -1.30
CA ASP A 201 -27.79 22.44 -0.72
C ASP A 201 -27.28 22.86 0.65
N THR A 202 -27.47 24.13 1.01
CA THR A 202 -27.07 24.64 2.32
C THR A 202 -27.99 25.80 2.70
N ASP A 203 -28.11 26.02 3.99
CA ASP A 203 -29.00 27.09 4.47
C ASP A 203 -28.40 28.47 4.24
N SER A 204 -27.08 28.60 4.34
CA SER A 204 -26.43 29.90 4.18
C SER A 204 -24.98 29.68 3.76
N PHE A 205 -24.33 30.79 3.41
CA PHE A 205 -22.91 30.75 3.11
C PHE A 205 -22.10 30.37 4.35
N GLU A 206 -22.47 30.91 5.51
CA GLU A 206 -21.71 30.67 6.72
C GLU A 206 -21.77 29.21 7.15
N VAL A 207 -22.95 28.59 7.04
CA VAL A 207 -23.09 27.19 7.45
C VAL A 207 -22.30 26.28 6.52
N ALA A 208 -22.30 26.57 5.22
CA ALA A 208 -21.57 25.74 4.27
C ALA A 208 -20.06 25.86 4.48
N LEU A 209 -19.57 27.09 4.63
CA LEU A 209 -18.14 27.30 4.85
C LEU A 209 -17.70 26.72 6.19
N LYS A 210 -18.59 26.68 7.19
CA LYS A 210 -18.25 26.10 8.47
C LYS A 210 -18.02 24.59 8.34
N ASN A 211 -18.80 23.92 7.50
CA ASN A 211 -18.64 22.49 7.27
C ASN A 211 -17.67 22.17 6.14
N THR A 212 -17.29 23.16 5.34
CA THR A 212 -16.37 22.91 4.23
C THR A 212 -15.01 22.42 4.72
N LEU A 213 -14.60 22.84 5.92
CA LEU A 213 -13.31 22.42 6.45
C LEU A 213 -13.30 20.93 6.79
N ARG A 214 -14.42 20.42 7.30
CA ARG A 214 -14.51 19.02 7.70
C ARG A 214 -14.78 18.07 6.53
N GLN A 215 -14.87 18.59 5.30
CA GLN A 215 -15.10 17.77 4.12
C GLN A 215 -13.82 17.49 3.35
N ALA A 216 -12.67 17.72 3.96
CA ALA A 216 -11.36 17.46 3.36
C ALA A 216 -11.21 18.03 1.96
N PRO A 217 -11.33 19.34 1.78
CA PRO A 217 -11.11 19.94 0.47
C PRO A 217 -9.64 20.24 0.24
N ASP A 218 -9.31 20.47 -1.03
CA ASP A 218 -8.01 21.00 -1.41
C ASP A 218 -8.10 22.39 -2.00
N VAL A 219 -9.24 22.74 -2.58
CA VAL A 219 -9.54 24.10 -3.02
C VAL A 219 -10.98 24.41 -2.64
N ILE A 220 -11.20 25.62 -2.12
CA ILE A 220 -12.52 26.07 -1.70
C ILE A 220 -12.83 27.37 -2.42
N MET A 221 -13.96 27.40 -3.11
CA MET A 221 -14.39 28.59 -3.85
C MET A 221 -15.66 29.12 -3.20
N ILE A 222 -15.57 30.31 -2.62
CA ILE A 222 -16.73 31.01 -2.09
C ILE A 222 -17.34 31.84 -3.21
N GLY A 223 -18.63 31.64 -3.45
CA GLY A 223 -19.28 32.33 -4.57
C GLY A 223 -19.14 33.84 -4.48
N GLU A 224 -19.37 34.40 -3.29
CA GLU A 224 -19.17 35.82 -3.07
C GLU A 224 -19.06 36.07 -1.57
N VAL A 225 -18.12 36.93 -1.19
CA VAL A 225 -17.97 37.35 0.20
C VAL A 225 -18.83 38.60 0.38
N ARG A 226 -19.85 38.49 1.21
CA ARG A 226 -20.78 39.59 1.46
C ARG A 226 -20.82 40.05 2.90
N SER A 227 -20.16 39.35 3.82
CA SER A 227 -20.14 39.73 5.22
C SER A 227 -18.78 39.41 5.82
N ARG A 228 -18.58 39.83 7.07
CA ARG A 228 -17.31 39.58 7.74
C ARG A 228 -17.14 38.11 8.09
N GLU A 229 -18.24 37.42 8.43
CA GLU A 229 -18.15 36.00 8.73
C GLU A 229 -17.68 35.21 7.51
N THR A 230 -18.16 35.58 6.32
CA THR A 230 -17.66 34.96 5.10
C THR A 230 -16.19 35.29 4.87
N MET A 231 -15.77 36.49 5.24
CA MET A 231 -14.37 36.87 5.07
C MET A 231 -13.46 36.13 6.05
N ASP A 232 -13.95 35.89 7.27
CA ASP A 232 -13.14 35.18 8.26
C ASP A 232 -12.90 33.73 7.83
N HIS A 233 -13.94 33.07 7.31
CA HIS A 233 -13.78 31.70 6.84
C HIS A 233 -12.80 31.63 5.68
N ALA A 234 -12.85 32.60 4.77
CA ALA A 234 -11.93 32.61 3.64
C ALA A 234 -10.48 32.76 4.10
N VAL A 235 -10.25 33.59 5.12
CA VAL A 235 -8.90 33.74 5.66
C VAL A 235 -8.46 32.46 6.36
N ALA A 236 -9.35 31.85 7.14
CA ALA A 236 -9.02 30.60 7.81
C ALA A 236 -8.81 29.46 6.82
N PHE A 237 -9.50 29.49 5.68
CA PHE A 237 -9.29 28.47 4.66
C PHE A 237 -7.87 28.51 4.12
N ALA A 238 -7.34 29.70 3.87
CA ALA A 238 -6.00 29.82 3.32
C ALA A 238 -4.91 29.49 4.34
N GLU A 239 -5.18 29.73 5.63
CA GLU A 239 -4.17 29.42 6.64
C GLU A 239 -3.97 27.92 6.80
N THR A 240 -4.98 27.12 6.49
CA THR A 240 -4.92 25.68 6.65
C THR A 240 -4.33 24.97 5.43
N GLY A 241 -3.64 25.70 4.56
CA GLY A 241 -3.01 25.08 3.40
C GLY A 241 -3.94 24.75 2.26
N HIS A 242 -5.10 25.39 2.18
CA HIS A 242 -6.05 25.17 1.11
C HIS A 242 -6.11 26.40 0.21
N LEU A 243 -6.45 26.18 -1.05
CA LEU A 243 -6.60 27.26 -2.02
C LEU A 243 -8.01 27.82 -1.92
N CYS A 244 -8.12 29.10 -1.58
CA CYS A 244 -9.41 29.76 -1.40
C CYS A 244 -9.61 30.79 -2.49
N LEU A 245 -10.74 30.69 -3.18
CA LEU A 245 -11.13 31.65 -4.22
C LEU A 245 -12.48 32.25 -3.87
N ALA A 246 -12.66 33.52 -4.23
CA ALA A 246 -13.90 34.22 -3.93
C ALA A 246 -14.02 35.42 -4.85
N THR A 247 -15.26 35.90 -5.01
CA THR A 247 -15.56 37.07 -5.80
C THR A 247 -16.13 38.17 -4.91
N LEU A 248 -15.87 39.41 -5.29
CA LEU A 248 -16.41 40.58 -4.60
C LEU A 248 -16.59 41.69 -5.61
N HIS A 249 -17.53 42.58 -5.32
CA HIS A 249 -17.89 43.66 -6.25
C HIS A 249 -17.07 44.90 -5.90
N ALA A 250 -16.04 45.15 -6.70
CA ALA A 250 -15.19 46.32 -6.55
C ALA A 250 -14.47 46.54 -7.88
N ASN A 251 -14.20 47.81 -8.19
CA ASN A 251 -13.66 48.16 -9.50
C ASN A 251 -12.24 47.62 -9.70
N ASN A 252 -11.32 47.99 -8.82
CA ASN A 252 -9.94 47.54 -8.95
C ASN A 252 -9.43 46.89 -7.67
N ALA A 253 -8.12 46.63 -7.62
CA ALA A 253 -7.54 45.97 -6.46
C ALA A 253 -7.55 46.87 -5.24
N ASN A 254 -7.32 48.17 -5.43
CA ASN A 254 -7.27 49.10 -4.30
C ASN A 254 -8.63 49.22 -3.61
N GLN A 255 -9.70 49.38 -4.40
CA GLN A 255 -11.02 49.52 -3.80
C GLN A 255 -11.52 48.20 -3.21
N ALA A 256 -11.07 47.07 -3.76
CA ALA A 256 -11.43 45.79 -3.18
C ALA A 256 -10.86 45.63 -1.77
N LEU A 257 -9.61 46.05 -1.58
CA LEU A 257 -9.02 46.00 -0.24
C LEU A 257 -9.73 46.95 0.71
N GLU A 258 -10.16 48.11 0.21
CA GLU A 258 -10.86 49.07 1.05
C GLU A 258 -12.20 48.51 1.53
N ARG A 259 -12.91 47.79 0.65
CA ARG A 259 -14.18 47.20 1.04
C ARG A 259 -13.99 46.04 2.01
N ILE A 260 -12.91 45.28 1.85
CA ILE A 260 -12.68 44.11 2.71
C ILE A 260 -12.36 44.56 4.14
N ILE A 261 -11.51 45.59 4.28
CA ILE A 261 -11.16 46.06 5.61
C ILE A 261 -12.36 46.68 6.31
N HIS A 262 -13.27 47.29 5.54
CA HIS A 262 -14.47 47.88 6.11
C HIS A 262 -15.47 46.84 6.61
N PHE A 263 -15.29 45.57 6.24
CA PHE A 263 -16.10 44.50 6.83
C PHE A 263 -15.90 44.39 8.33
N PHE A 264 -14.77 44.87 8.85
CA PHE A 264 -14.36 44.66 10.23
C PHE A 264 -14.29 45.99 10.98
N PRO A 265 -14.46 45.95 12.30
CA PRO A 265 -14.24 47.17 13.09
C PRO A 265 -12.80 47.61 13.04
N ALA A 266 -12.58 48.89 13.39
CA ALA A 266 -11.26 49.49 13.24
C ALA A 266 -10.23 48.85 14.16
N ASP A 267 -10.67 48.27 15.29
CA ASP A 267 -9.71 47.66 16.21
C ASP A 267 -9.08 46.40 15.64
N ARG A 268 -9.79 45.72 14.74
CA ARG A 268 -9.28 44.51 14.11
C ARG A 268 -8.58 44.78 12.78
N HIS A 269 -8.45 46.04 12.38
CA HIS A 269 -7.77 46.35 11.13
C HIS A 269 -6.31 45.94 11.17
N GLY A 270 -5.64 46.18 12.30
CA GLY A 270 -4.23 45.82 12.41
C GLY A 270 -3.98 44.35 12.18
N GLN A 271 -4.89 43.50 12.65
CA GLN A 271 -4.77 42.07 12.38
C GLN A 271 -5.10 41.76 10.92
N VAL A 272 -6.11 42.43 10.37
CA VAL A 272 -6.53 42.15 8.99
C VAL A 272 -5.42 42.50 8.01
N TRP A 273 -4.75 43.63 8.22
CA TRP A 273 -3.63 44.00 7.35
C TRP A 273 -2.50 42.98 7.46
N MET A 274 -2.24 42.47 8.67
CA MET A 274 -1.18 41.49 8.84
C MET A 274 -1.55 40.15 8.22
N ASP A 275 -2.79 39.70 8.42
CA ASP A 275 -3.21 38.44 7.82
C ASP A 275 -3.25 38.52 6.31
N LEU A 276 -3.73 39.64 5.77
CA LEU A 276 -3.78 39.81 4.32
C LEU A 276 -2.37 39.81 3.73
N SER A 277 -1.42 40.43 4.42
CA SER A 277 -0.04 40.45 3.93
C SER A 277 0.63 39.09 4.00
N LEU A 278 0.05 38.14 4.74
CA LEU A 278 0.67 36.84 4.97
C LEU A 278 0.14 35.75 4.05
N ASN A 279 -1.17 35.74 3.77
CA ASN A 279 -1.78 34.64 3.04
C ASN A 279 -2.25 34.98 1.64
N LEU A 280 -2.42 36.26 1.31
CA LEU A 280 -2.94 36.63 0.00
C LEU A 280 -1.94 36.27 -1.10
N LYS A 281 -2.48 35.85 -2.24
CA LYS A 281 -1.67 35.48 -3.39
C LYS A 281 -1.79 36.47 -4.53
N ALA A 282 -3.02 36.88 -4.88
CA ALA A 282 -3.22 37.81 -5.97
C ALA A 282 -4.63 38.40 -5.88
N ILE A 283 -4.81 39.52 -6.57
CA ILE A 283 -6.11 40.16 -6.74
C ILE A 283 -6.29 40.42 -8.22
N VAL A 284 -7.35 39.84 -8.79
CA VAL A 284 -7.59 39.90 -10.24
C VAL A 284 -8.81 40.78 -10.46
N ALA A 285 -8.60 41.96 -11.03
CA ALA A 285 -9.68 42.87 -11.40
C ALA A 285 -9.97 42.70 -12.88
N GLN A 286 -11.26 42.62 -13.23
CA GLN A 286 -11.69 42.30 -14.58
C GLN A 286 -12.60 43.39 -15.12
N GLN A 287 -12.31 43.86 -16.33
CA GLN A 287 -13.17 44.79 -17.05
C GLN A 287 -13.46 44.22 -18.44
N LEU A 288 -14.59 44.61 -19.00
CA LEU A 288 -15.04 44.14 -20.30
C LEU A 288 -15.09 45.31 -21.27
N VAL A 289 -14.18 45.31 -22.25
CA VAL A 289 -14.10 46.37 -23.24
C VAL A 289 -14.55 45.82 -24.59
N PRO A 290 -15.32 46.58 -25.38
CA PRO A 290 -15.78 46.07 -26.67
C PRO A 290 -14.65 45.94 -27.67
N THR A 291 -14.75 44.92 -28.51
CA THR A 291 -13.78 44.72 -29.58
C THR A 291 -14.00 45.74 -30.69
N PRO A 292 -13.00 45.96 -31.55
CA PRO A 292 -13.16 46.96 -32.62
C PRO A 292 -14.32 46.69 -33.55
N ASP A 293 -14.64 45.42 -33.82
CA ASP A 293 -15.74 45.09 -34.72
C ASP A 293 -17.11 45.22 -34.06
N GLY A 294 -17.16 45.53 -32.76
CA GLY A 294 -18.43 45.72 -32.07
C GLY A 294 -19.27 44.48 -31.90
N LYS A 295 -18.79 43.31 -32.31
CA LYS A 295 -19.55 42.08 -32.21
C LYS A 295 -19.31 41.33 -30.92
N GLY A 296 -18.36 41.76 -30.09
CA GLY A 296 -18.08 41.08 -28.85
C GLY A 296 -17.37 41.99 -27.87
N ARG A 297 -17.05 41.44 -26.71
CA ARG A 297 -16.36 42.16 -25.66
C ARG A 297 -15.16 41.34 -25.19
N ARG A 298 -14.07 42.04 -24.88
CA ARG A 298 -12.84 41.41 -24.42
C ARG A 298 -12.64 41.70 -22.94
N ALA A 299 -12.09 40.72 -22.22
CA ALA A 299 -11.90 40.82 -20.78
C ALA A 299 -10.55 41.44 -20.48
N VAL A 300 -10.55 42.60 -19.84
CA VAL A 300 -9.33 43.26 -19.40
C VAL A 300 -9.05 42.83 -17.97
N ILE A 301 -7.83 42.35 -17.71
CA ILE A 301 -7.46 41.76 -16.43
C ILE A 301 -6.35 42.60 -15.81
N GLU A 302 -6.60 43.11 -14.61
CA GLU A 302 -5.59 43.80 -13.81
C GLU A 302 -5.07 42.81 -12.77
N VAL A 303 -3.76 42.54 -12.81
CA VAL A 303 -3.13 41.52 -11.99
C VAL A 303 -2.24 42.19 -10.96
N LEU A 304 -2.42 41.83 -9.69
CA LEU A 304 -1.58 42.29 -8.60
C LEU A 304 -1.07 41.07 -7.85
N LEU A 305 0.22 40.80 -7.95
CA LEU A 305 0.84 39.65 -7.31
C LEU A 305 1.44 40.08 -5.97
N ASN A 306 1.31 39.21 -4.97
CA ASN A 306 1.77 39.52 -3.61
C ASN A 306 3.28 39.32 -3.52
N THR A 307 4.02 40.29 -4.03
CA THR A 307 5.45 40.35 -3.85
C THR A 307 5.77 40.85 -2.45
N PRO A 308 6.99 40.61 -1.95
CA PRO A 308 7.33 41.09 -0.59
C PRO A 308 7.09 42.57 -0.40
N LEU A 309 7.38 43.41 -1.40
CA LEU A 309 7.10 44.83 -1.27
C LEU A 309 5.60 45.09 -1.17
N ALA A 310 4.80 44.34 -1.91
CA ALA A 310 3.35 44.49 -1.81
C ALA A 310 2.85 44.04 -0.45
N ALA A 311 3.41 42.97 0.09
CA ALA A 311 3.00 42.49 1.41
C ALA A 311 3.30 43.54 2.48
N ASP A 312 4.44 44.22 2.37
CA ASP A 312 4.75 45.27 3.34
C ASP A 312 3.79 46.43 3.23
N LEU A 313 3.41 46.81 2.01
CA LEU A 313 2.40 47.84 1.84
C LEU A 313 1.05 47.39 2.36
N ILE A 314 0.74 46.10 2.28
CA ILE A 314 -0.50 45.58 2.84
C ILE A 314 -0.42 45.56 4.36
N ARG A 315 0.72 45.12 4.91
CA ARG A 315 0.87 45.05 6.36
C ARG A 315 0.78 46.43 7.01
N LYS A 316 1.19 47.47 6.29
CA LYS A 316 1.12 48.84 6.80
C LYS A 316 -0.20 49.52 6.46
N GLY A 317 -1.09 48.84 5.74
CA GLY A 317 -2.33 49.47 5.31
C GLY A 317 -2.16 50.50 4.22
N GLU A 318 -0.96 50.63 3.65
CA GLU A 318 -0.68 51.61 2.60
C GLU A 318 -1.23 51.11 1.27
N VAL A 319 -2.56 50.99 1.21
CA VAL A 319 -3.23 50.55 -0.01
C VAL A 319 -3.05 51.55 -1.14
N HIS A 320 -2.82 52.83 -0.81
CA HIS A 320 -2.56 53.83 -1.83
C HIS A 320 -1.28 53.54 -2.60
N GLU A 321 -0.28 52.97 -1.93
CA GLU A 321 1.01 52.69 -2.55
C GLU A 321 0.98 51.47 -3.47
N LEU A 322 -0.18 50.85 -3.67
CA LEU A 322 -0.25 49.64 -4.48
C LEU A 322 -0.22 49.96 -5.97
N LYS A 323 -0.96 50.98 -6.39
CA LYS A 323 -1.01 51.32 -7.82
C LYS A 323 0.35 51.65 -8.42
N PRO A 324 1.21 52.46 -7.78
CA PRO A 324 2.54 52.67 -8.37
C PRO A 324 3.41 51.42 -8.39
N LEU A 325 3.26 50.54 -7.40
CA LEU A 325 4.10 49.34 -7.35
C LEU A 325 3.75 48.37 -8.48
N MET A 326 2.47 48.31 -8.88
CA MET A 326 2.08 47.42 -9.97
C MET A 326 2.58 47.89 -11.32
N LYS A 327 2.92 49.18 -11.45
CA LYS A 327 3.40 49.71 -12.72
C LYS A 327 4.87 49.39 -12.97
N ARG A 328 5.62 48.97 -11.94
CA ARG A 328 7.04 48.73 -12.07
C ARG A 328 7.42 47.25 -12.01
N SER A 329 6.49 46.37 -11.67
CA SER A 329 6.81 44.95 -11.54
C SER A 329 6.06 44.12 -12.56
N THR A 330 6.13 44.52 -13.84
CA THR A 330 5.48 43.76 -14.89
C THR A 330 6.20 42.46 -15.20
N GLU A 331 7.47 42.32 -14.79
CA GLU A 331 8.22 41.11 -15.06
C GLU A 331 7.77 39.93 -14.21
N GLN A 332 7.21 40.20 -13.03
CA GLN A 332 6.80 39.15 -12.12
C GLN A 332 5.42 38.58 -12.42
N GLY A 333 4.65 39.24 -13.28
CA GLY A 333 3.30 38.80 -13.61
C GLY A 333 2.22 39.81 -13.28
N MET A 334 2.55 40.94 -12.67
CA MET A 334 1.55 41.95 -12.35
C MET A 334 1.29 42.85 -13.54
N GLN A 335 0.11 43.48 -13.54
CA GLN A 335 -0.26 44.46 -14.56
C GLN A 335 -1.48 45.24 -14.08
N THR A 336 -1.44 46.54 -14.30
CA THR A 336 -2.60 47.38 -14.01
C THR A 336 -3.62 47.26 -15.15
N PHE A 337 -4.73 47.99 -15.02
CA PHE A 337 -5.68 48.06 -16.12
C PHE A 337 -5.10 48.82 -17.31
N ASP A 338 -4.24 49.80 -17.04
CA ASP A 338 -3.62 50.55 -18.13
C ASP A 338 -2.56 49.73 -18.86
N GLN A 339 -1.88 48.83 -18.14
CA GLN A 339 -0.89 47.96 -18.78
C GLN A 339 -1.57 46.84 -19.55
N ALA A 340 -2.68 46.30 -19.03
CA ALA A 340 -3.41 45.27 -19.75
C ALA A 340 -4.08 45.84 -20.99
N LEU A 341 -4.70 47.03 -20.86
CA LEU A 341 -5.27 47.69 -22.03
C LEU A 341 -4.19 48.05 -23.05
N TYR A 342 -2.98 48.35 -22.56
CA TYR A 342 -1.87 48.60 -23.48
C TYR A 342 -1.46 47.32 -24.20
N GLN A 343 -1.54 46.18 -23.52
CA GLN A 343 -1.17 44.91 -24.16
C GLN A 343 -2.23 44.46 -25.15
N LEU A 344 -3.48 44.87 -24.96
CA LEU A 344 -4.56 44.50 -25.87
C LEU A 344 -4.69 45.45 -27.04
N TYR A 345 -4.39 46.73 -26.84
CA TYR A 345 -4.45 47.68 -27.95
C TYR A 345 -3.32 47.45 -28.95
N THR A 346 -2.15 47.04 -28.46
CA THR A 346 -1.05 46.72 -29.36
C THR A 346 -1.32 45.42 -30.13
N GLN A 347 -2.11 44.51 -29.55
CA GLN A 347 -2.50 43.30 -30.23
C GLN A 347 -3.60 43.53 -31.26
N GLY A 348 -4.21 44.71 -31.29
CA GLY A 348 -5.29 44.99 -32.20
C GLY A 348 -6.65 44.52 -31.73
N GLU A 349 -6.77 44.05 -30.48
CA GLU A 349 -8.04 43.56 -29.96
C GLU A 349 -8.93 44.68 -29.42
N ILE A 350 -8.49 45.93 -29.50
CA ILE A 350 -9.30 47.06 -29.03
C ILE A 350 -8.83 48.30 -29.76
N THR A 351 -9.75 49.22 -30.00
CA THR A 351 -9.42 50.45 -30.71
C THR A 351 -8.65 51.40 -29.80
N TYR A 352 -8.22 52.52 -30.39
CA TYR A 352 -7.51 53.54 -29.62
C TYR A 352 -8.48 54.33 -28.75
N GLU A 353 -9.70 54.57 -29.24
CA GLU A 353 -10.69 55.29 -28.46
C GLU A 353 -11.19 54.46 -27.29
N ASP A 354 -11.32 53.14 -27.47
CA ASP A 354 -11.79 52.28 -26.39
C ASP A 354 -10.75 52.14 -25.29
N ALA A 355 -9.47 52.30 -25.62
CA ALA A 355 -8.41 52.18 -24.62
C ALA A 355 -8.36 53.39 -23.71
N LEU A 356 -8.47 54.60 -24.28
CA LEU A 356 -8.42 55.81 -23.47
C LEU A 356 -9.69 55.99 -22.65
N ALA A 357 -10.82 55.48 -23.13
CA ALA A 357 -12.08 55.61 -22.39
C ALA A 357 -12.16 54.63 -21.23
N HIS A 358 -11.50 53.47 -21.35
CA HIS A 358 -11.53 52.45 -20.31
C HIS A 358 -10.29 52.49 -19.41
N ALA A 359 -9.35 53.39 -19.68
CA ALA A 359 -8.13 53.44 -18.90
C ALA A 359 -8.39 54.03 -17.52
N ASP A 360 -7.67 53.53 -16.52
CA ASP A 360 -7.70 54.14 -15.20
C ASP A 360 -7.16 55.56 -15.25
N SER A 361 -6.23 55.84 -16.16
CA SER A 361 -5.71 57.18 -16.38
C SER A 361 -5.58 57.38 -17.88
N ALA A 362 -6.44 58.21 -18.47
CA ALA A 362 -6.43 58.41 -19.91
C ALA A 362 -5.16 59.13 -20.37
N ASN A 363 -4.47 59.84 -19.48
CA ASN A 363 -3.21 60.48 -19.83
C ASN A 363 -2.02 59.56 -19.67
N ASP A 364 -2.06 58.64 -18.69
CA ASP A 364 -0.98 57.68 -18.54
C ASP A 364 -1.04 56.62 -19.65
N LEU A 365 -2.23 56.14 -19.96
CA LEU A 365 -2.37 55.19 -21.07
C LEU A 365 -1.99 55.83 -22.39
N ARG A 366 -2.37 57.09 -22.59
CA ARG A 366 -1.91 57.81 -23.77
C ARG A 366 -0.40 58.00 -23.75
N LEU A 367 0.19 58.12 -22.56
CA LEU A 367 1.64 58.18 -22.46
C LEU A 367 2.28 56.80 -22.58
N MET A 368 1.59 55.76 -22.10
CA MET A 368 2.11 54.40 -22.24
C MET A 368 2.09 53.95 -23.69
N ILE A 369 1.04 54.33 -24.44
CA ILE A 369 0.94 53.92 -25.83
C ILE A 369 1.92 54.70 -26.70
N LYS A 370 2.11 55.99 -26.40
CA LYS A 370 3.03 56.81 -27.19
C LYS A 370 4.49 56.47 -26.92
N LEU A 371 4.79 55.79 -25.81
CA LEU A 371 6.16 55.46 -25.47
C LEU A 371 6.66 54.24 -26.22
N MET B 21 -6.25 -60.75 -31.63
CA MET B 21 -5.68 -59.89 -30.61
C MET B 21 -6.72 -59.58 -29.52
N GLU B 22 -7.17 -60.63 -28.82
CA GLU B 22 -8.17 -60.44 -27.77
C GLU B 22 -7.65 -59.55 -26.66
N PHE B 23 -6.33 -59.54 -26.41
CA PHE B 23 -5.79 -58.62 -25.42
C PHE B 23 -5.87 -57.19 -25.92
N GLU B 24 -5.47 -56.96 -27.16
CA GLU B 24 -5.53 -55.61 -27.73
C GLU B 24 -6.97 -55.12 -27.86
N LYS B 25 -7.92 -56.05 -28.04
CA LYS B 25 -9.32 -55.65 -28.10
C LYS B 25 -9.83 -55.18 -26.74
N LEU B 26 -9.37 -55.83 -25.67
CA LEU B 26 -9.77 -55.41 -24.32
C LEU B 26 -9.27 -54.01 -23.99
N LEU B 27 -8.13 -53.62 -24.56
CA LEU B 27 -7.61 -52.27 -24.31
C LEU B 27 -8.43 -51.22 -25.04
N ARG B 28 -8.85 -51.51 -26.29
CA ARG B 28 -9.67 -50.56 -27.03
C ARG B 28 -11.03 -50.37 -26.38
N LEU B 29 -11.59 -51.44 -25.81
CA LEU B 29 -12.87 -51.32 -25.13
C LEU B 29 -12.76 -50.43 -23.90
N MET B 30 -11.65 -50.52 -23.18
CA MET B 30 -11.45 -49.67 -22.01
C MET B 30 -11.31 -48.20 -22.40
N VAL B 31 -10.63 -47.93 -23.52
CA VAL B 31 -10.46 -46.55 -23.97
C VAL B 31 -11.77 -46.02 -24.54
N GLU B 32 -12.52 -46.86 -25.26
CA GLU B 32 -13.78 -46.43 -25.84
C GLU B 32 -14.85 -46.24 -24.77
N LYS B 33 -14.78 -47.01 -23.68
CA LYS B 33 -15.74 -46.90 -22.59
C LYS B 33 -15.22 -46.03 -21.44
N GLY B 34 -14.00 -45.54 -21.53
CA GLY B 34 -13.46 -44.66 -20.50
C GLY B 34 -13.23 -45.32 -19.16
N GLY B 35 -12.77 -46.58 -19.17
CA GLY B 35 -12.52 -47.27 -17.92
C GLY B 35 -11.30 -46.69 -17.21
N SER B 36 -11.39 -46.64 -15.87
CA SER B 36 -10.29 -46.11 -15.08
C SER B 36 -9.22 -47.17 -14.84
N ASP B 37 -9.62 -48.42 -14.65
CA ASP B 37 -8.68 -49.50 -14.35
C ASP B 37 -9.24 -50.82 -14.85
N LEU B 38 -8.36 -51.66 -15.38
CA LEU B 38 -8.71 -53.00 -15.83
C LEU B 38 -8.10 -54.03 -14.88
N PHE B 39 -8.87 -55.07 -14.58
CA PHE B 39 -8.49 -56.08 -13.60
C PHE B 39 -8.35 -57.43 -14.28
N ILE B 40 -7.19 -58.05 -14.11
CA ILE B 40 -6.88 -59.35 -14.70
C ILE B 40 -6.37 -60.23 -13.58
N THR B 41 -7.23 -61.11 -13.06
CA THR B 41 -6.86 -62.03 -12.00
C THR B 41 -7.71 -63.28 -12.11
N ALA B 42 -7.21 -64.37 -11.53
CA ALA B 42 -7.93 -65.63 -11.57
C ALA B 42 -9.13 -65.60 -10.62
N GLY B 43 -10.18 -66.31 -11.01
CA GLY B 43 -11.39 -66.41 -10.21
C GLY B 43 -12.46 -65.41 -10.57
N VAL B 44 -12.16 -64.39 -11.37
CA VAL B 44 -13.15 -63.39 -11.75
C VAL B 44 -12.98 -63.05 -13.22
N PRO B 45 -14.08 -62.73 -13.90
CA PRO B 45 -14.00 -62.34 -15.30
C PRO B 45 -13.19 -61.06 -15.45
N PRO B 46 -12.63 -60.80 -16.63
CA PRO B 46 -11.98 -59.52 -16.87
C PRO B 46 -12.92 -58.35 -16.59
N SER B 47 -12.63 -57.59 -15.54
CA SER B 47 -13.50 -56.50 -15.10
C SER B 47 -12.75 -55.18 -15.18
N MET B 48 -13.50 -54.12 -15.48
CA MET B 48 -12.96 -52.77 -15.55
C MET B 48 -13.73 -51.86 -14.61
N LYS B 49 -13.01 -50.93 -13.97
CA LYS B 49 -13.60 -49.96 -13.07
C LYS B 49 -13.99 -48.73 -13.89
N VAL B 50 -15.25 -48.65 -14.27
CA VAL B 50 -15.77 -47.52 -15.03
C VAL B 50 -16.57 -46.64 -14.08
N ASN B 51 -16.12 -45.38 -13.92
CA ASN B 51 -16.75 -44.42 -13.02
C ASN B 51 -16.78 -44.93 -11.58
N GLY B 52 -15.78 -45.71 -11.19
CA GLY B 52 -15.67 -46.22 -9.84
C GLY B 52 -16.42 -47.51 -9.58
N ARG B 53 -17.09 -48.08 -10.58
CA ARG B 53 -17.86 -49.31 -10.42
C ARG B 53 -17.17 -50.44 -11.17
N VAL B 54 -16.72 -51.46 -10.43
CA VAL B 54 -16.11 -52.62 -11.04
C VAL B 54 -17.21 -53.41 -11.77
N MET B 55 -17.03 -53.57 -13.08
CA MET B 55 -18.03 -54.23 -13.91
C MET B 55 -17.34 -55.29 -14.78
N PRO B 56 -17.87 -56.50 -14.85
CA PRO B 56 -17.25 -57.53 -15.70
C PRO B 56 -17.44 -57.22 -17.18
N VAL B 57 -16.40 -57.49 -17.95
CA VAL B 57 -16.45 -57.26 -19.40
C VAL B 57 -17.01 -58.46 -20.13
N THR B 58 -16.48 -59.65 -19.85
CA THR B 58 -16.98 -60.88 -20.44
C THR B 58 -17.80 -61.65 -19.41
N LYS B 59 -18.32 -62.81 -19.83
CA LYS B 59 -19.12 -63.65 -18.95
C LYS B 59 -18.35 -64.82 -18.37
N THR B 60 -17.16 -65.14 -18.90
CA THR B 60 -16.39 -66.28 -18.45
C THR B 60 -15.22 -65.82 -17.59
N PRO B 61 -15.09 -66.34 -16.37
CA PRO B 61 -13.93 -65.99 -15.54
C PRO B 61 -12.65 -66.55 -16.12
N LEU B 62 -11.53 -65.95 -15.70
CA LEU B 62 -10.22 -66.35 -16.18
C LEU B 62 -9.64 -67.47 -15.34
N SER B 63 -9.02 -68.45 -16.00
CA SER B 63 -8.40 -69.56 -15.34
C SER B 63 -7.01 -69.18 -14.85
N PRO B 64 -6.44 -69.94 -13.90
CA PRO B 64 -5.06 -69.65 -13.47
C PRO B 64 -4.06 -69.75 -14.61
N GLU B 65 -4.26 -70.68 -15.56
CA GLU B 65 -3.36 -70.79 -16.69
C GLU B 65 -3.54 -69.62 -17.66
N GLN B 66 -4.78 -69.20 -17.89
CA GLN B 66 -5.03 -68.06 -18.77
C GLN B 66 -4.54 -66.76 -18.12
N THR B 67 -4.69 -66.63 -16.81
CA THR B 67 -4.18 -65.45 -16.13
C THR B 67 -2.65 -65.46 -16.11
N ARG B 68 -2.05 -66.63 -15.92
CA ARG B 68 -0.59 -66.71 -15.98
C ARG B 68 -0.08 -66.50 -17.40
N GLU B 69 -0.87 -66.89 -18.41
CA GLU B 69 -0.47 -66.68 -19.79
C GLU B 69 -0.68 -65.23 -20.23
N THR B 70 -1.67 -64.55 -19.65
CA THR B 70 -1.93 -63.16 -20.02
C THR B 70 -0.99 -62.20 -19.31
N VAL B 71 -0.68 -62.47 -18.04
CA VAL B 71 0.21 -61.57 -17.29
C VAL B 71 1.63 -61.67 -17.80
N LEU B 72 2.14 -62.90 -17.94
CA LEU B 72 3.50 -63.09 -18.42
C LEU B 72 3.66 -62.71 -19.89
N GLY B 73 2.57 -62.74 -20.66
CA GLY B 73 2.64 -62.39 -22.06
C GLY B 73 2.92 -60.93 -22.33
N VAL B 74 2.65 -60.05 -21.35
CA VAL B 74 2.92 -58.63 -21.51
C VAL B 74 4.37 -58.27 -21.14
N MET B 75 5.04 -59.11 -20.37
CA MET B 75 6.41 -58.86 -19.96
C MET B 75 7.39 -59.37 -21.00
N ASN B 76 8.59 -58.79 -20.99
CA ASN B 76 9.69 -59.30 -21.80
C ASN B 76 10.44 -60.36 -21.00
N GLU B 77 11.57 -60.84 -21.54
CA GLU B 77 12.29 -61.92 -20.88
C GLU B 77 12.89 -61.47 -19.55
N GLN B 78 13.28 -60.19 -19.45
CA GLN B 78 13.85 -59.71 -18.20
C GLN B 78 12.78 -59.40 -17.16
N GLN B 79 11.65 -58.82 -17.58
CA GLN B 79 10.57 -58.55 -16.66
C GLN B 79 9.96 -59.85 -16.12
N ARG B 80 9.96 -60.91 -16.93
CA ARG B 80 9.51 -62.21 -16.46
C ARG B 80 10.47 -62.78 -15.42
N ARG B 81 11.75 -62.42 -15.48
CA ARG B 81 12.72 -62.89 -14.50
C ARG B 81 12.59 -62.15 -13.18
N ASP B 82 12.41 -60.83 -13.24
CA ASP B 82 12.20 -60.06 -12.01
C ASP B 82 10.88 -60.41 -11.34
N PHE B 83 9.87 -60.77 -12.14
CA PHE B 83 8.57 -61.12 -11.57
C PHE B 83 8.62 -62.46 -10.86
N ALA B 84 9.39 -63.41 -11.38
CA ALA B 84 9.50 -64.72 -10.75
C ALA B 84 10.36 -64.69 -9.50
N GLU B 85 11.32 -63.77 -9.42
CA GLU B 85 12.22 -63.69 -8.27
C GLU B 85 11.64 -62.84 -7.13
N ASN B 86 11.03 -61.71 -7.46
CA ASN B 86 10.52 -60.79 -6.45
C ASN B 86 9.02 -60.95 -6.20
N HIS B 87 8.35 -61.82 -6.96
CA HIS B 87 6.91 -62.06 -6.85
C HIS B 87 6.09 -60.81 -7.18
N GLU B 88 6.76 -59.73 -7.60
CA GLU B 88 6.09 -58.50 -7.97
C GLU B 88 6.86 -57.85 -9.10
N CYS B 89 6.15 -57.04 -9.90
CA CYS B 89 6.78 -56.31 -11.00
C CYS B 89 5.85 -55.22 -11.46
N ASN B 90 6.33 -53.96 -11.39
CA ASN B 90 5.58 -52.80 -11.87
C ASN B 90 6.29 -52.23 -13.08
N PHE B 91 5.55 -52.01 -14.16
CA PHE B 91 6.14 -51.52 -15.40
C PHE B 91 5.08 -50.74 -16.17
N ALA B 92 5.49 -50.23 -17.34
CA ALA B 92 4.60 -49.48 -18.22
C ALA B 92 4.76 -50.00 -19.65
N ILE B 93 3.71 -49.82 -20.44
CA ILE B 93 3.68 -50.31 -21.82
C ILE B 93 3.12 -49.22 -22.73
N SER B 94 3.36 -49.40 -24.03
CA SER B 94 2.90 -48.47 -25.05
C SER B 94 2.28 -49.28 -26.20
N ALA B 95 0.97 -49.15 -26.36
CA ALA B 95 0.24 -49.83 -27.43
C ALA B 95 0.08 -48.86 -28.60
N ARG B 96 0.54 -49.27 -29.78
CA ARG B 96 0.51 -48.41 -30.95
C ARG B 96 -0.94 -48.17 -31.38
N GLY B 97 -1.34 -46.90 -31.41
CA GLY B 97 -2.65 -46.52 -31.87
C GLY B 97 -3.74 -46.48 -30.81
N ILE B 98 -3.48 -47.00 -29.62
CA ILE B 98 -4.45 -47.04 -28.53
C ILE B 98 -4.09 -46.04 -27.43
N GLY B 99 -2.91 -46.16 -26.86
CA GLY B 99 -2.47 -45.29 -25.79
C GLY B 99 -1.45 -45.99 -24.92
N ARG B 100 -1.30 -45.47 -23.71
CA ARG B 100 -0.38 -46.02 -22.72
C ARG B 100 -1.13 -46.36 -21.44
N PHE B 101 -0.61 -47.34 -20.72
CA PHE B 101 -1.23 -47.79 -19.47
C PHE B 101 -0.15 -48.34 -18.55
N ARG B 102 -0.32 -48.10 -17.25
CA ARG B 102 0.61 -48.58 -16.23
C ARG B 102 0.06 -49.85 -15.59
N VAL B 103 0.91 -50.85 -15.43
CA VAL B 103 0.51 -52.15 -14.92
C VAL B 103 1.17 -52.39 -13.57
N SER B 104 0.45 -53.06 -12.67
CA SER B 104 0.96 -53.46 -11.36
C SER B 104 0.67 -54.95 -11.20
N ALA B 105 1.64 -55.78 -11.55
CA ALA B 105 1.51 -57.23 -11.44
C ALA B 105 1.89 -57.68 -10.03
N PHE B 106 1.35 -58.82 -9.63
CA PHE B 106 1.50 -59.28 -8.26
C PHE B 106 1.13 -60.76 -8.19
N TYR B 107 1.72 -61.45 -7.21
CA TYR B 107 1.24 -62.76 -6.82
C TYR B 107 0.09 -62.59 -5.84
N GLN B 108 -0.90 -63.48 -5.95
CA GLN B 108 -2.04 -63.49 -5.03
C GLN B 108 -2.51 -64.92 -4.87
N ARG B 109 -2.45 -65.43 -3.64
CA ARG B 109 -2.77 -66.82 -3.35
C ARG B 109 -1.96 -67.77 -4.24
N ASN B 110 -0.68 -67.44 -4.41
CA ASN B 110 0.23 -68.19 -5.27
C ASN B 110 -0.27 -68.25 -6.72
N LEU B 111 -0.95 -67.19 -7.16
CA LEU B 111 -1.46 -67.11 -8.53
C LEU B 111 -1.19 -65.71 -9.06
N VAL B 112 -1.05 -65.62 -10.38
CA VAL B 112 -0.68 -64.35 -11.03
C VAL B 112 -1.90 -63.44 -11.10
N GLY B 113 -1.63 -62.14 -11.08
CA GLY B 113 -2.68 -61.14 -11.20
C GLY B 113 -2.08 -59.80 -11.53
N MET B 114 -2.85 -58.97 -12.23
CA MET B 114 -2.35 -57.68 -12.69
C MET B 114 -3.49 -56.68 -12.73
N VAL B 115 -3.17 -55.42 -12.42
CA VAL B 115 -4.11 -54.31 -12.50
C VAL B 115 -3.51 -53.27 -13.42
N LEU B 116 -4.29 -52.85 -14.42
CA LEU B 116 -3.84 -51.89 -15.43
C LEU B 116 -4.58 -50.57 -15.26
N ARG B 117 -3.84 -49.47 -15.26
CA ARG B 117 -4.40 -48.13 -15.12
C ARG B 117 -4.15 -47.36 -16.41
N ARG B 118 -5.22 -46.85 -17.01
CA ARG B 118 -5.09 -46.07 -18.24
C ARG B 118 -4.67 -44.64 -17.93
N ILE B 119 -3.81 -44.09 -18.77
CA ILE B 119 -3.32 -42.73 -18.63
C ILE B 119 -4.02 -41.84 -19.64
N GLU B 120 -4.46 -40.67 -19.19
CA GLU B 120 -5.15 -39.72 -20.07
C GLU B 120 -4.12 -38.95 -20.89
N THR B 121 -4.36 -38.86 -22.20
CA THR B 121 -3.40 -38.27 -23.14
C THR B 121 -3.73 -36.84 -23.52
N ASN B 122 -4.99 -36.57 -23.89
CA ASN B 122 -5.39 -35.23 -24.26
C ASN B 122 -5.25 -34.29 -23.06
N ILE B 123 -4.32 -33.34 -23.13
CA ILE B 123 -4.14 -32.41 -22.03
C ILE B 123 -5.39 -31.54 -21.94
N PRO B 124 -6.03 -31.47 -20.79
CA PRO B 124 -7.05 -30.43 -20.60
C PRO B 124 -6.37 -29.08 -20.48
N THR B 125 -7.02 -28.06 -21.02
CA THR B 125 -6.51 -26.71 -20.88
C THR B 125 -7.15 -26.04 -19.67
N LEU B 126 -6.56 -24.91 -19.25
CA LEU B 126 -7.19 -24.19 -18.15
C LEU B 126 -8.57 -23.68 -18.54
N GLU B 127 -8.76 -23.33 -19.82
CA GLU B 127 -10.06 -22.87 -20.28
C GLU B 127 -11.05 -24.02 -20.37
N GLU B 128 -10.59 -25.20 -20.82
CA GLU B 128 -11.47 -26.36 -20.89
C GLU B 128 -11.96 -26.77 -19.51
N LEU B 129 -11.14 -26.60 -18.48
CA LEU B 129 -11.56 -26.86 -17.11
C LEU B 129 -12.34 -25.69 -16.51
N LYS B 130 -12.43 -24.56 -17.23
CA LYS B 130 -13.16 -23.39 -16.76
C LYS B 130 -12.62 -22.88 -15.43
N LEU B 131 -11.30 -22.87 -15.29
CA LEU B 131 -10.64 -22.40 -14.08
C LEU B 131 -10.51 -20.88 -14.09
N PRO B 132 -10.43 -20.25 -12.92
CA PRO B 132 -10.31 -18.80 -12.86
C PRO B 132 -8.99 -18.31 -13.47
N GLU B 133 -9.02 -17.07 -13.94
CA GLU B 133 -7.87 -16.50 -14.63
C GLU B 133 -6.68 -16.24 -13.71
N ILE B 134 -6.90 -16.20 -12.40
CA ILE B 134 -5.79 -16.04 -11.47
C ILE B 134 -4.83 -17.23 -11.56
N LEU B 135 -5.32 -18.39 -12.01
CA LEU B 135 -4.44 -19.53 -12.20
C LEU B 135 -3.45 -19.29 -13.33
N LYS B 136 -3.89 -18.58 -14.39
CA LYS B 136 -2.98 -18.28 -15.50
C LYS B 136 -1.82 -17.40 -15.05
N LYS B 137 -2.11 -16.36 -14.26
CA LYS B 137 -1.06 -15.53 -13.72
C LYS B 137 -0.15 -16.32 -12.79
N LEU B 138 -0.73 -17.26 -12.03
CA LEU B 138 0.08 -18.12 -11.17
C LEU B 138 0.92 -19.10 -11.99
N ALA B 139 0.39 -19.56 -13.13
CA ALA B 139 1.13 -20.50 -13.95
C ALA B 139 2.38 -19.87 -14.56
N LEU B 140 2.33 -18.58 -14.86
CA LEU B 140 3.46 -17.87 -15.46
C LEU B 140 4.39 -17.25 -14.41
N THR B 141 4.15 -17.52 -13.13
CA THR B 141 5.02 -16.99 -12.08
C THR B 141 6.42 -17.56 -12.21
N LYS B 142 7.40 -16.76 -11.80
CA LYS B 142 8.81 -17.14 -11.95
C LYS B 142 9.33 -17.91 -10.74
N ARG B 143 8.97 -17.49 -9.53
CA ARG B 143 9.46 -18.14 -8.32
C ARG B 143 8.38 -18.09 -7.25
N GLY B 144 8.39 -19.08 -6.37
CA GLY B 144 7.41 -19.16 -5.30
C GLY B 144 6.87 -20.57 -5.10
N LEU B 145 5.98 -20.73 -4.13
CA LEU B 145 5.40 -22.03 -3.80
C LEU B 145 3.89 -21.96 -4.00
N VAL B 146 3.38 -22.84 -4.86
CA VAL B 146 1.94 -22.97 -5.10
C VAL B 146 1.52 -24.36 -4.67
N ILE B 147 0.43 -24.43 -3.90
CA ILE B 147 -0.02 -25.69 -3.30
C ILE B 147 -1.45 -25.96 -3.75
N PHE B 148 -1.69 -27.17 -4.27
CA PHE B 148 -3.02 -27.63 -4.65
C PHE B 148 -3.55 -28.49 -3.51
N VAL B 149 -4.58 -28.02 -2.83
CA VAL B 149 -5.21 -28.75 -1.75
C VAL B 149 -6.58 -29.26 -2.21
N GLY B 150 -7.07 -30.27 -1.52
CA GLY B 150 -8.34 -30.87 -1.84
C GLY B 150 -8.40 -32.31 -1.38
N ALA B 151 -9.61 -32.83 -1.29
CA ALA B 151 -9.82 -34.23 -0.90
C ALA B 151 -9.37 -35.16 -2.03
N THR B 152 -9.51 -36.46 -1.79
CA THR B 152 -9.09 -37.44 -2.77
C THR B 152 -9.99 -37.38 -3.99
N GLY B 153 -9.37 -37.21 -5.17
CA GLY B 153 -10.13 -37.20 -6.41
C GLY B 153 -10.88 -35.92 -6.69
N THR B 154 -10.46 -34.79 -6.12
CA THR B 154 -11.08 -33.51 -6.39
C THR B 154 -10.52 -32.84 -7.64
N GLY B 155 -9.77 -33.57 -8.46
CA GLY B 155 -9.20 -32.98 -9.66
C GLY B 155 -7.94 -32.18 -9.42
N LYS B 156 -7.22 -32.44 -8.32
CA LYS B 156 -5.99 -31.70 -8.04
C LYS B 156 -4.95 -31.95 -9.13
N SER B 157 -4.64 -33.22 -9.40
CA SER B 157 -3.66 -33.55 -10.42
C SER B 157 -4.15 -33.21 -11.82
N THR B 158 -5.46 -33.29 -12.04
CA THR B 158 -6.02 -32.96 -13.35
C THR B 158 -5.87 -31.48 -13.64
N SER B 159 -6.25 -30.62 -12.69
CA SER B 159 -6.09 -29.19 -12.88
C SER B 159 -4.62 -28.77 -12.89
N LEU B 160 -3.79 -29.48 -12.13
CA LEU B 160 -2.36 -29.15 -12.12
C LEU B 160 -1.71 -29.47 -13.46
N ALA B 161 -2.01 -30.63 -14.03
CA ALA B 161 -1.48 -30.98 -15.34
C ALA B 161 -1.99 -30.01 -16.41
N ALA B 162 -3.25 -29.59 -16.28
CA ALA B 162 -3.77 -28.57 -17.18
C ALA B 162 -3.02 -27.26 -17.01
N MET B 163 -2.72 -26.88 -15.76
CA MET B 163 -1.92 -25.70 -15.52
C MET B 163 -0.47 -25.90 -15.95
N ILE B 164 0.05 -27.13 -15.83
CA ILE B 164 1.40 -27.42 -16.28
C ILE B 164 1.50 -27.26 -17.79
N GLY B 165 0.45 -27.65 -18.52
CA GLY B 165 0.45 -27.45 -19.96
C GLY B 165 0.40 -25.99 -20.36
N TYR B 166 -0.16 -25.15 -19.50
CA TYR B 166 -0.20 -23.71 -19.79
C TYR B 166 1.20 -23.11 -19.70
N ARG B 167 1.93 -23.40 -18.62
CA ARG B 167 3.30 -22.90 -18.49
C ARG B 167 4.21 -23.54 -19.52
N ASN B 168 3.99 -24.82 -19.83
CA ASN B 168 4.81 -25.50 -20.83
C ASN B 168 4.64 -24.88 -22.21
N LYS B 169 3.45 -24.37 -22.52
CA LYS B 169 3.18 -23.81 -23.84
C LYS B 169 3.43 -22.31 -23.93
N ASN B 170 3.47 -21.60 -22.80
CA ASN B 170 3.55 -20.14 -22.81
C ASN B 170 4.89 -19.61 -22.31
N SER B 171 5.86 -20.46 -22.02
CA SER B 171 7.15 -20.00 -21.54
C SER B 171 8.24 -20.92 -22.05
N THR B 172 9.49 -20.49 -21.88
CA THR B 172 10.66 -21.27 -22.27
C THR B 172 11.48 -21.57 -21.02
N GLY B 173 11.91 -22.82 -20.89
CA GLY B 173 12.70 -23.21 -19.73
C GLY B 173 12.71 -24.73 -19.58
N HIS B 174 12.87 -25.16 -18.33
CA HIS B 174 12.92 -26.58 -17.99
C HIS B 174 11.98 -26.85 -16.83
N ILE B 175 11.07 -27.80 -17.02
CA ILE B 175 10.14 -28.23 -16.00
C ILE B 175 10.55 -29.63 -15.54
N ILE B 176 10.72 -29.79 -14.22
CA ILE B 176 11.08 -31.07 -13.62
C ILE B 176 9.90 -31.56 -12.80
N SER B 177 9.47 -32.79 -13.05
CA SER B 177 8.29 -33.37 -12.43
C SER B 177 8.66 -34.63 -11.67
N ILE B 178 8.20 -34.74 -10.44
CA ILE B 178 8.37 -35.93 -9.61
C ILE B 178 6.99 -36.35 -9.14
N GLU B 179 6.48 -37.45 -9.68
CA GLU B 179 5.12 -37.90 -9.41
C GLU B 179 5.14 -39.34 -8.94
N ASP B 180 4.08 -39.71 -8.22
CA ASP B 180 3.92 -41.08 -7.72
C ASP B 180 2.44 -41.42 -7.69
N PRO B 181 1.89 -41.90 -8.81
CA PRO B 181 2.54 -42.11 -10.11
C PRO B 181 2.40 -40.89 -11.02
N ILE B 182 2.95 -40.94 -12.23
CA ILE B 182 2.73 -39.90 -13.22
C ILE B 182 1.32 -40.07 -13.79
N GLU B 183 0.48 -39.06 -13.61
CA GLU B 183 -0.90 -39.13 -14.07
C GLU B 183 -1.08 -38.60 -15.48
N TYR B 184 -0.32 -37.58 -15.86
CA TYR B 184 -0.38 -37.02 -17.20
C TYR B 184 1.04 -36.82 -17.73
N ILE B 185 1.23 -37.17 -19.00
CA ILE B 185 2.52 -37.04 -19.67
C ILE B 185 2.44 -35.86 -20.62
N HIS B 186 3.20 -34.80 -20.32
CA HIS B 186 3.19 -33.60 -21.15
C HIS B 186 4.31 -33.67 -22.18
N GLN B 187 3.95 -33.44 -23.44
CA GLN B 187 4.95 -33.39 -24.50
C GLN B 187 5.75 -32.10 -24.41
N HIS B 188 6.96 -32.14 -24.95
CA HIS B 188 7.84 -30.97 -24.93
C HIS B 188 7.26 -29.84 -25.76
N GLN B 189 6.86 -28.76 -25.10
CA GLN B 189 6.34 -27.57 -25.76
C GLN B 189 7.37 -26.45 -25.60
N GLY B 190 7.00 -25.26 -25.13
CA GLY B 190 7.98 -24.19 -25.00
C GLY B 190 9.05 -24.50 -23.97
N CYS B 191 8.68 -25.19 -22.89
CA CYS B 191 9.62 -25.58 -21.85
C CYS B 191 9.99 -27.05 -21.99
N ILE B 192 11.22 -27.38 -21.57
CA ILE B 192 11.65 -28.77 -21.52
C ILE B 192 10.94 -29.45 -20.36
N VAL B 193 10.31 -30.59 -20.62
CA VAL B 193 9.47 -31.28 -19.66
C VAL B 193 10.14 -32.61 -19.33
N THR B 194 10.61 -32.76 -18.09
CA THR B 194 11.21 -33.99 -17.60
C THR B 194 10.29 -34.59 -16.56
N GLN B 195 9.60 -35.67 -16.92
CA GLN B 195 8.67 -36.35 -16.03
C GLN B 195 9.34 -37.60 -15.47
N ARG B 196 9.46 -37.65 -14.15
CA ARG B 196 10.06 -38.78 -13.45
C ARG B 196 9.06 -39.35 -12.47
N GLU B 197 8.88 -40.67 -12.49
CA GLU B 197 7.93 -41.36 -11.64
C GLU B 197 8.68 -42.11 -10.54
N VAL B 198 8.20 -41.98 -9.30
CA VAL B 198 8.82 -42.69 -8.18
C VAL B 198 8.61 -44.18 -8.35
N GLY B 199 9.70 -44.95 -8.17
CA GLY B 199 9.65 -46.38 -8.34
C GLY B 199 10.07 -46.88 -9.71
N LEU B 200 10.23 -45.98 -10.68
CA LEU B 200 10.66 -46.36 -12.02
C LEU B 200 11.82 -45.49 -12.47
N ASP B 201 11.67 -44.17 -12.31
CA ASP B 201 12.70 -43.23 -12.68
C ASP B 201 13.53 -42.74 -11.50
N THR B 202 13.03 -42.94 -10.28
CA THR B 202 13.76 -42.57 -9.07
C THR B 202 13.34 -43.52 -7.95
N ASP B 203 14.23 -43.67 -6.97
CA ASP B 203 13.95 -44.57 -5.86
C ASP B 203 12.92 -43.99 -4.89
N SER B 204 12.92 -42.68 -4.71
CA SER B 204 12.00 -42.05 -3.76
C SER B 204 11.81 -40.59 -4.16
N PHE B 205 10.83 -39.95 -3.49
CA PHE B 205 10.63 -38.51 -3.67
C PHE B 205 11.84 -37.72 -3.20
N GLU B 206 12.43 -38.12 -2.07
CA GLU B 206 13.54 -37.36 -1.49
C GLU B 206 14.77 -37.42 -2.38
N VAL B 207 15.07 -38.59 -2.97
CA VAL B 207 16.24 -38.71 -3.83
C VAL B 207 16.07 -37.88 -5.09
N ALA B 208 14.85 -37.87 -5.67
CA ALA B 208 14.62 -37.11 -6.89
C ALA B 208 14.71 -35.62 -6.63
N LEU B 209 14.07 -35.15 -5.55
CA LEU B 209 14.13 -33.72 -5.22
C LEU B 209 15.54 -33.29 -4.85
N LYS B 210 16.33 -34.19 -4.29
CA LYS B 210 17.72 -33.85 -3.96
C LYS B 210 18.53 -33.60 -5.22
N ASN B 211 18.29 -34.36 -6.28
CA ASN B 211 18.98 -34.17 -7.55
C ASN B 211 18.28 -33.18 -8.47
N THR B 212 17.03 -32.80 -8.17
CA THR B 212 16.32 -31.86 -9.03
C THR B 212 17.01 -30.51 -9.09
N LEU B 213 17.70 -30.12 -8.02
CA LEU B 213 18.38 -28.83 -8.00
C LEU B 213 19.56 -28.80 -8.96
N ARG B 214 20.27 -29.92 -9.08
CA ARG B 214 21.45 -29.98 -9.94
C ARG B 214 21.10 -30.23 -11.41
N GLN B 215 19.82 -30.31 -11.75
CA GLN B 215 19.38 -30.52 -13.13
C GLN B 215 18.94 -29.23 -13.80
N ALA B 216 19.28 -28.08 -13.21
CA ALA B 216 18.96 -26.77 -13.76
C ALA B 216 17.50 -26.61 -14.17
N PRO B 217 16.57 -26.75 -13.23
CA PRO B 217 15.16 -26.52 -13.57
C PRO B 217 14.81 -25.05 -13.46
N ASP B 218 13.66 -24.71 -14.03
CA ASP B 218 13.04 -23.41 -13.83
C ASP B 218 11.72 -23.52 -13.09
N VAL B 219 11.04 -24.65 -13.20
CA VAL B 219 9.86 -24.97 -12.40
C VAL B 219 9.97 -26.41 -11.94
N ILE B 220 9.64 -26.66 -10.68
CA ILE B 220 9.70 -27.99 -10.10
C ILE B 220 8.34 -28.32 -9.52
N MET B 221 7.76 -29.45 -9.94
CA MET B 221 6.46 -29.89 -9.46
C MET B 221 6.65 -31.18 -8.68
N ILE B 222 6.38 -31.11 -7.37
CA ILE B 222 6.37 -32.29 -6.52
C ILE B 222 4.97 -32.89 -6.57
N GLY B 223 4.90 -34.18 -6.91
CA GLY B 223 3.60 -34.83 -7.05
C GLY B 223 2.74 -34.71 -5.81
N GLU B 224 3.33 -34.97 -4.64
CA GLU B 224 2.63 -34.79 -3.38
C GLU B 224 3.67 -34.71 -2.27
N VAL B 225 3.44 -33.78 -1.33
CA VAL B 225 4.27 -33.66 -0.14
C VAL B 225 3.65 -34.54 0.95
N ARG B 226 4.39 -35.59 1.34
CA ARG B 226 3.90 -36.53 2.33
C ARG B 226 4.76 -36.59 3.59
N SER B 227 5.91 -35.93 3.61
CA SER B 227 6.79 -35.94 4.77
C SER B 227 7.45 -34.57 4.91
N ARG B 228 8.18 -34.40 6.02
CA ARG B 228 8.86 -33.13 6.26
C ARG B 228 10.05 -32.95 5.32
N GLU B 229 10.73 -34.03 4.95
CA GLU B 229 11.84 -33.93 4.02
C GLU B 229 11.36 -33.44 2.66
N THR B 230 10.20 -33.90 2.21
CA THR B 230 9.62 -33.38 0.98
C THR B 230 9.23 -31.91 1.13
N MET B 231 8.79 -31.51 2.32
CA MET B 231 8.42 -30.12 2.55
C MET B 231 9.65 -29.21 2.58
N ASP B 232 10.75 -29.70 3.14
CA ASP B 232 11.98 -28.90 3.18
C ASP B 232 12.52 -28.64 1.79
N HIS B 233 12.52 -29.65 0.92
CA HIS B 233 12.99 -29.46 -0.44
C HIS B 233 12.12 -28.47 -1.20
N ALA B 234 10.80 -28.52 -0.98
CA ALA B 234 9.90 -27.58 -1.65
C ALA B 234 10.18 -26.15 -1.21
N VAL B 235 10.48 -25.95 0.07
CA VAL B 235 10.81 -24.61 0.55
C VAL B 235 12.15 -24.16 -0.03
N ALA B 236 13.14 -25.05 -0.04
CA ALA B 236 14.43 -24.69 -0.61
C ALA B 236 14.34 -24.45 -2.11
N PHE B 237 13.43 -25.13 -2.80
CA PHE B 237 13.24 -24.89 -4.23
C PHE B 237 12.79 -23.46 -4.51
N ALA B 238 11.87 -22.95 -3.70
CA ALA B 238 11.36 -21.60 -3.91
C ALA B 238 12.36 -20.53 -3.53
N GLU B 239 13.24 -20.81 -2.56
CA GLU B 239 14.23 -19.83 -2.15
C GLU B 239 15.27 -19.59 -3.24
N THR B 240 15.52 -20.59 -4.09
CA THR B 240 16.53 -20.50 -5.13
C THR B 240 16.00 -19.89 -6.42
N GLY B 241 14.86 -19.20 -6.36
CA GLY B 241 14.33 -18.54 -7.54
C GLY B 241 13.64 -19.45 -8.53
N HIS B 242 13.18 -20.62 -8.10
CA HIS B 242 12.47 -21.55 -8.94
C HIS B 242 11.00 -21.62 -8.52
N LEU B 243 10.14 -21.94 -9.49
CA LEU B 243 8.72 -22.09 -9.23
C LEU B 243 8.44 -23.52 -8.75
N CYS B 244 7.94 -23.65 -7.54
CA CYS B 244 7.68 -24.95 -6.93
C CYS B 244 6.17 -25.16 -6.79
N LEU B 245 5.69 -26.29 -7.32
CA LEU B 245 4.30 -26.67 -7.21
C LEU B 245 4.19 -28.04 -6.55
N ALA B 246 3.13 -28.23 -5.77
CA ALA B 246 2.93 -29.49 -5.06
C ALA B 246 1.47 -29.62 -4.68
N THR B 247 1.06 -30.86 -4.43
CA THR B 247 -0.29 -31.17 -3.99
C THR B 247 -0.25 -31.77 -2.58
N LEU B 248 -1.32 -31.52 -1.83
CA LEU B 248 -1.48 -32.09 -0.50
C LEU B 248 -2.97 -32.29 -0.24
N HIS B 249 -3.28 -33.24 0.62
CA HIS B 249 -4.68 -33.60 0.89
C HIS B 249 -5.17 -32.82 2.09
N ALA B 250 -5.96 -31.77 1.83
CA ALA B 250 -6.56 -30.94 2.86
C ALA B 250 -7.74 -30.21 2.23
N ASN B 251 -8.76 -29.95 3.05
CA ASN B 251 -10.02 -29.42 2.53
C ASN B 251 -9.84 -27.98 2.02
N ASN B 252 -9.36 -27.08 2.88
CA ASN B 252 -9.20 -25.69 2.46
C ASN B 252 -7.79 -25.18 2.75
N ALA B 253 -7.59 -23.87 2.60
CA ALA B 253 -6.27 -23.30 2.80
C ALA B 253 -5.86 -23.35 4.27
N ASN B 254 -6.81 -23.13 5.18
CA ASN B 254 -6.49 -23.11 6.60
C ASN B 254 -6.00 -24.47 7.09
N GLN B 255 -6.72 -25.54 6.72
CA GLN B 255 -6.35 -26.87 7.16
C GLN B 255 -5.08 -27.35 6.48
N ALA B 256 -4.81 -26.87 5.26
CA ALA B 256 -3.56 -27.23 4.58
C ALA B 256 -2.36 -26.67 5.34
N LEU B 257 -2.46 -25.43 5.82
CA LEU B 257 -1.37 -24.85 6.60
C LEU B 257 -1.21 -25.59 7.92
N GLU B 258 -2.32 -26.04 8.53
CA GLU B 258 -2.24 -26.77 9.79
C GLU B 258 -1.52 -28.11 9.61
N ARG B 259 -1.77 -28.77 8.49
CA ARG B 259 -1.10 -30.05 8.23
C ARG B 259 0.38 -29.85 7.92
N ILE B 260 0.72 -28.76 7.23
CA ILE B 260 2.11 -28.52 6.86
C ILE B 260 2.96 -28.22 8.09
N ILE B 261 2.45 -27.39 9.00
CA ILE B 261 3.21 -27.07 10.21
C ILE B 261 3.37 -28.30 11.09
N HIS B 262 2.40 -29.21 11.08
CA HIS B 262 2.50 -30.42 11.88
C HIS B 262 3.51 -31.41 11.33
N PHE B 263 4.01 -31.20 10.11
CA PHE B 263 5.13 -31.99 9.61
C PHE B 263 6.39 -31.81 10.46
N PHE B 264 6.50 -30.70 11.17
CA PHE B 264 7.72 -30.30 11.86
C PHE B 264 7.49 -30.26 13.37
N PRO B 265 8.55 -30.44 14.15
CA PRO B 265 8.44 -30.27 15.60
C PRO B 265 8.12 -28.82 15.95
N ALA B 266 7.62 -28.64 17.17
CA ALA B 266 7.13 -27.33 17.58
C ALA B 266 8.26 -26.30 17.67
N ASP B 267 9.49 -26.74 17.89
CA ASP B 267 10.60 -25.78 18.00
C ASP B 267 10.92 -25.13 16.66
N ARG B 268 10.62 -25.81 15.56
CA ARG B 268 10.87 -25.28 14.22
C ARG B 268 9.66 -24.57 13.63
N HIS B 269 8.57 -24.44 14.39
CA HIS B 269 7.38 -23.76 13.88
C HIS B 269 7.67 -22.29 13.61
N GLY B 270 8.42 -21.64 14.51
CA GLY B 270 8.72 -20.23 14.33
C GLY B 270 9.45 -19.94 13.03
N GLN B 271 10.33 -20.85 12.63
CA GLN B 271 11.00 -20.71 11.33
C GLN B 271 10.03 -21.01 10.19
N VAL B 272 9.19 -22.02 10.35
CA VAL B 272 8.28 -22.42 9.29
C VAL B 272 7.29 -21.31 8.98
N TRP B 273 6.76 -20.65 10.02
CA TRP B 273 5.85 -19.53 9.80
C TRP B 273 6.56 -18.38 9.08
N MET B 274 7.82 -18.13 9.43
CA MET B 274 8.57 -17.06 8.79
C MET B 274 8.89 -17.40 7.33
N ASP B 275 9.33 -18.63 7.07
CA ASP B 275 9.63 -19.02 5.70
C ASP B 275 8.38 -19.05 4.83
N LEU B 276 7.27 -19.53 5.38
CA LEU B 276 6.02 -19.56 4.62
C LEU B 276 5.55 -18.16 4.29
N SER B 277 5.72 -17.22 5.23
CA SER B 277 5.32 -15.84 4.98
C SER B 277 6.21 -15.15 3.96
N LEU B 278 7.38 -15.72 3.65
CA LEU B 278 8.35 -15.08 2.78
C LEU B 278 8.30 -15.58 1.34
N ASN B 279 8.08 -16.89 1.13
CA ASN B 279 8.18 -17.47 -0.20
C ASN B 279 6.86 -17.93 -0.80
N LEU B 280 5.83 -18.11 0.01
CA LEU B 280 4.56 -18.62 -0.52
C LEU B 280 3.91 -17.61 -1.45
N LYS B 281 3.27 -18.11 -2.50
CA LYS B 281 2.58 -17.29 -3.48
C LYS B 281 1.07 -17.42 -3.40
N ALA B 282 0.56 -18.64 -3.31
CA ALA B 282 -0.88 -18.85 -3.25
C ALA B 282 -1.17 -20.26 -2.76
N ILE B 283 -2.40 -20.46 -2.30
CA ILE B 283 -2.92 -21.76 -1.92
C ILE B 283 -4.25 -21.94 -2.63
N VAL B 284 -4.36 -22.97 -3.46
CA VAL B 284 -5.53 -23.20 -4.30
C VAL B 284 -6.25 -24.43 -3.78
N ALA B 285 -7.42 -24.23 -3.18
CA ALA B 285 -8.27 -25.31 -2.72
C ALA B 285 -9.34 -25.59 -3.77
N GLN B 286 -9.56 -26.87 -4.07
CA GLN B 286 -10.43 -27.28 -5.16
C GLN B 286 -11.52 -28.21 -4.65
N GLN B 287 -12.77 -27.91 -5.01
CA GLN B 287 -13.91 -28.76 -4.75
C GLN B 287 -14.65 -29.03 -6.05
N LEU B 288 -15.34 -30.17 -6.11
CA LEU B 288 -16.07 -30.59 -7.29
C LEU B 288 -17.56 -30.65 -6.96
N VAL B 289 -18.33 -29.73 -7.55
CA VAL B 289 -19.77 -29.65 -7.31
C VAL B 289 -20.50 -30.08 -8.59
N PRO B 290 -21.58 -30.84 -8.49
CA PRO B 290 -22.29 -31.28 -9.69
C PRO B 290 -23.01 -30.13 -10.38
N THR B 291 -23.04 -30.21 -11.71
CA THR B 291 -23.76 -29.22 -12.51
C THR B 291 -25.26 -29.44 -12.38
N PRO B 292 -26.08 -28.43 -12.71
CA PRO B 292 -27.54 -28.60 -12.58
C PRO B 292 -28.11 -29.75 -13.39
N ASP B 293 -27.54 -30.04 -14.56
CA ASP B 293 -28.05 -31.13 -15.39
C ASP B 293 -27.60 -32.50 -14.92
N GLY B 294 -26.76 -32.57 -13.88
CA GLY B 294 -26.33 -33.85 -13.33
C GLY B 294 -25.44 -34.68 -14.23
N LYS B 295 -25.05 -34.17 -15.39
CA LYS B 295 -24.22 -34.91 -16.32
C LYS B 295 -22.72 -34.68 -16.12
N GLY B 296 -22.35 -33.74 -15.24
CA GLY B 296 -20.94 -33.46 -15.01
C GLY B 296 -20.74 -32.80 -13.67
N ARG B 297 -19.47 -32.47 -13.39
CA ARG B 297 -19.09 -31.81 -12.17
C ARG B 297 -18.22 -30.59 -12.50
N ARG B 298 -18.40 -29.52 -11.74
CA ARG B 298 -17.66 -28.28 -11.93
C ARG B 298 -16.66 -28.11 -10.79
N ALA B 299 -15.49 -27.56 -11.11
CA ALA B 299 -14.42 -27.40 -10.14
C ALA B 299 -14.56 -26.05 -9.44
N VAL B 300 -14.77 -26.09 -8.12
CA VAL B 300 -14.82 -24.88 -7.31
C VAL B 300 -13.42 -24.60 -6.77
N ILE B 301 -12.94 -23.38 -6.96
CA ILE B 301 -11.56 -23.03 -6.63
C ILE B 301 -11.58 -21.93 -5.58
N GLU B 302 -10.96 -22.21 -4.43
CA GLU B 302 -10.74 -21.22 -3.38
C GLU B 302 -9.32 -20.69 -3.51
N VAL B 303 -9.19 -19.38 -3.72
CA VAL B 303 -7.91 -18.74 -4.01
C VAL B 303 -7.51 -17.87 -2.83
N LEU B 304 -6.29 -18.07 -2.34
CA LEU B 304 -5.71 -17.25 -1.29
C LEU B 304 -4.36 -16.74 -1.78
N LEU B 305 -4.28 -15.43 -2.04
CA LEU B 305 -3.06 -14.80 -2.53
C LEU B 305 -2.28 -14.23 -1.36
N ASN B 306 -0.95 -14.34 -1.43
CA ASN B 306 -0.07 -13.91 -0.35
C ASN B 306 0.13 -12.41 -0.42
N THR B 307 -0.88 -11.68 0.05
CA THR B 307 -0.76 -10.25 0.23
C THR B 307 0.03 -9.96 1.50
N PRO B 308 0.58 -8.74 1.64
CA PRO B 308 1.35 -8.42 2.85
C PRO B 308 0.60 -8.69 4.15
N LEU B 309 -0.71 -8.40 4.19
CA LEU B 309 -1.49 -8.70 5.40
C LEU B 309 -1.56 -10.21 5.63
N ALA B 310 -1.69 -10.99 4.56
CA ALA B 310 -1.70 -12.44 4.70
C ALA B 310 -0.35 -12.96 5.18
N ALA B 311 0.74 -12.37 4.68
CA ALA B 311 2.07 -12.80 5.11
C ALA B 311 2.28 -12.53 6.59
N ASP B 312 1.77 -11.40 7.09
CA ASP B 312 1.90 -11.11 8.52
C ASP B 312 1.09 -12.11 9.35
N LEU B 313 -0.10 -12.47 8.89
CA LEU B 313 -0.88 -13.49 9.58
C LEU B 313 -0.18 -14.85 9.52
N ILE B 314 0.54 -15.13 8.43
CA ILE B 314 1.31 -16.36 8.34
C ILE B 314 2.53 -16.30 9.26
N ARG B 315 3.23 -15.17 9.28
CA ARG B 315 4.42 -15.03 10.12
C ARG B 315 4.08 -15.16 11.59
N LYS B 316 2.88 -14.75 12.00
CA LYS B 316 2.44 -14.86 13.37
C LYS B 316 1.75 -16.18 13.67
N GLY B 317 1.59 -17.05 12.68
CA GLY B 317 0.87 -18.30 12.88
C GLY B 317 -0.62 -18.13 13.04
N GLU B 318 -1.14 -16.92 12.82
CA GLU B 318 -2.58 -16.65 12.96
C GLU B 318 -3.32 -17.17 11.72
N VAL B 319 -3.29 -18.50 11.57
CA VAL B 319 -3.99 -19.14 10.46
C VAL B 319 -5.49 -18.97 10.57
N HIS B 320 -6.01 -18.75 11.78
CA HIS B 320 -7.44 -18.52 11.94
C HIS B 320 -7.86 -17.22 11.28
N GLU B 321 -6.99 -16.21 11.26
CA GLU B 321 -7.31 -14.91 10.69
C GLU B 321 -7.28 -14.91 9.16
N LEU B 322 -7.06 -16.06 8.52
CA LEU B 322 -6.97 -16.10 7.07
C LEU B 322 -8.34 -16.05 6.40
N LYS B 323 -9.31 -16.80 6.93
CA LYS B 323 -10.62 -16.85 6.32
C LYS B 323 -11.31 -15.49 6.25
N PRO B 324 -11.29 -14.64 7.30
CA PRO B 324 -11.89 -13.31 7.14
C PRO B 324 -11.14 -12.42 6.15
N LEU B 325 -9.82 -12.56 6.06
CA LEU B 325 -9.05 -11.72 5.15
C LEU B 325 -9.35 -12.03 3.69
N MET B 326 -9.62 -13.29 3.38
CA MET B 326 -9.93 -13.66 2.00
C MET B 326 -11.29 -13.15 1.55
N LYS B 327 -12.18 -12.82 2.49
CA LYS B 327 -13.51 -12.33 2.15
C LYS B 327 -13.52 -10.86 1.77
N ARG B 328 -12.46 -10.12 2.08
CA ARG B 328 -12.40 -8.69 1.84
C ARG B 328 -11.45 -8.28 0.73
N SER B 329 -10.63 -9.21 0.22
CA SER B 329 -9.66 -8.87 -0.81
C SER B 329 -9.95 -9.59 -2.12
N THR B 330 -11.21 -9.52 -2.59
CA THR B 330 -11.58 -10.14 -3.84
C THR B 330 -11.03 -9.38 -5.05
N GLU B 331 -10.61 -8.13 -4.86
CA GLU B 331 -10.08 -7.34 -5.98
C GLU B 331 -8.70 -7.79 -6.39
N GLN B 332 -7.93 -8.38 -5.47
CA GLN B 332 -6.55 -8.78 -5.75
C GLN B 332 -6.45 -10.14 -6.42
N GLY B 333 -7.53 -10.91 -6.45
CA GLY B 333 -7.52 -12.25 -7.01
C GLY B 333 -7.87 -13.35 -6.04
N MET B 334 -8.10 -13.05 -4.76
CA MET B 334 -8.46 -14.06 -3.79
C MET B 334 -9.95 -14.33 -3.82
N GLN B 335 -10.33 -15.52 -3.35
CA GLN B 335 -11.74 -15.88 -3.21
C GLN B 335 -11.83 -17.12 -2.32
N THR B 336 -12.82 -17.11 -1.43
CA THR B 336 -13.10 -18.29 -0.62
C THR B 336 -13.92 -19.29 -1.43
N PHE B 337 -14.27 -20.40 -0.79
CA PHE B 337 -15.19 -21.34 -1.43
C PHE B 337 -16.59 -20.77 -1.55
N ASP B 338 -16.99 -19.92 -0.59
CA ASP B 338 -18.30 -19.30 -0.66
C ASP B 338 -18.37 -18.23 -1.74
N GLN B 339 -17.25 -17.53 -1.98
CA GLN B 339 -17.23 -16.53 -3.04
C GLN B 339 -17.14 -17.17 -4.43
N ALA B 340 -16.40 -18.28 -4.54
CA ALA B 340 -16.34 -18.99 -5.81
C ALA B 340 -17.67 -19.66 -6.13
N LEU B 341 -18.29 -20.29 -5.15
CA LEU B 341 -19.62 -20.86 -5.35
C LEU B 341 -20.65 -19.78 -5.65
N TYR B 342 -20.45 -18.57 -5.10
CA TYR B 342 -21.32 -17.45 -5.44
C TYR B 342 -21.11 -17.01 -6.88
N GLN B 343 -19.88 -17.08 -7.37
CA GLN B 343 -19.60 -16.68 -8.76
C GLN B 343 -20.11 -17.73 -9.74
N LEU B 344 -20.20 -18.99 -9.33
CA LEU B 344 -20.69 -20.05 -10.20
C LEU B 344 -22.20 -20.18 -10.18
N TYR B 345 -22.84 -19.91 -9.03
CA TYR B 345 -24.29 -19.97 -8.97
C TYR B 345 -24.94 -18.82 -9.74
N THR B 346 -24.29 -17.65 -9.74
CA THR B 346 -24.82 -16.53 -10.53
C THR B 346 -24.62 -16.76 -12.02
N GLN B 347 -23.61 -17.55 -12.39
CA GLN B 347 -23.41 -17.92 -13.79
C GLN B 347 -24.36 -19.01 -14.26
N GLY B 348 -25.10 -19.63 -13.35
CA GLY B 348 -25.99 -20.71 -13.71
C GLY B 348 -25.34 -22.07 -13.82
N GLU B 349 -24.07 -22.19 -13.43
CA GLU B 349 -23.35 -23.45 -13.52
C GLU B 349 -23.61 -24.37 -12.33
N ILE B 350 -24.44 -23.96 -11.38
CA ILE B 350 -24.76 -24.78 -10.22
C ILE B 350 -26.10 -24.33 -9.67
N THR B 351 -26.85 -25.27 -9.12
CA THR B 351 -28.16 -24.95 -8.58
C THR B 351 -28.04 -24.20 -7.25
N TYR B 352 -29.19 -23.78 -6.72
CA TYR B 352 -29.20 -23.11 -5.43
C TYR B 352 -29.01 -24.10 -4.28
N GLU B 353 -29.53 -25.32 -4.43
CA GLU B 353 -29.36 -26.33 -3.39
C GLU B 353 -27.92 -26.83 -3.34
N ASP B 354 -27.27 -26.93 -4.50
CA ASP B 354 -25.88 -27.40 -4.52
C ASP B 354 -24.93 -26.37 -3.94
N ALA B 355 -25.29 -25.08 -3.99
CA ALA B 355 -24.41 -24.05 -3.46
C ALA B 355 -24.45 -24.02 -1.93
N LEU B 356 -25.64 -24.15 -1.33
CA LEU B 356 -25.74 -24.13 0.11
C LEU B 356 -25.20 -25.41 0.74
N ALA B 357 -25.27 -26.53 0.01
CA ALA B 357 -24.76 -27.79 0.55
C ALA B 357 -23.25 -27.87 0.48
N HIS B 358 -22.62 -27.20 -0.50
CA HIS B 358 -21.18 -27.22 -0.65
C HIS B 358 -20.49 -25.99 -0.05
N ALA B 359 -21.26 -25.06 0.51
CA ALA B 359 -20.67 -23.85 1.06
C ALA B 359 -19.95 -24.14 2.37
N ASP B 360 -18.85 -23.42 2.60
CA ASP B 360 -18.19 -23.49 3.89
C ASP B 360 -19.09 -22.97 5.00
N SER B 361 -19.98 -22.03 4.67
CA SER B 361 -20.99 -21.53 5.60
C SER B 361 -22.29 -21.38 4.83
N ALA B 362 -23.26 -22.25 5.11
CA ALA B 362 -24.53 -22.23 4.41
C ALA B 362 -25.34 -20.97 4.71
N ASN B 363 -25.06 -20.30 5.82
CA ASN B 363 -25.73 -19.05 6.16
C ASN B 363 -25.04 -17.84 5.55
N ASP B 364 -23.71 -17.88 5.43
CA ASP B 364 -23.00 -16.79 4.77
C ASP B 364 -23.23 -16.81 3.27
N LEU B 365 -23.17 -17.99 2.66
CA LEU B 365 -23.45 -18.10 1.23
C LEU B 365 -24.90 -17.71 0.93
N ARG B 366 -25.83 -18.11 1.80
CA ARG B 366 -27.21 -17.64 1.65
C ARG B 366 -27.31 -16.14 1.85
N LEU B 367 -26.44 -15.56 2.68
CA LEU B 367 -26.39 -14.11 2.83
C LEU B 367 -25.64 -13.46 1.67
N MET B 368 -24.63 -14.14 1.12
CA MET B 368 -23.90 -13.58 -0.02
C MET B 368 -24.77 -13.59 -1.27
N ILE B 369 -25.59 -14.62 -1.44
CA ILE B 369 -26.45 -14.70 -2.63
C ILE B 369 -27.62 -13.74 -2.52
N LYS B 370 -28.17 -13.56 -1.32
CA LYS B 370 -29.30 -12.65 -1.13
C LYS B 370 -28.87 -11.19 -1.21
N LEU B 371 -27.58 -10.90 -1.02
CA LEU B 371 -27.12 -9.52 -1.08
C LEU B 371 -27.05 -9.01 -2.50
N GLY B 372 -27.02 -9.90 -3.49
CA GLY B 372 -27.12 -9.52 -4.88
C GLY B 372 -28.34 -10.11 -5.56
N PHE C 23 29.81 -34.59 -29.97
CA PHE C 23 29.58 -34.28 -28.57
C PHE C 23 30.56 -33.22 -28.06
N GLU C 24 31.83 -33.38 -28.43
CA GLU C 24 32.84 -32.41 -28.02
C GLU C 24 32.59 -31.03 -28.62
N LYS C 25 31.95 -30.99 -29.80
CA LYS C 25 31.62 -29.70 -30.40
C LYS C 25 30.51 -29.00 -29.64
N LEU C 26 29.55 -29.77 -29.11
CA LEU C 26 28.48 -29.16 -28.32
C LEU C 26 29.02 -28.55 -27.03
N LEU C 27 30.10 -29.11 -26.48
CA LEU C 27 30.68 -28.54 -25.27
C LEU C 27 31.39 -27.23 -25.56
N ARG C 28 32.12 -27.15 -26.69
CA ARG C 28 32.80 -25.92 -27.05
C ARG C 28 31.81 -24.79 -27.33
N LEU C 29 30.66 -25.13 -27.93
CA LEU C 29 29.65 -24.12 -28.20
C LEU C 29 29.09 -23.56 -26.90
N MET C 30 28.91 -24.40 -25.89
CA MET C 30 28.41 -23.93 -24.60
C MET C 30 29.41 -23.03 -23.91
N VAL C 31 30.71 -23.35 -24.01
CA VAL C 31 31.73 -22.52 -23.39
C VAL C 31 31.89 -21.21 -24.16
N GLU C 32 31.82 -21.27 -25.50
CA GLU C 32 31.97 -20.06 -26.30
C GLU C 32 30.75 -19.15 -26.18
N LYS C 33 29.57 -19.72 -25.95
CA LYS C 33 28.35 -18.95 -25.78
C LYS C 33 28.00 -18.69 -24.32
N GLY C 34 28.77 -19.23 -23.39
CA GLY C 34 28.54 -18.99 -21.97
C GLY C 34 27.26 -19.60 -21.45
N GLY C 35 26.90 -20.80 -21.91
CA GLY C 35 25.69 -21.44 -21.43
C GLY C 35 25.84 -21.91 -19.99
N SER C 36 24.75 -21.78 -19.22
CA SER C 36 24.78 -22.21 -17.83
C SER C 36 24.57 -23.71 -17.70
N ASP C 37 23.72 -24.28 -18.54
CA ASP C 37 23.39 -25.70 -18.45
C ASP C 37 23.00 -26.23 -19.83
N LEU C 38 23.41 -27.46 -20.12
CA LEU C 38 23.06 -28.15 -21.35
C LEU C 38 22.08 -29.27 -21.03
N PHE C 39 21.08 -29.44 -21.90
CA PHE C 39 20.01 -30.39 -21.68
C PHE C 39 20.04 -31.44 -22.79
N ILE C 40 20.11 -32.71 -22.38
CA ILE C 40 20.15 -33.85 -23.30
C ILE C 40 19.06 -34.82 -22.87
N THR C 41 17.93 -34.79 -23.56
CA THR C 41 16.81 -35.69 -23.26
C THR C 41 16.03 -35.95 -24.53
N ALA C 42 15.29 -37.05 -24.54
CA ALA C 42 14.48 -37.41 -25.69
C ALA C 42 13.26 -36.51 -25.81
N GLY C 43 12.85 -36.26 -27.05
CA GLY C 43 11.69 -35.45 -27.32
C GLY C 43 11.96 -33.98 -27.56
N VAL C 44 13.17 -33.51 -27.27
CA VAL C 44 13.52 -32.10 -27.48
C VAL C 44 14.93 -32.01 -28.05
N PRO C 45 15.16 -31.01 -28.89
CA PRO C 45 16.51 -30.81 -29.43
C PRO C 45 17.50 -30.50 -28.32
N PRO C 46 18.80 -30.75 -28.55
CA PRO C 46 19.80 -30.33 -27.57
C PRO C 46 19.69 -28.84 -27.28
N SER C 47 19.29 -28.50 -26.05
CA SER C 47 19.05 -27.12 -25.67
C SER C 47 19.98 -26.73 -24.52
N MET C 48 20.38 -25.46 -24.51
CA MET C 48 21.23 -24.92 -23.46
C MET C 48 20.55 -23.72 -22.82
N LYS C 49 20.74 -23.58 -21.51
CA LYS C 49 20.17 -22.46 -20.75
C LYS C 49 21.21 -21.35 -20.74
N VAL C 50 21.05 -20.38 -21.64
CA VAL C 50 21.95 -19.23 -21.74
C VAL C 50 21.24 -18.03 -21.13
N ASN C 51 21.83 -17.48 -20.05
CA ASN C 51 21.26 -16.35 -19.32
C ASN C 51 19.86 -16.66 -18.80
N GLY C 52 19.62 -17.92 -18.44
CA GLY C 52 18.34 -18.33 -17.89
C GLY C 52 17.27 -18.69 -18.90
N ARG C 53 17.58 -18.62 -20.20
CA ARG C 53 16.61 -18.92 -21.25
C ARG C 53 17.01 -20.20 -21.95
N VAL C 54 16.15 -21.22 -21.85
CA VAL C 54 16.39 -22.48 -22.54
C VAL C 54 16.20 -22.25 -24.04
N MET C 55 17.27 -22.50 -24.80
CA MET C 55 17.26 -22.26 -26.24
C MET C 55 17.78 -23.50 -26.96
N PRO C 56 17.10 -23.97 -28.01
CA PRO C 56 17.61 -25.14 -28.74
C PRO C 56 18.85 -24.81 -29.54
N VAL C 57 19.79 -25.76 -29.56
CA VAL C 57 21.03 -25.58 -30.29
C VAL C 57 20.89 -26.02 -31.75
N THR C 58 20.37 -27.23 -31.96
CA THR C 58 20.11 -27.74 -33.30
C THR C 58 18.62 -27.65 -33.60
N LYS C 59 18.25 -28.09 -34.81
CA LYS C 59 16.86 -28.09 -35.24
C LYS C 59 16.20 -29.46 -35.14
N THR C 60 16.96 -30.53 -34.95
CA THR C 60 16.41 -31.87 -34.92
C THR C 60 16.38 -32.38 -33.48
N PRO C 61 15.22 -32.82 -32.99
CA PRO C 61 15.17 -33.40 -31.64
C PRO C 61 15.90 -34.73 -31.57
N LEU C 62 16.26 -35.10 -30.35
CA LEU C 62 17.01 -36.33 -30.11
C LEU C 62 16.07 -37.51 -29.94
N SER C 63 16.44 -38.64 -30.54
CA SER C 63 15.66 -39.86 -30.44
C SER C 63 15.99 -40.59 -29.14
N PRO C 64 15.12 -41.51 -28.70
CA PRO C 64 15.46 -42.30 -27.50
C PRO C 64 16.74 -43.10 -27.65
N GLU C 65 17.01 -43.61 -28.85
CA GLU C 65 18.25 -44.36 -29.07
C GLU C 65 19.46 -43.43 -29.06
N GLN C 66 19.34 -42.25 -29.66
CA GLN C 66 20.44 -41.29 -29.65
C GLN C 66 20.68 -40.73 -28.26
N THR C 67 19.60 -40.51 -27.50
CA THR C 67 19.76 -40.05 -26.12
C THR C 67 20.35 -41.15 -25.25
N ARG C 68 19.93 -42.40 -25.47
CA ARG C 68 20.53 -43.51 -24.73
C ARG C 68 21.98 -43.75 -25.15
N GLU C 69 22.31 -43.46 -26.41
CA GLU C 69 23.69 -43.62 -26.87
C GLU C 69 24.57 -42.46 -26.41
N THR C 70 24.00 -41.28 -26.24
CA THR C 70 24.79 -40.13 -25.80
C THR C 70 25.01 -40.13 -24.29
N VAL C 71 23.99 -40.52 -23.53
CA VAL C 71 24.11 -40.52 -22.07
C VAL C 71 25.05 -41.63 -21.62
N LEU C 72 24.84 -42.84 -22.12
CA LEU C 72 25.70 -43.96 -21.74
C LEU C 72 27.11 -43.83 -22.29
N GLY C 73 27.28 -43.08 -23.38
CA GLY C 73 28.60 -42.91 -23.96
C GLY C 73 29.56 -42.09 -23.10
N VAL C 74 29.03 -41.28 -22.19
CA VAL C 74 29.88 -40.50 -21.31
C VAL C 74 30.31 -41.27 -20.06
N MET C 75 29.59 -42.34 -19.71
CA MET C 75 29.92 -43.13 -18.54
C MET C 75 30.93 -44.21 -18.89
N ASN C 76 31.65 -44.68 -17.87
CA ASN C 76 32.53 -45.83 -18.02
C ASN C 76 31.73 -47.09 -17.73
N GLU C 77 32.40 -48.24 -17.69
CA GLU C 77 31.70 -49.50 -17.49
C GLU C 77 31.05 -49.59 -16.12
N GLN C 78 31.66 -49.00 -15.10
CA GLN C 78 31.09 -49.05 -13.76
C GLN C 78 29.96 -48.06 -13.59
N GLN C 79 30.10 -46.85 -14.14
CA GLN C 79 29.02 -45.87 -14.06
C GLN C 79 27.80 -46.32 -14.84
N ARG C 80 28.00 -47.08 -15.93
CA ARG C 80 26.87 -47.65 -16.65
C ARG C 80 26.17 -48.72 -15.83
N ARG C 81 26.89 -49.38 -14.93
CA ARG C 81 26.28 -50.40 -14.08
C ARG C 81 25.47 -49.77 -12.95
N ASP C 82 26.02 -48.72 -12.32
CA ASP C 82 25.27 -48.02 -11.27
C ASP C 82 24.05 -47.30 -11.84
N PHE C 83 24.14 -46.84 -13.09
CA PHE C 83 23.02 -46.14 -13.70
C PHE C 83 21.88 -47.10 -14.03
N ALA C 84 22.20 -48.32 -14.44
CA ALA C 84 21.17 -49.29 -14.77
C ALA C 84 20.51 -49.88 -13.53
N GLU C 85 21.23 -49.93 -12.41
CA GLU C 85 20.68 -50.51 -11.17
C GLU C 85 19.90 -49.49 -10.34
N ASN C 86 20.40 -48.27 -10.23
CA ASN C 86 19.78 -47.25 -9.40
C ASN C 86 18.91 -46.28 -10.20
N HIS C 87 18.87 -46.42 -11.52
CA HIS C 87 18.13 -45.53 -12.42
C HIS C 87 18.60 -44.09 -12.36
N GLU C 88 19.67 -43.81 -11.60
CA GLU C 88 20.23 -42.48 -11.49
C GLU C 88 21.74 -42.60 -11.34
N CYS C 89 22.45 -41.55 -11.75
CA CYS C 89 23.90 -41.52 -11.62
C CYS C 89 24.37 -40.08 -11.77
N ASN C 90 25.05 -39.56 -10.76
CA ASN C 90 25.63 -38.23 -10.78
C ASN C 90 27.14 -38.35 -10.74
N PHE C 91 27.82 -37.68 -11.68
CA PHE C 91 29.27 -37.78 -11.79
C PHE C 91 29.81 -36.49 -12.39
N ALA C 92 31.13 -36.44 -12.56
CA ALA C 92 31.81 -35.30 -13.14
C ALA C 92 32.80 -35.80 -14.19
N ILE C 93 33.11 -34.92 -15.15
CA ILE C 93 34.00 -35.26 -16.25
C ILE C 93 34.99 -34.12 -16.47
N SER C 94 36.06 -34.44 -17.21
CA SER C 94 37.11 -33.47 -17.54
C SER C 94 37.44 -33.60 -19.01
N ALA C 95 37.11 -32.57 -19.79
CA ALA C 95 37.39 -32.53 -21.21
C ALA C 95 38.68 -31.77 -21.43
N ARG C 96 39.64 -32.40 -22.10
CA ARG C 96 40.95 -31.79 -22.31
C ARG C 96 40.83 -30.59 -23.25
N GLY C 97 41.25 -29.42 -22.76
CA GLY C 97 41.26 -28.21 -23.56
C GLY C 97 39.99 -27.40 -23.53
N ILE C 98 38.89 -27.93 -22.98
CA ILE C 98 37.61 -27.24 -22.92
C ILE C 98 37.29 -26.79 -21.50
N GLY C 99 37.25 -27.72 -20.56
CA GLY C 99 36.94 -27.41 -19.18
C GLY C 99 36.33 -28.62 -18.50
N ARG C 100 35.63 -28.35 -17.39
CA ARG C 100 34.96 -29.38 -16.61
C ARG C 100 33.48 -29.05 -16.49
N PHE C 101 32.67 -30.10 -16.34
CA PHE C 101 31.23 -29.95 -16.21
C PHE C 101 30.67 -31.08 -15.38
N ARG C 102 29.66 -30.78 -14.57
CA ARG C 102 29.00 -31.77 -13.73
C ARG C 102 27.71 -32.24 -14.39
N VAL C 103 27.49 -33.55 -14.40
CA VAL C 103 26.36 -34.16 -15.08
C VAL C 103 25.43 -34.78 -14.05
N SER C 104 24.12 -34.71 -14.32
CA SER C 104 23.10 -35.34 -13.49
C SER C 104 22.21 -36.16 -14.41
N ALA C 105 22.53 -37.45 -14.55
CA ALA C 105 21.76 -38.35 -15.39
C ALA C 105 20.57 -38.91 -14.61
N PHE C 106 19.54 -39.31 -15.35
CA PHE C 106 18.31 -39.74 -14.73
C PHE C 106 17.45 -40.49 -15.74
N TYR C 107 16.61 -41.37 -15.24
CA TYR C 107 15.52 -41.94 -16.04
C TYR C 107 14.35 -40.99 -16.04
N GLN C 108 13.68 -40.88 -17.18
CA GLN C 108 12.47 -40.07 -17.28
C GLN C 108 11.52 -40.71 -18.28
N ARG C 109 10.34 -41.10 -17.82
CA ARG C 109 9.37 -41.83 -18.63
C ARG C 109 10.01 -43.09 -19.22
N ASN C 110 10.81 -43.78 -18.41
CA ASN C 110 11.55 -44.97 -18.83
C ASN C 110 12.50 -44.67 -19.99
N LEU C 111 13.03 -43.46 -20.04
CA LEU C 111 13.97 -43.05 -21.08
C LEU C 111 15.11 -42.27 -20.43
N VAL C 112 16.28 -42.33 -21.06
CA VAL C 112 17.48 -41.73 -20.51
C VAL C 112 17.46 -40.22 -20.72
N GLY C 113 18.10 -39.51 -19.80
CA GLY C 113 18.21 -38.06 -19.90
C GLY C 113 19.30 -37.57 -18.98
N MET C 114 19.91 -36.44 -19.35
CA MET C 114 21.04 -35.92 -18.59
C MET C 114 21.05 -34.39 -18.68
N VAL C 115 21.46 -33.76 -17.59
CA VAL C 115 21.62 -32.31 -17.53
C VAL C 115 23.07 -32.02 -17.12
N LEU C 116 23.74 -31.19 -17.91
CA LEU C 116 25.15 -30.87 -17.70
C LEU C 116 25.27 -29.41 -17.25
N ARG C 117 26.04 -29.18 -16.19
CA ARG C 117 26.30 -27.85 -15.67
C ARG C 117 27.76 -27.52 -15.87
N ARG C 118 28.02 -26.44 -16.62
CA ARG C 118 29.41 -26.05 -16.91
C ARG C 118 30.02 -25.36 -15.70
N ILE C 119 31.24 -25.74 -15.38
CA ILE C 119 31.97 -25.12 -14.27
C ILE C 119 32.60 -23.83 -14.76
N GLU C 120 32.49 -22.78 -13.94
CA GLU C 120 33.01 -21.46 -14.28
C GLU C 120 34.38 -21.28 -13.65
N THR C 121 35.31 -20.72 -14.42
CA THR C 121 36.68 -20.49 -13.97
C THR C 121 36.97 -19.03 -13.63
N ASN C 122 36.23 -18.08 -14.20
CA ASN C 122 36.40 -16.68 -13.86
C ASN C 122 35.86 -16.40 -12.46
N ILE C 123 36.70 -16.57 -11.44
CA ILE C 123 36.25 -16.42 -10.06
C ILE C 123 35.99 -14.94 -9.77
N PRO C 124 34.82 -14.58 -9.24
CA PRO C 124 34.56 -13.17 -8.94
C PRO C 124 35.33 -12.72 -7.70
N THR C 125 35.47 -11.40 -7.57
CA THR C 125 36.13 -10.83 -6.42
C THR C 125 35.11 -10.52 -5.33
N LEU C 126 35.63 -10.28 -4.12
CA LEU C 126 34.78 -9.87 -3.02
C LEU C 126 34.11 -8.53 -3.30
N GLU C 127 34.76 -7.66 -4.08
CA GLU C 127 34.17 -6.39 -4.43
C GLU C 127 33.03 -6.55 -5.43
N GLU C 128 33.18 -7.47 -6.39
CA GLU C 128 32.11 -7.72 -7.35
C GLU C 128 30.86 -8.24 -6.67
N LEU C 129 31.02 -9.03 -5.60
CA LEU C 129 29.88 -9.49 -4.82
C LEU C 129 29.41 -8.45 -3.81
N LYS C 130 30.12 -7.33 -3.69
CA LYS C 130 29.76 -6.24 -2.77
C LYS C 130 29.66 -6.74 -1.33
N LEU C 131 30.62 -7.58 -0.93
CA LEU C 131 30.65 -8.13 0.42
C LEU C 131 31.32 -7.15 1.38
N PRO C 132 31.00 -7.23 2.68
CA PRO C 132 31.60 -6.31 3.64
C PRO C 132 33.10 -6.52 3.76
N GLU C 133 33.79 -5.44 4.17
CA GLU C 133 35.25 -5.46 4.25
C GLU C 133 35.78 -6.37 5.36
N ILE C 134 34.94 -6.73 6.33
CA ILE C 134 35.36 -7.65 7.38
C ILE C 134 35.70 -9.01 6.79
N LEU C 135 35.14 -9.35 5.63
CA LEU C 135 35.49 -10.60 4.97
C LEU C 135 36.94 -10.58 4.49
N LYS C 136 37.42 -9.42 4.03
CA LYS C 136 38.80 -9.31 3.57
C LYS C 136 39.77 -9.58 4.70
N LYS C 137 39.52 -8.98 5.88
CA LYS C 137 40.36 -9.26 7.04
C LYS C 137 40.28 -10.72 7.45
N LEU C 138 39.09 -11.32 7.32
CA LEU C 138 38.95 -12.74 7.61
C LEU C 138 39.66 -13.60 6.58
N ALA C 139 39.67 -13.17 5.31
CA ALA C 139 40.33 -13.95 4.27
C ALA C 139 41.84 -14.02 4.48
N LEU C 140 42.44 -12.96 5.04
CA LEU C 140 43.87 -12.92 5.27
C LEU C 140 44.27 -13.46 6.64
N THR C 141 43.32 -14.01 7.40
CA THR C 141 43.63 -14.56 8.71
C THR C 141 44.57 -15.76 8.57
N LYS C 142 45.40 -15.96 9.58
CA LYS C 142 46.42 -17.01 9.55
C LYS C 142 45.91 -18.32 10.10
N ARG C 143 45.15 -18.29 11.20
CA ARG C 143 44.65 -19.51 11.82
C ARG C 143 43.27 -19.24 12.41
N GLY C 144 42.46 -20.29 12.48
CA GLY C 144 41.12 -20.18 13.02
C GLY C 144 40.09 -20.91 12.20
N LEU C 145 38.83 -20.87 12.63
CA LEU C 145 37.73 -21.55 11.95
C LEU C 145 36.71 -20.52 11.50
N VAL C 146 36.43 -20.49 10.21
CA VAL C 146 35.42 -19.61 9.63
C VAL C 146 34.35 -20.49 9.01
N ILE C 147 33.09 -20.20 9.30
CA ILE C 147 31.96 -21.04 8.90
C ILE C 147 30.99 -20.19 8.07
N PHE C 148 30.64 -20.69 6.88
CA PHE C 148 29.64 -20.06 6.03
C PHE C 148 28.33 -20.78 6.23
N VAL C 149 27.35 -20.10 6.80
CA VAL C 149 26.02 -20.66 7.04
C VAL C 149 25.04 -20.01 6.07
N GLY C 150 23.93 -20.69 5.86
CA GLY C 150 22.89 -20.22 4.96
C GLY C 150 22.08 -21.37 4.43
N ALA C 151 20.90 -21.03 3.90
CA ALA C 151 20.03 -22.02 3.29
C ALA C 151 20.62 -22.50 1.97
N THR C 152 19.91 -23.42 1.32
CA THR C 152 20.38 -23.98 0.05
C THR C 152 20.36 -22.91 -1.03
N GLY C 153 21.50 -22.70 -1.68
CA GLY C 153 21.57 -21.75 -2.77
C GLY C 153 21.62 -20.30 -2.36
N THR C 154 22.06 -20.00 -1.14
CA THR C 154 22.19 -18.63 -0.69
C THR C 154 23.52 -18.00 -1.10
N GLY C 155 24.26 -18.63 -2.02
CA GLY C 155 25.55 -18.11 -2.42
C GLY C 155 26.68 -18.39 -1.48
N LYS C 156 26.56 -19.43 -0.65
CA LYS C 156 27.64 -19.77 0.29
C LYS C 156 28.91 -20.14 -0.46
N SER C 157 28.82 -21.11 -1.38
CA SER C 157 30.00 -21.52 -2.12
C SER C 157 30.46 -20.45 -3.10
N THR C 158 29.54 -19.63 -3.60
CA THR C 158 29.92 -18.55 -4.51
C THR C 158 30.75 -17.49 -3.79
N SER C 159 30.26 -17.04 -2.63
CA SER C 159 31.02 -16.06 -1.85
C SER C 159 32.30 -16.66 -1.28
N LEU C 160 32.29 -17.94 -0.96
CA LEU C 160 33.49 -18.59 -0.43
C LEU C 160 34.58 -18.66 -1.49
N ALA C 161 34.22 -19.07 -2.72
CA ALA C 161 35.18 -19.12 -3.80
C ALA C 161 35.70 -17.72 -4.12
N ALA C 162 34.83 -16.72 -4.06
CA ALA C 162 35.28 -15.34 -4.22
C ALA C 162 36.25 -14.95 -3.12
N MET C 163 35.97 -15.36 -1.88
CA MET C 163 36.89 -15.12 -0.78
C MET C 163 38.15 -15.96 -0.92
N ILE C 164 38.04 -17.16 -1.47
CA ILE C 164 39.21 -18.00 -1.69
C ILE C 164 40.13 -17.37 -2.71
N GLY C 165 39.57 -16.72 -3.73
CA GLY C 165 40.39 -16.01 -4.70
C GLY C 165 41.09 -14.82 -4.12
N TYR C 166 40.53 -14.22 -3.06
CA TYR C 166 41.18 -13.09 -2.41
C TYR C 166 42.43 -13.54 -1.67
N ARG C 167 42.32 -14.61 -0.87
CA ARG C 167 43.48 -15.14 -0.16
C ARG C 167 44.49 -15.73 -1.14
N ASN C 168 44.01 -16.35 -2.21
CA ASN C 168 44.91 -16.94 -3.19
C ASN C 168 45.74 -15.86 -3.90
N LYS C 169 45.17 -14.67 -4.08
CA LYS C 169 45.85 -13.60 -4.79
C LYS C 169 46.64 -12.67 -3.89
N ASN C 170 46.35 -12.65 -2.58
CA ASN C 170 46.95 -11.68 -1.68
C ASN C 170 47.92 -12.30 -0.68
N SER C 171 48.19 -13.60 -0.76
CA SER C 171 49.11 -14.24 0.16
C SER C 171 49.88 -15.33 -0.56
N THR C 172 50.90 -15.85 0.11
CA THR C 172 51.71 -16.94 -0.40
C THR C 172 51.58 -18.14 0.54
N GLY C 173 51.38 -19.32 -0.04
CA GLY C 173 51.25 -20.52 0.76
C GLY C 173 50.61 -21.64 -0.05
N HIS C 174 49.93 -22.53 0.67
CA HIS C 174 49.26 -23.68 0.07
C HIS C 174 47.82 -23.75 0.57
N ILE C 175 46.88 -23.80 -0.37
CA ILE C 175 45.46 -23.94 -0.05
C ILE C 175 45.03 -25.34 -0.47
N ILE C 176 44.41 -26.06 0.45
CA ILE C 176 43.90 -27.41 0.20
C ILE C 176 42.38 -27.36 0.26
N SER C 177 41.74 -27.87 -0.78
CA SER C 177 40.29 -27.80 -0.92
C SER C 177 39.71 -29.20 -1.05
N ILE C 178 38.67 -29.48 -0.28
CA ILE C 178 37.93 -30.74 -0.35
C ILE C 178 36.47 -30.38 -0.56
N GLU C 179 35.96 -30.63 -1.76
CA GLU C 179 34.60 -30.23 -2.13
C GLU C 179 33.83 -31.44 -2.66
N ASP C 180 32.50 -31.34 -2.57
CA ASP C 180 31.61 -32.39 -3.06
C ASP C 180 30.34 -31.74 -3.58
N PRO C 181 30.33 -31.30 -4.84
CA PRO C 181 31.44 -31.33 -5.81
C PRO C 181 32.25 -30.05 -5.78
N ILE C 182 33.28 -29.94 -6.61
CA ILE C 182 34.01 -28.69 -6.77
C ILE C 182 33.17 -27.74 -7.61
N GLU C 183 32.81 -26.60 -7.03
CA GLU C 183 31.95 -25.65 -7.74
C GLU C 183 32.75 -24.61 -8.51
N TYR C 184 33.92 -24.20 -8.01
CA TYR C 184 34.77 -23.25 -8.70
C TYR C 184 36.20 -23.76 -8.66
N ILE C 185 36.91 -23.62 -9.79
CA ILE C 185 38.29 -24.05 -9.93
C ILE C 185 39.16 -22.80 -9.93
N HIS C 186 39.97 -22.63 -8.90
CA HIS C 186 40.85 -21.48 -8.77
C HIS C 186 42.21 -21.80 -9.37
N GLN C 187 42.68 -20.92 -10.25
CA GLN C 187 44.02 -21.07 -10.81
C GLN C 187 45.07 -20.69 -9.77
N HIS C 188 46.27 -21.24 -9.93
CA HIS C 188 47.37 -20.96 -9.02
C HIS C 188 47.76 -19.49 -9.06
N GLN C 189 47.52 -18.76 -7.99
CA GLN C 189 47.89 -17.36 -7.86
C GLN C 189 49.03 -17.26 -6.84
N GLY C 190 48.94 -16.40 -5.83
CA GLY C 190 50.01 -16.30 -4.85
C GLY C 190 50.18 -17.55 -4.02
N CYS C 191 49.08 -18.24 -3.72
CA CYS C 191 49.11 -19.49 -2.97
C CYS C 191 48.93 -20.68 -3.89
N ILE C 192 49.53 -21.80 -3.51
CA ILE C 192 49.32 -23.05 -4.23
C ILE C 192 47.92 -23.56 -3.93
N VAL C 193 47.16 -23.87 -4.97
CA VAL C 193 45.74 -24.23 -4.85
C VAL C 193 45.59 -25.68 -5.27
N THR C 194 45.25 -26.54 -4.32
CA THR C 194 45.01 -27.97 -4.58
C THR C 194 43.53 -28.23 -4.36
N GLN C 195 42.80 -28.43 -5.45
CA GLN C 195 41.36 -28.69 -5.41
C GLN C 195 41.13 -30.19 -5.60
N ARG C 196 40.50 -30.82 -4.60
CA ARG C 196 40.18 -32.23 -4.63
C ARG C 196 38.68 -32.41 -4.47
N GLU C 197 38.08 -33.21 -5.34
CA GLU C 197 36.64 -33.46 -5.32
C GLU C 197 36.37 -34.86 -4.79
N VAL C 198 35.40 -34.97 -3.89
CA VAL C 198 35.03 -36.27 -3.34
C VAL C 198 34.41 -37.13 -4.43
N GLY C 199 34.86 -38.38 -4.53
CA GLY C 199 34.39 -39.28 -5.55
C GLY C 199 35.25 -39.34 -6.79
N LEU C 200 36.20 -38.42 -6.95
CA LEU C 200 37.09 -38.43 -8.10
C LEU C 200 38.55 -38.34 -7.64
N ASP C 201 38.84 -37.39 -6.74
CA ASP C 201 40.18 -37.22 -6.21
C ASP C 201 40.35 -37.84 -4.84
N THR C 202 39.27 -38.16 -4.15
CA THR C 202 39.33 -38.82 -2.86
C THR C 202 38.08 -39.66 -2.67
N ASP C 203 38.19 -40.69 -1.83
CA ASP C 203 37.06 -41.58 -1.61
C ASP C 203 35.98 -40.93 -0.74
N SER C 204 36.37 -40.09 0.21
CA SER C 204 35.41 -39.47 1.10
C SER C 204 35.99 -38.19 1.67
N PHE C 205 35.13 -37.42 2.35
CA PHE C 205 35.60 -36.23 3.04
C PHE C 205 36.57 -36.59 4.16
N GLU C 206 36.29 -37.66 4.89
CA GLU C 206 37.12 -38.03 6.04
C GLU C 206 38.51 -38.45 5.61
N VAL C 207 38.61 -39.21 4.51
CA VAL C 207 39.92 -39.66 4.04
C VAL C 207 40.76 -38.49 3.55
N ALA C 208 40.12 -37.54 2.86
CA ALA C 208 40.86 -36.39 2.35
C ALA C 208 41.35 -35.50 3.49
N LEU C 209 40.48 -35.20 4.46
CA LEU C 209 40.87 -34.38 5.59
C LEU C 209 41.93 -35.07 6.45
N LYS C 210 41.91 -36.41 6.49
CA LYS C 210 42.92 -37.12 7.26
C LYS C 210 44.30 -36.95 6.64
N ASN C 211 44.38 -36.91 5.31
CA ASN C 211 45.65 -36.70 4.62
C ASN C 211 45.96 -35.23 4.38
N THR C 212 44.99 -34.33 4.56
CA THR C 212 45.23 -32.91 4.33
C THR C 212 46.29 -32.36 5.28
N LEU C 213 46.40 -32.93 6.48
CA LEU C 213 47.39 -32.44 7.44
C LEU C 213 48.81 -32.76 6.98
N ARG C 214 49.01 -33.92 6.36
CA ARG C 214 50.34 -34.33 5.92
C ARG C 214 50.75 -33.71 4.60
N GLN C 215 49.92 -32.86 4.00
CA GLN C 215 50.23 -32.21 2.74
C GLN C 215 50.71 -30.78 2.93
N ALA C 216 51.10 -30.42 4.15
CA ALA C 216 51.63 -29.10 4.48
C ALA C 216 50.78 -27.95 3.95
N PRO C 217 49.52 -27.86 4.36
CA PRO C 217 48.70 -26.72 3.93
C PRO C 217 48.91 -25.53 4.84
N ASP C 218 48.45 -24.38 4.37
CA ASP C 218 48.34 -23.17 5.19
C ASP C 218 46.90 -22.74 5.40
N VAL C 219 46.02 -23.08 4.47
CA VAL C 219 44.58 -22.90 4.61
C VAL C 219 43.89 -24.15 4.09
N ILE C 220 42.89 -24.63 4.82
CA ILE C 220 42.14 -25.82 4.46
C ILE C 220 40.67 -25.45 4.39
N MET C 221 40.03 -25.73 3.26
CA MET C 221 38.61 -25.44 3.06
C MET C 221 37.87 -26.76 2.91
N ILE C 222 37.00 -27.06 3.87
CA ILE C 222 36.11 -28.21 3.79
C ILE C 222 34.85 -27.77 3.08
N GLY C 223 34.49 -28.49 2.01
CA GLY C 223 33.33 -28.10 1.21
C GLY C 223 32.07 -27.99 2.04
N GLU C 224 31.81 -28.98 2.89
CA GLU C 224 30.69 -28.94 3.80
C GLU C 224 30.93 -29.93 4.93
N VAL C 225 30.60 -29.52 6.15
CA VAL C 225 30.66 -30.41 7.31
C VAL C 225 29.30 -31.08 7.45
N ARG C 226 29.26 -32.40 7.26
CA ARG C 226 28.03 -33.15 7.33
C ARG C 226 28.00 -34.20 8.44
N SER C 227 29.12 -34.44 9.11
CA SER C 227 29.19 -35.43 10.18
C SER C 227 30.13 -34.94 11.27
N ARG C 228 30.17 -35.68 12.38
CA ARG C 228 31.04 -35.32 13.49
C ARG C 228 32.51 -35.52 13.15
N GLU C 229 32.82 -36.55 12.35
CA GLU C 229 34.21 -36.77 11.95
C GLU C 229 34.73 -35.61 11.12
N THR C 230 33.90 -35.06 10.25
CA THR C 230 34.29 -33.86 9.50
C THR C 230 34.45 -32.67 10.45
N MET C 231 33.64 -32.58 11.49
CA MET C 231 33.75 -31.48 12.44
C MET C 231 35.02 -31.61 13.28
N ASP C 232 35.39 -32.84 13.65
CA ASP C 232 36.59 -33.03 14.45
C ASP C 232 37.85 -32.63 13.67
N HIS C 233 37.91 -32.99 12.40
CA HIS C 233 39.07 -32.60 11.59
C HIS C 233 39.15 -31.09 11.44
N ALA C 234 38.01 -30.42 11.27
CA ALA C 234 38.02 -28.97 11.15
C ALA C 234 38.53 -28.31 12.42
N VAL C 235 38.16 -28.84 13.59
CA VAL C 235 38.66 -28.30 14.84
C VAL C 235 40.16 -28.57 14.98
N ALA C 236 40.60 -29.78 14.63
CA ALA C 236 42.02 -30.09 14.70
C ALA C 236 42.83 -29.28 13.70
N PHE C 237 42.23 -28.93 12.56
CA PHE C 237 42.93 -28.10 11.59
C PHE C 237 43.25 -26.73 12.16
N ALA C 238 42.31 -26.12 12.89
CA ALA C 238 42.53 -24.78 13.43
C ALA C 238 43.50 -24.80 14.61
N GLU C 239 43.56 -25.90 15.36
CA GLU C 239 44.47 -25.97 16.50
C GLU C 239 45.92 -26.01 16.05
N THR C 240 46.19 -26.52 14.84
CA THR C 240 47.54 -26.66 14.33
C THR C 240 48.04 -25.41 13.62
N GLY C 241 47.39 -24.26 13.83
CA GLY C 241 47.84 -23.03 13.23
C GLY C 241 47.49 -22.85 11.77
N HIS C 242 46.48 -23.56 11.28
CA HIS C 242 46.03 -23.46 9.91
C HIS C 242 44.66 -22.79 9.85
N LEU C 243 44.38 -22.11 8.74
CA LEU C 243 43.10 -21.47 8.53
C LEU C 243 42.12 -22.48 7.95
N CYS C 244 41.04 -22.74 8.68
CA CYS C 244 40.04 -23.72 8.29
C CYS C 244 38.74 -23.03 7.93
N LEU C 245 38.23 -23.31 6.73
CA LEU C 245 36.96 -22.78 6.27
C LEU C 245 36.03 -23.93 5.90
N ALA C 246 34.74 -23.73 6.14
CA ALA C 246 33.75 -24.76 5.86
C ALA C 246 32.38 -24.13 5.75
N THR C 247 31.47 -24.85 5.08
CA THR C 247 30.08 -24.42 4.93
C THR C 247 29.17 -25.41 5.64
N LEU C 248 28.04 -24.89 6.12
CA LEU C 248 27.01 -25.71 6.75
C LEU C 248 25.66 -25.05 6.49
N HIS C 249 24.61 -25.86 6.49
CA HIS C 249 23.27 -25.39 6.16
C HIS C 249 22.55 -25.02 7.45
N ALA C 250 22.47 -23.71 7.72
CA ALA C 250 21.77 -23.18 8.87
C ALA C 250 21.46 -21.71 8.59
N ASN C 251 20.34 -21.24 9.15
CA ASN C 251 19.85 -19.90 8.82
C ASN C 251 20.79 -18.82 9.34
N ASN C 252 21.04 -18.80 10.66
CA ASN C 252 21.89 -17.77 11.23
C ASN C 252 23.02 -18.38 12.07
N ALA C 253 23.73 -17.53 12.81
CA ALA C 253 24.86 -18.01 13.61
C ALA C 253 24.38 -18.86 14.77
N ASN C 254 23.25 -18.50 15.39
CA ASN C 254 22.77 -19.23 16.55
C ASN C 254 22.38 -20.66 16.17
N GLN C 255 21.62 -20.82 15.08
CA GLN C 255 21.19 -22.16 14.69
C GLN C 255 22.34 -22.98 14.15
N ALA C 256 23.36 -22.34 13.58
CA ALA C 256 24.55 -23.07 13.13
C ALA C 256 25.28 -23.70 14.31
N LEU C 257 25.41 -22.96 15.40
CA LEU C 257 26.04 -23.53 16.60
C LEU C 257 25.21 -24.66 17.18
N GLU C 258 23.88 -24.54 17.12
CA GLU C 258 23.02 -25.59 17.65
C GLU C 258 23.16 -26.87 16.84
N ARG C 259 23.31 -26.76 15.52
CA ARG C 259 23.49 -27.95 14.69
C ARG C 259 24.86 -28.58 14.90
N ILE C 260 25.88 -27.75 15.13
CA ILE C 260 27.24 -28.27 15.30
C ILE C 260 27.36 -29.06 16.60
N ILE C 261 26.79 -28.53 17.68
CA ILE C 261 26.87 -29.23 18.96
C ILE C 261 26.07 -30.53 18.91
N HIS C 262 25.00 -30.58 18.13
CA HIS C 262 24.20 -31.79 18.01
C HIS C 262 24.91 -32.89 17.22
N PHE C 263 26.01 -32.56 16.53
CA PHE C 263 26.84 -33.58 15.90
C PHE C 263 27.43 -34.54 16.93
N PHE C 264 27.56 -34.11 18.18
CA PHE C 264 28.27 -34.84 19.21
C PHE C 264 27.32 -35.27 20.33
N PRO C 265 27.66 -36.34 21.04
CA PRO C 265 26.88 -36.72 22.22
C PRO C 265 27.00 -35.66 23.31
N ALA C 266 26.03 -35.70 24.23
CA ALA C 266 25.93 -34.66 25.25
C ALA C 266 27.12 -34.66 26.20
N ASP C 267 27.80 -35.79 26.36
CA ASP C 267 28.93 -35.84 27.28
C ASP C 267 30.12 -35.05 26.73
N ARG C 268 30.23 -34.92 25.42
CA ARG C 268 31.31 -34.17 24.79
C ARG C 268 30.95 -32.71 24.52
N HIS C 269 29.76 -32.27 24.92
CA HIS C 269 29.37 -30.88 24.71
C HIS C 269 30.27 -29.93 25.47
N GLY C 270 30.62 -30.27 26.72
CA GLY C 270 31.47 -29.40 27.51
C GLY C 270 32.82 -29.13 26.86
N GLN C 271 33.38 -30.14 26.20
CA GLN C 271 34.61 -29.93 25.45
C GLN C 271 34.36 -29.11 24.19
N VAL C 272 33.24 -29.38 23.50
CA VAL C 272 32.95 -28.68 22.25
C VAL C 272 32.77 -27.19 22.49
N TRP C 273 32.06 -26.82 23.56
CA TRP C 273 31.89 -25.41 23.88
C TRP C 273 33.22 -24.76 24.20
N MET C 274 34.11 -25.48 24.90
CA MET C 274 35.41 -24.92 25.23
C MET C 274 36.30 -24.78 23.99
N ASP C 275 36.32 -25.80 23.14
CA ASP C 275 37.13 -25.73 21.92
C ASP C 275 36.61 -24.66 20.98
N LEU C 276 35.29 -24.54 20.85
CA LEU C 276 34.72 -23.51 19.98
C LEU C 276 35.05 -22.11 20.49
N SER C 277 35.03 -21.93 21.81
CA SER C 277 35.37 -20.64 22.39
C SER C 277 36.84 -20.28 22.23
N LEU C 278 37.68 -21.27 21.91
CA LEU C 278 39.13 -21.07 21.86
C LEU C 278 39.66 -20.82 20.45
N ASN C 279 39.12 -21.52 19.44
CA ASN C 279 39.68 -21.46 18.09
C ASN C 279 38.81 -20.74 17.07
N LEU C 280 37.52 -20.58 17.34
CA LEU C 280 36.63 -19.96 16.35
C LEU C 280 36.99 -18.50 16.13
N LYS C 281 36.86 -18.06 14.88
CA LYS C 281 37.16 -16.69 14.49
C LYS C 281 35.91 -15.90 14.14
N ALA C 282 35.01 -16.47 13.35
CA ALA C 282 33.79 -15.77 12.94
C ALA C 282 32.80 -16.78 12.38
N ILE C 283 31.54 -16.36 12.35
CA ILE C 283 30.46 -17.10 11.71
C ILE C 283 29.74 -16.14 10.77
N VAL C 284 29.72 -16.47 9.48
CA VAL C 284 29.17 -15.59 8.45
C VAL C 284 27.88 -16.23 7.93
N ALA C 285 26.76 -15.62 8.25
CA ALA C 285 25.46 -16.05 7.75
C ALA C 285 25.08 -15.17 6.55
N GLN C 286 24.60 -15.83 5.48
CA GLN C 286 24.35 -15.16 4.21
C GLN C 286 22.90 -15.34 3.79
N GLN C 287 22.26 -14.23 3.42
CA GLN C 287 20.92 -14.26 2.85
C GLN C 287 20.93 -13.48 1.54
N LEU C 288 20.01 -13.84 0.64
CA LEU C 288 19.90 -13.23 -0.68
C LEU C 288 18.58 -12.50 -0.79
N VAL C 289 18.63 -11.17 -0.83
CA VAL C 289 17.43 -10.35 -0.93
C VAL C 289 17.38 -9.70 -2.31
N PRO C 290 16.21 -9.63 -2.94
CA PRO C 290 16.14 -9.03 -4.29
C PRO C 290 16.36 -7.53 -4.26
N THR C 291 17.01 -7.03 -5.31
CA THR C 291 17.24 -5.61 -5.46
C THR C 291 15.93 -4.91 -5.84
N PRO C 292 15.86 -3.59 -5.64
CA PRO C 292 14.60 -2.88 -5.97
C PRO C 292 14.17 -3.02 -7.42
N ASP C 293 15.10 -3.11 -8.35
CA ASP C 293 14.75 -3.22 -9.77
C ASP C 293 14.33 -4.64 -10.16
N GLY C 294 14.41 -5.60 -9.23
CA GLY C 294 13.98 -6.95 -9.51
C GLY C 294 14.83 -7.72 -10.50
N LYS C 295 15.93 -7.14 -10.98
CA LYS C 295 16.78 -7.80 -11.95
C LYS C 295 17.90 -8.61 -11.33
N GLY C 296 18.09 -8.53 -10.02
CA GLY C 296 19.14 -9.28 -9.36
C GLY C 296 18.85 -9.45 -7.88
N ARG C 297 19.79 -10.10 -7.20
CA ARG C 297 19.69 -10.35 -5.77
C ARG C 297 20.97 -9.90 -5.09
N ARG C 298 20.84 -9.35 -3.90
CA ARG C 298 21.97 -8.86 -3.12
C ARG C 298 22.20 -9.78 -1.92
N ALA C 299 23.46 -9.97 -1.58
CA ALA C 299 23.84 -10.88 -0.50
C ALA C 299 23.87 -10.13 0.83
N VAL C 300 23.01 -10.54 1.75
CA VAL C 300 22.99 -9.99 3.10
C VAL C 300 23.87 -10.86 3.98
N ILE C 301 24.80 -10.23 4.70
CA ILE C 301 25.82 -10.93 5.47
C ILE C 301 25.66 -10.58 6.94
N GLU C 302 25.43 -11.60 7.78
CA GLU C 302 25.42 -11.45 9.22
C GLU C 302 26.77 -11.88 9.76
N VAL C 303 27.47 -10.96 10.44
CA VAL C 303 28.83 -11.17 10.90
C VAL C 303 28.84 -11.27 12.41
N LEU C 304 29.45 -12.34 12.92
CA LEU C 304 29.65 -12.53 14.36
C LEU C 304 31.13 -12.79 14.60
N LEU C 305 31.81 -11.82 15.22
CA LEU C 305 33.23 -11.93 15.50
C LEU C 305 33.44 -12.46 16.92
N ASN C 306 34.46 -13.31 17.08
CA ASN C 306 34.72 -13.96 18.36
C ASN C 306 35.48 -13.01 19.28
N THR C 307 34.72 -12.08 19.86
CA THR C 307 35.24 -11.22 20.91
C THR C 307 35.30 -12.00 22.22
N PRO C 308 36.09 -11.53 23.19
CA PRO C 308 36.16 -12.25 24.48
C PRO C 308 34.81 -12.50 25.13
N LEU C 309 33.88 -11.52 25.05
CA LEU C 309 32.55 -11.74 25.60
C LEU C 309 31.82 -12.83 24.84
N ALA C 310 31.99 -12.88 23.52
CA ALA C 310 31.36 -13.94 22.74
C ALA C 310 31.97 -15.30 23.07
N ALA C 311 33.29 -15.35 23.29
CA ALA C 311 33.93 -16.61 23.64
C ALA C 311 33.41 -17.14 24.98
N ASP C 312 33.17 -16.24 25.93
CA ASP C 312 32.63 -16.68 27.22
C ASP C 312 31.21 -17.21 27.07
N LEU C 313 30.40 -16.57 26.24
CA LEU C 313 29.06 -17.09 25.95
C LEU C 313 29.12 -18.42 25.23
N ILE C 314 30.15 -18.62 24.40
CA ILE C 314 30.33 -19.91 23.73
C ILE C 314 30.81 -20.96 24.73
N ARG C 315 31.76 -20.59 25.60
CA ARG C 315 32.28 -21.55 26.57
C ARG C 315 31.20 -22.02 27.54
N LYS C 316 30.22 -21.17 27.83
CA LYS C 316 29.12 -21.51 28.72
C LYS C 316 27.94 -22.13 27.98
N GLY C 317 28.03 -22.27 26.65
CA GLY C 317 26.91 -22.77 25.89
C GLY C 317 25.74 -21.81 25.77
N GLU C 318 25.90 -20.58 26.24
CA GLU C 318 24.82 -19.59 26.19
C GLU C 318 24.70 -19.02 24.77
N VAL C 319 24.32 -19.90 23.85
CA VAL C 319 24.13 -19.49 22.46
C VAL C 319 22.97 -18.50 22.32
N HIS C 320 22.02 -18.52 23.25
CA HIS C 320 20.93 -17.56 23.21
C HIS C 320 21.43 -16.14 23.41
N GLU C 321 22.48 -15.95 24.21
CA GLU C 321 23.02 -14.63 24.50
C GLU C 321 23.84 -14.05 23.36
N LEU C 322 23.92 -14.74 22.21
CA LEU C 322 24.74 -14.24 21.11
C LEU C 322 24.05 -13.13 20.34
N LYS C 323 22.75 -13.28 20.06
CA LYS C 323 22.04 -12.28 19.29
C LYS C 323 22.05 -10.89 19.93
N PRO C 324 21.84 -10.72 21.24
CA PRO C 324 21.95 -9.36 21.81
C PRO C 324 23.37 -8.82 21.76
N LEU C 325 24.39 -9.68 21.91
CA LEU C 325 25.76 -9.19 21.91
C LEU C 325 26.17 -8.65 20.55
N MET C 326 25.66 -9.24 19.46
CA MET C 326 26.01 -8.78 18.12
C MET C 326 25.39 -7.43 17.80
N LYS C 327 24.33 -7.04 18.52
CA LYS C 327 23.68 -5.76 18.27
C LYS C 327 24.41 -4.58 18.89
N ARG C 328 25.34 -4.83 19.81
CA ARG C 328 26.03 -3.77 20.53
C ARG C 328 27.50 -3.63 20.15
N SER C 329 28.05 -4.56 19.37
CA SER C 329 29.46 -4.50 19.02
C SER C 329 29.64 -4.31 17.51
N THR C 330 28.95 -3.33 16.94
CA THR C 330 29.10 -3.04 15.51
C THR C 330 30.44 -2.38 15.19
N GLU C 331 31.12 -1.82 16.19
CA GLU C 331 32.40 -1.16 15.94
C GLU C 331 33.52 -2.15 15.66
N GLN C 332 33.41 -3.37 16.17
CA GLN C 332 34.46 -4.37 16.01
C GLN C 332 34.38 -5.12 14.69
N GLY C 333 33.28 -4.99 13.96
CA GLY C 333 33.10 -5.71 12.70
C GLY C 333 31.91 -6.65 12.69
N MET C 334 31.18 -6.81 13.79
CA MET C 334 30.02 -7.68 13.83
C MET C 334 28.79 -6.94 13.30
N GLN C 335 27.81 -7.73 12.85
CA GLN C 335 26.53 -7.20 12.42
C GLN C 335 25.53 -8.35 12.31
N THR C 336 24.30 -8.11 12.77
CA THR C 336 23.23 -9.06 12.60
C THR C 336 22.66 -8.96 11.19
N PHE C 337 21.64 -9.78 10.91
CA PHE C 337 20.93 -9.63 9.64
C PHE C 337 20.13 -8.33 9.61
N ASP C 338 19.63 -7.88 10.76
CA ASP C 338 18.89 -6.63 10.80
C ASP C 338 19.80 -5.42 10.64
N GLN C 339 21.04 -5.51 11.12
CA GLN C 339 21.99 -4.41 10.95
C GLN C 339 22.54 -4.38 9.52
N ALA C 340 22.76 -5.54 8.91
CA ALA C 340 23.21 -5.57 7.53
C ALA C 340 22.11 -5.11 6.58
N LEU C 341 20.88 -5.56 6.81
CA LEU C 341 19.76 -5.08 6.01
C LEU C 341 19.52 -3.59 6.22
N TYR C 342 19.83 -3.09 7.42
CA TYR C 342 19.75 -1.66 7.66
C TYR C 342 20.83 -0.90 6.88
N GLN C 343 22.01 -1.50 6.74
CA GLN C 343 23.08 -0.85 6.01
C GLN C 343 22.84 -0.89 4.51
N LEU C 344 22.08 -1.88 4.02
CA LEU C 344 21.77 -1.97 2.60
C LEU C 344 20.54 -1.16 2.21
N TYR C 345 19.55 -1.04 3.09
CA TYR C 345 18.39 -0.24 2.79
C TYR C 345 18.72 1.25 2.78
N THR C 346 19.64 1.69 3.63
CA THR C 346 20.07 3.08 3.61
C THR C 346 20.91 3.39 2.38
N GLN C 347 21.61 2.38 1.84
CA GLN C 347 22.35 2.55 0.60
C GLN C 347 21.46 2.56 -0.64
N GLY C 348 20.18 2.21 -0.50
CA GLY C 348 19.29 2.13 -1.63
C GLY C 348 19.35 0.84 -2.41
N GLU C 349 20.08 -0.17 -1.91
CA GLU C 349 20.20 -1.44 -2.59
C GLU C 349 19.05 -2.39 -2.31
N ILE C 350 18.06 -1.98 -1.52
CA ILE C 350 16.91 -2.81 -1.22
C ILE C 350 15.76 -1.90 -0.83
N THR C 351 14.54 -2.32 -1.15
CA THR C 351 13.36 -1.53 -0.83
C THR C 351 13.06 -1.60 0.66
N TYR C 352 12.04 -0.83 1.06
CA TYR C 352 11.61 -0.86 2.46
C TYR C 352 10.79 -2.11 2.76
N GLU C 353 10.02 -2.59 1.78
CA GLU C 353 9.24 -3.81 1.99
C GLU C 353 10.13 -5.03 2.03
N ASP C 354 11.20 -5.05 1.24
CA ASP C 354 12.10 -6.19 1.23
C ASP C 354 12.91 -6.28 2.51
N ALA C 355 13.13 -5.16 3.19
CA ALA C 355 13.90 -5.17 4.43
C ALA C 355 13.09 -5.73 5.59
N LEU C 356 11.82 -5.33 5.69
CA LEU C 356 10.99 -5.83 6.79
C LEU C 356 10.60 -7.28 6.59
N ALA C 357 10.51 -7.74 5.34
CA ALA C 357 10.16 -9.13 5.07
C ALA C 357 11.34 -10.07 5.30
N HIS C 358 12.57 -9.60 5.12
CA HIS C 358 13.76 -10.41 5.31
C HIS C 358 14.42 -10.21 6.66
N ALA C 359 13.87 -9.32 7.49
CA ALA C 359 14.48 -9.04 8.78
C ALA C 359 14.24 -10.19 9.75
N ASP C 360 15.24 -10.44 10.60
CA ASP C 360 15.06 -11.39 11.70
C ASP C 360 13.97 -10.92 12.66
N SER C 361 13.80 -9.62 12.79
CA SER C 361 12.73 -9.03 13.59
C SER C 361 12.18 -7.84 12.80
N ALA C 362 10.96 -7.97 12.27
CA ALA C 362 10.38 -6.90 11.48
C ALA C 362 10.06 -5.66 12.30
N ASN C 363 9.93 -5.81 13.62
CA ASN C 363 9.71 -4.66 14.49
C ASN C 363 11.01 -4.00 14.92
N ASP C 364 12.08 -4.78 15.10
CA ASP C 364 13.37 -4.19 15.43
C ASP C 364 13.98 -3.47 14.23
N LEU C 365 13.89 -4.09 13.05
CA LEU C 365 14.39 -3.44 11.84
C LEU C 365 13.58 -2.18 11.54
N ARG C 366 12.26 -2.24 11.75
CA ARG C 366 11.44 -1.03 11.62
C ARG C 366 11.83 0.01 12.66
N LEU C 367 12.27 -0.44 13.84
CA LEU C 367 12.77 0.48 14.86
C LEU C 367 14.18 0.94 14.55
N MET C 368 15.00 0.07 13.95
CA MET C 368 16.35 0.46 13.58
C MET C 368 16.35 1.48 12.44
N ILE C 369 15.43 1.32 11.49
CA ILE C 369 15.35 2.24 10.36
C ILE C 369 14.76 3.57 10.78
N LYS C 370 13.77 3.56 11.68
CA LYS C 370 13.15 4.80 12.13
C LYS C 370 14.05 5.60 13.06
N LEU C 371 15.07 4.96 13.65
CA LEU C 371 15.95 5.64 14.58
C LEU C 371 17.01 6.47 13.87
N PHE D 23 -20.03 -1.89 3.81
CA PHE D 23 -19.68 -0.59 4.39
C PHE D 23 -18.61 -0.75 5.48
N GLU D 24 -18.79 -1.77 6.34
CA GLU D 24 -17.82 -2.02 7.40
C GLU D 24 -16.46 -2.42 6.83
N LYS D 25 -16.45 -3.03 5.64
CA LYS D 25 -15.18 -3.40 5.02
C LYS D 25 -14.43 -2.16 4.53
N LEU D 26 -15.18 -1.16 4.02
CA LEU D 26 -14.54 0.07 3.57
C LEU D 26 -13.90 0.83 4.73
N LEU D 27 -14.46 0.70 5.94
CA LEU D 27 -13.86 1.36 7.09
C LEU D 27 -12.56 0.68 7.50
N ARG D 28 -12.53 -0.65 7.48
CA ARG D 28 -11.31 -1.37 7.85
C ARG D 28 -10.19 -1.08 6.85
N LEU D 29 -10.52 -0.94 5.57
CA LEU D 29 -9.51 -0.62 4.57
C LEU D 29 -8.90 0.76 4.81
N MET D 30 -9.73 1.72 5.23
CA MET D 30 -9.22 3.05 5.53
C MET D 30 -8.30 3.05 6.74
N VAL D 31 -8.64 2.26 7.76
CA VAL D 31 -7.79 2.18 8.95
C VAL D 31 -6.51 1.40 8.65
N GLU D 32 -6.62 0.35 7.85
CA GLU D 32 -5.42 -0.44 7.51
C GLU D 32 -4.51 0.31 6.56
N LYS D 33 -5.05 1.17 5.71
CA LYS D 33 -4.26 1.97 4.79
C LYS D 33 -3.96 3.37 5.31
N GLY D 34 -4.49 3.72 6.47
CA GLY D 34 -4.20 5.03 7.06
C GLY D 34 -4.78 6.20 6.29
N GLY D 35 -5.99 6.04 5.75
CA GLY D 35 -6.60 7.13 5.02
C GLY D 35 -7.04 8.26 5.95
N SER D 36 -6.89 9.49 5.47
CA SER D 36 -7.26 10.65 6.27
C SER D 36 -8.76 10.93 6.17
N ASP D 37 -9.35 10.71 5.00
CA ASP D 37 -10.76 11.01 4.80
C ASP D 37 -11.32 10.09 3.71
N LEU D 38 -12.56 9.66 3.90
CA LEU D 38 -13.28 8.85 2.92
C LEU D 38 -14.39 9.69 2.30
N PHE D 39 -14.56 9.54 0.99
CA PHE D 39 -15.52 10.33 0.23
C PHE D 39 -16.60 9.44 -0.35
N ILE D 40 -17.86 9.76 -0.07
CA ILE D 40 -19.01 9.01 -0.54
C ILE D 40 -19.96 10.01 -1.18
N THR D 41 -19.95 10.06 -2.52
CA THR D 41 -20.82 10.95 -3.26
C THR D 41 -21.11 10.33 -4.62
N ALA D 42 -22.21 10.77 -5.23
CA ALA D 42 -22.60 10.26 -6.53
C ALA D 42 -21.69 10.82 -7.62
N GLY D 43 -21.47 10.02 -8.66
CA GLY D 43 -20.65 10.42 -9.78
C GLY D 43 -19.19 10.01 -9.70
N VAL D 44 -18.72 9.58 -8.54
CA VAL D 44 -17.33 9.17 -8.38
C VAL D 44 -17.26 7.91 -7.53
N PRO D 45 -16.29 7.05 -7.79
CA PRO D 45 -16.11 5.85 -6.98
C PRO D 45 -15.78 6.21 -5.55
N PRO D 46 -16.06 5.31 -4.60
CA PRO D 46 -15.61 5.55 -3.22
C PRO D 46 -14.12 5.82 -3.17
N SER D 47 -13.74 7.03 -2.81
CA SER D 47 -12.35 7.46 -2.80
C SER D 47 -11.94 7.89 -1.41
N MET D 48 -10.67 7.64 -1.08
CA MET D 48 -10.11 8.02 0.21
C MET D 48 -8.88 8.89 0.00
N LYS D 49 -8.72 9.88 0.87
CA LYS D 49 -7.56 10.78 0.81
C LYS D 49 -6.45 10.18 1.68
N VAL D 50 -5.52 9.50 1.03
CA VAL D 50 -4.38 8.90 1.71
C VAL D 50 -3.16 9.76 1.46
N ASN D 51 -2.59 10.30 2.53
CA ASN D 51 -1.43 11.20 2.46
C ASN D 51 -1.70 12.42 1.59
N GLY D 52 -2.95 12.89 1.59
CA GLY D 52 -3.34 14.07 0.85
C GLY D 52 -3.71 13.83 -0.60
N ARG D 53 -3.69 12.58 -1.07
CA ARG D 53 -4.00 12.25 -2.45
C ARG D 53 -5.32 11.49 -2.50
N VAL D 54 -6.32 12.08 -3.15
CA VAL D 54 -7.60 11.41 -3.33
C VAL D 54 -7.41 10.26 -4.31
N MET D 55 -7.69 9.04 -3.86
CA MET D 55 -7.49 7.84 -4.66
C MET D 55 -8.76 6.99 -4.62
N PRO D 56 -9.24 6.50 -5.76
CA PRO D 56 -10.44 5.65 -5.75
C PRO D 56 -10.14 4.29 -5.14
N VAL D 57 -11.10 3.78 -4.37
CA VAL D 57 -10.96 2.47 -3.75
C VAL D 57 -11.44 1.35 -4.67
N THR D 58 -12.64 1.50 -5.22
CA THR D 58 -13.19 0.55 -6.17
C THR D 58 -13.10 1.12 -7.59
N LYS D 59 -13.57 0.34 -8.56
CA LYS D 59 -13.57 0.75 -9.95
C LYS D 59 -14.92 1.25 -10.43
N THR D 60 -16.00 1.00 -9.68
CA THR D 60 -17.33 1.39 -10.11
C THR D 60 -17.80 2.60 -9.33
N PRO D 61 -18.22 3.66 -10.02
CA PRO D 61 -18.76 4.83 -9.31
C PRO D 61 -20.09 4.53 -8.66
N LEU D 62 -20.43 5.34 -7.67
CA LEU D 62 -21.66 5.17 -6.90
C LEU D 62 -22.83 5.86 -7.58
N SER D 63 -23.98 5.19 -7.60
CA SER D 63 -25.19 5.74 -8.18
C SER D 63 -25.88 6.65 -7.17
N PRO D 64 -26.77 7.53 -7.65
CA PRO D 64 -27.54 8.37 -6.69
C PRO D 64 -28.35 7.55 -5.71
N GLU D 65 -28.90 6.41 -6.14
CA GLU D 65 -29.66 5.56 -5.22
C GLU D 65 -28.75 4.88 -4.22
N GLN D 66 -27.58 4.40 -4.67
CA GLN D 66 -26.64 3.77 -3.76
C GLN D 66 -26.04 4.78 -2.80
N THR D 67 -25.78 6.01 -3.27
CA THR D 67 -25.29 7.05 -2.38
C THR D 67 -26.37 7.47 -1.38
N ARG D 68 -27.62 7.57 -1.84
CA ARG D 68 -28.72 7.88 -0.93
C ARG D 68 -28.98 6.73 0.04
N GLU D 69 -28.74 5.49 -0.38
CA GLU D 69 -28.92 4.35 0.50
C GLU D 69 -27.76 4.21 1.49
N THR D 70 -26.56 4.63 1.10
CA THR D 70 -25.41 4.52 1.99
C THR D 70 -25.37 5.66 3.00
N VAL D 71 -25.72 6.88 2.59
CA VAL D 71 -25.68 8.01 3.50
C VAL D 71 -26.79 7.89 4.55
N LEU D 72 -28.01 7.64 4.10
CA LEU D 72 -29.13 7.51 5.04
C LEU D 72 -29.02 6.26 5.90
N GLY D 73 -28.31 5.23 5.44
CA GLY D 73 -28.16 4.02 6.21
C GLY D 73 -27.34 4.17 7.47
N VAL D 74 -26.49 5.21 7.53
CA VAL D 74 -25.69 5.45 8.72
C VAL D 74 -26.44 6.26 9.77
N MET D 75 -27.48 6.99 9.39
CA MET D 75 -28.25 7.79 10.31
C MET D 75 -29.35 6.97 10.98
N ASN D 76 -29.79 7.43 12.14
CA ASN D 76 -30.95 6.86 12.80
C ASN D 76 -32.20 7.58 12.30
N GLU D 77 -33.36 7.26 12.89
CA GLU D 77 -34.61 7.85 12.42
C GLU D 77 -34.65 9.36 12.65
N GLN D 78 -34.03 9.85 13.72
CA GLN D 78 -34.04 11.28 13.99
C GLN D 78 -33.03 12.03 13.14
N GLN D 79 -31.84 11.45 12.95
CA GLN D 79 -30.85 12.08 12.08
C GLN D 79 -31.32 12.14 10.64
N ARG D 80 -32.10 11.14 10.20
CA ARG D 80 -32.68 11.18 8.87
C ARG D 80 -33.72 12.29 8.75
N ARG D 81 -34.37 12.65 9.85
CA ARG D 81 -35.36 13.72 9.83
C ARG D 81 -34.68 15.09 9.79
N ASP D 82 -33.62 15.29 10.57
CA ASP D 82 -32.89 16.54 10.53
C ASP D 82 -32.18 16.73 9.19
N PHE D 83 -31.75 15.64 8.56
CA PHE D 83 -31.05 15.74 7.28
C PHE D 83 -32.01 16.12 6.17
N ALA D 84 -33.26 15.63 6.22
CA ALA D 84 -34.23 15.96 5.19
C ALA D 84 -34.76 17.38 5.34
N GLU D 85 -34.79 17.91 6.56
CA GLU D 85 -35.33 19.25 6.79
C GLU D 85 -34.29 20.34 6.60
N ASN D 86 -33.07 20.13 7.07
CA ASN D 86 -32.01 21.13 7.00
C ASN D 86 -31.07 20.93 5.83
N HIS D 87 -31.24 19.86 5.06
CA HIS D 87 -30.38 19.50 3.94
C HIS D 87 -28.93 19.24 4.35
N GLU D 88 -28.65 19.27 5.65
CA GLU D 88 -27.31 19.01 6.18
C GLU D 88 -27.44 18.31 7.51
N CYS D 89 -26.41 17.55 7.87
CA CYS D 89 -26.39 16.84 9.15
C CYS D 89 -24.96 16.41 9.44
N ASN D 90 -24.41 16.87 10.56
CA ASN D 90 -23.09 16.48 11.02
C ASN D 90 -23.23 15.68 12.30
N PHE D 91 -22.59 14.51 12.33
CA PHE D 91 -22.70 13.62 13.48
C PHE D 91 -21.43 12.78 13.59
N ALA D 92 -21.40 11.90 14.59
CA ALA D 92 -20.28 11.00 14.82
C ALA D 92 -20.81 9.60 15.08
N ILE D 93 -19.97 8.60 14.80
CA ILE D 93 -20.35 7.20 14.92
C ILE D 93 -19.23 6.43 15.60
N SER D 94 -19.57 5.24 16.09
CA SER D 94 -18.63 4.36 16.77
C SER D 94 -18.80 2.95 16.22
N ALA D 95 -17.79 2.46 15.51
CA ALA D 95 -17.80 1.12 14.95
C ALA D 95 -17.04 0.19 15.90
N ARG D 96 -17.70 -0.88 16.33
CA ARG D 96 -17.11 -1.80 17.29
C ARG D 96 -15.94 -2.54 16.66
N GLY D 97 -14.76 -2.40 17.27
CA GLY D 97 -13.58 -3.10 16.82
C GLY D 97 -12.74 -2.39 15.78
N ILE D 98 -13.26 -1.31 15.18
CA ILE D 98 -12.55 -0.57 14.14
C ILE D 98 -12.05 0.78 14.66
N GLY D 99 -12.96 1.60 15.16
CA GLY D 99 -12.61 2.92 15.66
C GLY D 99 -13.80 3.86 15.54
N ARG D 100 -13.49 5.15 15.58
CA ARG D 100 -14.49 6.20 15.47
C ARG D 100 -14.15 7.12 14.30
N PHE D 101 -15.19 7.73 13.73
CA PHE D 101 -15.01 8.63 12.60
C PHE D 101 -16.13 9.66 12.60
N ARG D 102 -15.80 10.88 12.20
CA ARG D 102 -16.76 11.97 12.13
C ARG D 102 -17.22 12.16 10.69
N VAL D 103 -18.54 12.30 10.52
CA VAL D 103 -19.16 12.40 9.20
C VAL D 103 -19.74 13.78 9.01
N SER D 104 -19.66 14.28 7.78
CA SER D 104 -20.26 15.56 7.39
C SER D 104 -21.10 15.31 6.13
N ALA D 105 -22.39 15.05 6.34
CA ALA D 105 -23.30 14.81 5.24
C ALA D 105 -23.84 16.13 4.69
N PHE D 106 -24.24 16.10 3.43
CA PHE D 106 -24.66 17.32 2.75
C PHE D 106 -25.41 16.97 1.47
N TYR D 107 -26.29 17.89 1.07
CA TYR D 107 -26.86 17.84 -0.27
C TYR D 107 -25.90 18.47 -1.26
N GLN D 108 -25.82 17.90 -2.45
CA GLN D 108 -24.99 18.46 -3.51
C GLN D 108 -25.66 18.16 -4.85
N ARG D 109 -26.02 19.22 -5.58
CA ARG D 109 -26.77 19.10 -6.83
C ARG D 109 -28.04 18.29 -6.62
N ASN D 110 -28.72 18.53 -5.49
CA ASN D 110 -29.93 17.81 -5.10
C ASN D 110 -29.67 16.31 -4.97
N LEU D 111 -28.45 15.94 -4.55
CA LEU D 111 -28.10 14.55 -4.35
C LEU D 111 -27.31 14.43 -3.05
N VAL D 112 -27.40 13.25 -2.43
CA VAL D 112 -26.80 13.03 -1.13
C VAL D 112 -25.29 12.83 -1.28
N GLY D 113 -24.55 13.21 -0.24
CA GLY D 113 -23.12 13.03 -0.21
C GLY D 113 -22.60 13.17 1.20
N MET D 114 -21.50 12.49 1.49
CA MET D 114 -20.95 12.49 2.84
C MET D 114 -19.44 12.35 2.79
N VAL D 115 -18.77 13.02 3.74
CA VAL D 115 -17.32 12.94 3.90
C VAL D 115 -17.04 12.46 5.32
N LEU D 116 -16.24 11.41 5.43
CA LEU D 116 -15.92 10.80 6.72
C LEU D 116 -14.45 11.05 7.05
N ARG D 117 -14.20 11.49 8.29
CA ARG D 117 -12.85 11.76 8.77
C ARG D 117 -12.54 10.79 9.91
N ARG D 118 -11.44 10.06 9.78
CA ARG D 118 -11.08 9.09 10.81
C ARG D 118 -10.57 9.80 12.06
N ILE D 119 -11.04 9.34 13.22
CA ILE D 119 -10.59 9.89 14.50
C ILE D 119 -9.23 9.26 14.81
N GLU D 120 -8.19 10.09 14.84
CA GLU D 120 -6.84 9.58 15.03
C GLU D 120 -6.63 9.13 16.47
N THR D 121 -5.80 8.10 16.63
CA THR D 121 -5.45 7.56 17.94
C THR D 121 -3.96 7.59 18.24
N ASN D 122 -3.09 7.59 17.23
CA ASN D 122 -1.65 7.68 17.43
C ASN D 122 -1.30 9.10 17.86
N ILE D 123 -1.16 9.31 19.17
CA ILE D 123 -0.91 10.63 19.71
C ILE D 123 0.56 10.99 19.55
N PRO D 124 0.88 12.10 18.89
CA PRO D 124 2.26 12.57 18.88
C PRO D 124 2.67 13.05 20.26
N THR D 125 3.97 12.97 20.55
CA THR D 125 4.48 13.46 21.81
C THR D 125 4.84 14.93 21.70
N LEU D 126 5.14 15.55 22.85
CA LEU D 126 5.57 16.94 22.85
C LEU D 126 6.90 17.10 22.12
N GLU D 127 7.76 16.08 22.16
CA GLU D 127 9.03 16.16 21.45
C GLU D 127 8.84 16.06 19.94
N GLU D 128 7.92 15.20 19.50
CA GLU D 128 7.64 15.09 18.07
C GLU D 128 7.12 16.40 17.49
N LEU D 129 6.34 17.15 18.28
CA LEU D 129 5.88 18.46 17.85
C LEU D 129 6.94 19.55 18.08
N LYS D 130 8.06 19.21 18.70
CA LYS D 130 9.15 20.16 18.96
C LYS D 130 8.67 21.36 19.76
N LEU D 131 7.84 21.10 20.77
CA LEU D 131 7.31 22.15 21.62
C LEU D 131 8.30 22.51 22.72
N PRO D 132 8.24 23.74 23.25
CA PRO D 132 9.18 24.13 24.30
C PRO D 132 8.98 23.32 25.58
N GLU D 133 10.06 23.22 26.36
CA GLU D 133 10.05 22.40 27.57
C GLU D 133 9.17 22.96 28.67
N ILE D 134 8.81 24.25 28.60
CA ILE D 134 7.90 24.83 29.58
C ILE D 134 6.54 24.15 29.52
N LEU D 135 6.18 23.57 28.37
CA LEU D 135 4.93 22.84 28.27
C LEU D 135 4.95 21.58 29.12
N LYS D 136 6.12 20.92 29.20
CA LYS D 136 6.23 19.72 30.02
C LYS D 136 5.98 20.03 31.49
N LYS D 137 6.58 21.11 31.99
CA LYS D 137 6.34 21.52 33.38
C LYS D 137 4.87 21.91 33.57
N LEU D 138 4.27 22.53 32.56
CA LEU D 138 2.84 22.86 32.64
C LEU D 138 1.97 21.60 32.59
N ALA D 139 2.40 20.59 31.83
CA ALA D 139 1.62 19.37 31.73
C ALA D 139 1.56 18.61 33.05
N LEU D 140 2.62 18.69 33.86
CA LEU D 140 2.68 18.00 35.14
C LEU D 140 2.16 18.85 36.28
N THR D 141 1.61 20.04 36.00
CA THR D 141 1.07 20.88 37.05
C THR D 141 -0.12 20.20 37.73
N LYS D 142 -0.30 20.51 39.01
CA LYS D 142 -1.34 19.87 39.81
C LYS D 142 -2.67 20.63 39.75
N ARG D 143 -2.62 21.96 39.82
CA ARG D 143 -3.84 22.76 39.81
C ARG D 143 -3.57 24.07 39.08
N GLY D 144 -4.62 24.62 38.49
CA GLY D 144 -4.52 25.86 37.75
C GLY D 144 -5.28 25.84 36.43
N LEU D 145 -5.23 26.95 35.70
CA LEU D 145 -5.93 27.07 34.43
C LEU D 145 -4.91 27.34 33.33
N VAL D 146 -4.89 26.48 32.32
CA VAL D 146 -4.03 26.63 31.15
C VAL D 146 -4.93 26.78 29.93
N ILE D 147 -4.65 27.79 29.10
CA ILE D 147 -5.49 28.15 27.98
C ILE D 147 -4.66 28.08 26.70
N PHE D 148 -5.17 27.35 25.71
CA PHE D 148 -4.57 27.26 24.39
C PHE D 148 -5.31 28.23 23.46
N VAL D 149 -4.61 29.28 23.02
CA VAL D 149 -5.19 30.27 22.13
C VAL D 149 -4.55 30.10 20.75
N GLY D 150 -5.24 30.61 19.74
CA GLY D 150 -4.79 30.52 18.37
C GLY D 150 -5.95 30.60 17.41
N ALA D 151 -5.63 30.89 16.15
CA ALA D 151 -6.64 30.94 15.11
C ALA D 151 -7.12 29.53 14.78
N THR D 152 -8.06 29.45 13.83
CA THR D 152 -8.63 28.17 13.45
C THR D 152 -7.56 27.31 12.76
N GLY D 153 -7.36 26.10 13.27
CA GLY D 153 -6.42 25.18 12.65
C GLY D 153 -4.96 25.48 12.92
N THR D 154 -4.65 26.18 14.01
CA THR D 154 -3.26 26.44 14.37
C THR D 154 -2.63 25.32 15.17
N GLY D 155 -3.26 24.14 15.21
CA GLY D 155 -2.73 23.03 15.97
C GLY D 155 -3.00 23.10 17.45
N LYS D 156 -4.03 23.84 17.87
CA LYS D 156 -4.35 23.93 19.29
C LYS D 156 -4.72 22.56 19.86
N SER D 157 -5.70 21.89 19.25
CA SER D 157 -6.12 20.58 19.73
C SER D 157 -5.05 19.52 19.50
N THR D 158 -4.24 19.67 18.44
CA THR D 158 -3.17 18.72 18.19
C THR D 158 -2.09 18.79 19.27
N SER D 159 -1.65 20.00 19.59
CA SER D 159 -0.65 20.16 20.64
C SER D 159 -1.22 19.83 22.01
N LEU D 160 -2.51 20.11 22.22
CA LEU D 160 -3.13 19.80 23.51
C LEU D 160 -3.22 18.29 23.72
N ALA D 161 -3.64 17.54 22.70
CA ALA D 161 -3.69 16.09 22.81
C ALA D 161 -2.29 15.51 23.01
N ALA D 162 -1.29 16.09 22.34
CA ALA D 162 0.09 15.69 22.58
C ALA D 162 0.49 15.97 24.02
N MET D 163 0.10 17.13 24.55
CA MET D 163 0.37 17.45 25.95
C MET D 163 -0.47 16.57 26.87
N ILE D 164 -1.69 16.21 26.46
CA ILE D 164 -2.53 15.33 27.27
C ILE D 164 -1.88 13.95 27.37
N GLY D 165 -1.26 13.48 26.30
CA GLY D 165 -0.56 12.21 26.35
C GLY D 165 0.66 12.24 27.26
N TYR D 166 1.26 13.42 27.43
CA TYR D 166 2.40 13.54 28.34
C TYR D 166 1.96 13.37 29.79
N ARG D 167 0.91 14.08 30.20
CA ARG D 167 0.40 13.94 31.55
C ARG D 167 -0.19 12.55 31.78
N ASN D 168 -0.84 11.99 30.75
CA ASN D 168 -1.42 10.65 30.87
C ASN D 168 -0.34 9.59 31.09
N LYS D 169 0.84 9.79 30.51
CA LYS D 169 1.91 8.81 30.60
C LYS D 169 2.85 9.04 31.78
N ASN D 170 2.88 10.26 32.33
CA ASN D 170 3.87 10.61 33.35
C ASN D 170 3.27 10.83 34.74
N SER D 171 1.97 10.59 34.92
CA SER D 171 1.35 10.76 36.22
C SER D 171 0.25 9.73 36.39
N THR D 172 -0.26 9.65 37.62
CA THR D 172 -1.35 8.76 37.98
C THR D 172 -2.53 9.59 38.46
N GLY D 173 -3.71 9.25 37.97
CA GLY D 173 -4.91 9.97 38.36
C GLY D 173 -6.05 9.72 37.39
N HIS D 174 -6.93 10.71 37.27
CA HIS D 174 -8.09 10.64 36.40
C HIS D 174 -8.16 11.91 35.56
N ILE D 175 -8.24 11.74 34.24
CA ILE D 175 -8.39 12.85 33.31
C ILE D 175 -9.79 12.78 32.72
N ILE D 176 -10.52 13.89 32.81
CA ILE D 176 -11.87 14.02 32.27
C ILE D 176 -11.83 14.98 31.10
N SER D 177 -12.35 14.55 29.96
CA SER D 177 -12.30 15.31 28.72
C SER D 177 -13.71 15.57 28.20
N ILE D 178 -13.98 16.82 27.85
CA ILE D 178 -15.24 17.22 27.23
C ILE D 178 -14.91 17.94 25.94
N GLU D 179 -15.17 17.29 24.80
CA GLU D 179 -14.79 17.82 23.51
C GLU D 179 -16.00 17.88 22.58
N ASP D 180 -15.91 18.74 21.58
CA ASP D 180 -16.98 18.89 20.59
C ASP D 180 -16.35 19.26 19.26
N PRO D 181 -15.92 18.26 18.48
CA PRO D 181 -15.96 16.81 18.77
C PRO D 181 -14.66 16.35 19.41
N ILE D 182 -14.56 15.06 19.72
CA ILE D 182 -13.30 14.49 20.20
C ILE D 182 -12.37 14.32 19.00
N GLU D 183 -11.23 15.00 19.06
CA GLU D 183 -10.28 14.95 17.94
C GLU D 183 -9.25 13.85 18.08
N TYR D 184 -8.83 13.54 19.31
CA TYR D 184 -7.88 12.47 19.57
C TYR D 184 -8.38 11.62 20.73
N ILE D 185 -8.25 10.31 20.60
CA ILE D 185 -8.67 9.36 21.62
C ILE D 185 -7.41 8.82 22.28
N HIS D 186 -7.22 9.15 23.56
CA HIS D 186 -6.06 8.71 24.32
C HIS D 186 -6.37 7.41 25.05
N GLN D 187 -5.51 6.41 24.87
CA GLN D 187 -5.65 5.16 25.60
C GLN D 187 -5.24 5.36 27.06
N HIS D 188 -5.79 4.50 27.93
CA HIS D 188 -5.49 4.56 29.35
C HIS D 188 -4.02 4.27 29.61
N GLN D 189 -3.28 5.28 30.05
CA GLN D 189 -1.88 5.14 30.42
C GLN D 189 -1.75 5.27 31.94
N GLY D 190 -0.88 6.12 32.46
CA GLY D 190 -0.76 6.24 33.91
C GLY D 190 -2.01 6.81 34.57
N CYS D 191 -2.70 7.72 33.89
CA CYS D 191 -3.93 8.30 34.38
C CYS D 191 -5.14 7.68 33.69
N ILE D 192 -6.26 7.63 34.41
CA ILE D 192 -7.51 7.18 33.82
C ILE D 192 -8.04 8.28 32.90
N VAL D 193 -8.35 7.91 31.67
CA VAL D 193 -8.73 8.87 30.63
C VAL D 193 -10.19 8.63 30.27
N THR D 194 -11.04 9.59 30.59
CA THR D 194 -12.46 9.54 30.26
C THR D 194 -12.74 10.62 29.21
N GLN D 195 -12.96 10.19 27.97
CA GLN D 195 -13.23 11.10 26.87
C GLN D 195 -14.73 11.10 26.58
N ARG D 196 -15.35 12.27 26.70
CA ARG D 196 -16.77 12.44 26.44
C ARG D 196 -16.95 13.49 25.35
N GLU D 197 -17.78 13.17 24.35
CA GLU D 197 -18.03 14.05 23.23
C GLU D 197 -19.43 14.64 23.35
N VAL D 198 -19.54 15.95 23.13
CA VAL D 198 -20.83 16.62 23.19
C VAL D 198 -21.71 16.14 22.05
N GLY D 199 -22.95 15.79 22.36
CA GLY D 199 -23.87 15.26 21.38
C GLY D 199 -23.94 13.76 21.30
N LEU D 200 -23.02 13.05 21.96
CA LEU D 200 -23.03 11.59 21.97
C LEU D 200 -22.92 11.07 23.40
N ASP D 201 -21.96 11.60 24.15
CA ASP D 201 -21.78 11.22 25.54
C ASP D 201 -22.37 12.21 26.53
N THR D 202 -22.71 13.42 26.08
CA THR D 202 -23.34 14.41 26.93
C THR D 202 -24.20 15.31 26.05
N ASP D 203 -25.20 15.92 26.67
CA ASP D 203 -26.11 16.78 25.91
C ASP D 203 -25.47 18.12 25.58
N SER D 204 -24.61 18.64 26.45
CA SER D 204 -23.99 19.93 26.22
C SER D 204 -22.69 20.01 27.01
N PHE D 205 -21.93 21.08 26.74
CA PHE D 205 -20.72 21.35 27.52
C PHE D 205 -21.06 21.64 28.97
N GLU D 206 -22.13 22.41 29.21
CA GLU D 206 -22.47 22.81 30.57
C GLU D 206 -22.89 21.62 31.40
N VAL D 207 -23.66 20.70 30.84
CA VAL D 207 -24.11 19.54 31.59
C VAL D 207 -22.94 18.63 31.95
N ALA D 208 -22.00 18.45 31.02
CA ALA D 208 -20.84 17.60 31.28
C ALA D 208 -19.94 18.21 32.34
N LEU D 209 -19.65 19.51 32.23
CA LEU D 209 -18.80 20.16 33.22
C LEU D 209 -19.47 20.21 34.59
N LYS D 210 -20.81 20.26 34.62
CA LYS D 210 -21.52 20.25 35.90
C LYS D 210 -21.33 18.92 36.62
N ASN D 211 -21.30 17.82 35.88
CA ASN D 211 -21.10 16.50 36.45
C ASN D 211 -19.62 16.11 36.55
N THR D 212 -18.74 16.85 35.87
CA THR D 212 -17.32 16.51 35.90
C THR D 212 -16.74 16.62 37.31
N LEU D 213 -17.30 17.50 38.14
CA LEU D 213 -16.79 17.67 39.49
C LEU D 213 -17.10 16.44 40.35
N ARG D 214 -18.26 15.83 40.15
CA ARG D 214 -18.68 14.68 40.96
C ARG D 214 -18.08 13.37 40.46
N GLN D 215 -17.22 13.40 39.43
CA GLN D 215 -16.58 12.21 38.90
C GLN D 215 -15.15 12.05 39.38
N ALA D 216 -14.78 12.79 40.42
CA ALA D 216 -13.45 12.73 41.04
C ALA D 216 -12.31 12.82 40.02
N PRO D 217 -12.23 13.91 39.26
CA PRO D 217 -11.10 14.06 38.34
C PRO D 217 -9.89 14.66 39.04
N ASP D 218 -8.75 14.55 38.37
CA ASP D 218 -7.55 15.26 38.76
C ASP D 218 -7.11 16.30 37.75
N VAL D 219 -7.48 16.10 36.48
CA VAL D 219 -7.31 17.09 35.43
C VAL D 219 -8.57 17.09 34.58
N ILE D 220 -9.04 18.29 34.23
CA ILE D 220 -10.24 18.46 33.43
C ILE D 220 -9.89 19.30 32.21
N MET D 221 -10.19 18.79 31.03
CA MET D 221 -9.91 19.48 29.78
C MET D 221 -11.24 19.82 29.11
N ILE D 222 -11.53 21.12 29.01
CA ILE D 222 -12.68 21.60 28.27
C ILE D 222 -12.27 21.80 26.82
N GLY D 223 -13.00 21.17 25.90
CA GLY D 223 -12.64 21.24 24.49
C GLY D 223 -12.52 22.67 23.99
N GLU D 224 -13.51 23.50 24.32
CA GLU D 224 -13.47 24.91 23.97
C GLU D 224 -14.45 25.66 24.86
N VAL D 225 -14.03 26.83 25.34
CA VAL D 225 -14.89 27.71 26.11
C VAL D 225 -15.57 28.65 25.12
N ARG D 226 -16.89 28.55 25.00
CA ARG D 226 -17.65 29.35 24.06
C ARG D 226 -18.69 30.24 24.72
N SER D 227 -18.92 30.10 26.03
CA SER D 227 -19.89 30.91 26.74
C SER D 227 -19.38 31.20 28.14
N ARG D 228 -20.12 32.06 28.85
CA ARG D 228 -19.73 32.41 30.22
C ARG D 228 -19.92 31.25 31.17
N GLU D 229 -20.96 30.43 30.96
CA GLU D 229 -21.18 29.28 31.82
C GLU D 229 -20.01 28.29 31.72
N THR D 230 -19.48 28.10 30.52
CA THR D 230 -18.30 27.27 30.36
C THR D 230 -17.08 27.91 31.04
N MET D 231 -17.00 29.24 31.03
CA MET D 231 -15.88 29.92 31.69
C MET D 231 -15.99 29.83 33.20
N ASP D 232 -17.21 29.89 33.74
CA ASP D 232 -17.39 29.79 35.19
C ASP D 232 -16.99 28.42 35.70
N HIS D 233 -17.36 27.36 34.99
CA HIS D 233 -16.97 26.01 35.40
C HIS D 233 -15.46 25.84 35.37
N ALA D 234 -14.80 26.40 34.35
CA ALA D 234 -13.36 26.30 34.26
C ALA D 234 -12.67 26.98 35.44
N VAL D 235 -13.20 28.14 35.85
CA VAL D 235 -12.63 28.83 37.01
C VAL D 235 -12.89 28.04 38.28
N ALA D 236 -14.10 27.50 38.44
CA ALA D 236 -14.41 26.69 39.62
C ALA D 236 -13.59 25.40 39.64
N PHE D 237 -13.26 24.86 38.47
CA PHE D 237 -12.43 23.66 38.42
C PHE D 237 -11.05 23.90 39.01
N ALA D 238 -10.46 25.05 38.68
CA ALA D 238 -9.12 25.36 39.17
C ALA D 238 -9.10 25.70 40.66
N GLU D 239 -10.20 26.26 41.18
CA GLU D 239 -10.24 26.61 42.59
C GLU D 239 -10.28 25.37 43.47
N THR D 240 -10.80 24.26 42.96
CA THR D 240 -10.93 23.03 43.73
C THR D 240 -9.68 22.15 43.67
N GLY D 241 -8.54 22.71 43.28
CA GLY D 241 -7.31 21.95 43.25
C GLY D 241 -7.15 21.01 42.08
N HIS D 242 -7.88 21.24 40.99
CA HIS D 242 -7.80 20.42 39.79
C HIS D 242 -7.13 21.21 38.68
N LEU D 243 -6.47 20.48 37.77
CA LEU D 243 -5.83 21.10 36.61
C LEU D 243 -6.86 21.23 35.50
N CYS D 244 -7.13 22.48 35.08
CA CYS D 244 -8.12 22.77 34.07
C CYS D 244 -7.44 23.27 32.80
N LEU D 245 -7.74 22.64 31.67
CA LEU D 245 -7.23 23.04 30.38
C LEU D 245 -8.39 23.31 29.42
N ALA D 246 -8.19 24.28 28.54
CA ALA D 246 -9.24 24.67 27.61
C ALA D 246 -8.62 25.41 26.44
N THR D 247 -9.34 25.43 25.33
CA THR D 247 -8.93 26.15 24.13
C THR D 247 -9.92 27.28 23.83
N LEU D 248 -9.41 28.34 23.23
CA LEU D 248 -10.23 29.46 22.79
C LEU D 248 -9.58 30.08 21.56
N HIS D 249 -10.40 30.71 20.73
CA HIS D 249 -9.95 31.26 19.46
C HIS D 249 -9.56 32.73 19.67
N ALA D 250 -8.25 32.98 19.76
CA ALA D 250 -7.72 34.32 19.89
C ALA D 250 -6.25 34.29 19.46
N ASN D 251 -5.78 35.39 18.91
CA ASN D 251 -4.45 35.42 18.30
C ASN D 251 -3.36 35.27 19.34
N ASN D 252 -3.33 36.16 20.33
CA ASN D 252 -2.29 36.11 21.36
C ASN D 252 -2.87 36.08 22.75
N ALA D 253 -2.01 36.24 23.76
CA ALA D 253 -2.47 36.19 25.14
C ALA D 253 -3.32 37.41 25.50
N ASN D 254 -2.95 38.59 24.96
CA ASN D 254 -3.68 39.80 25.30
C ASN D 254 -5.12 39.76 24.77
N GLN D 255 -5.29 39.35 23.51
CA GLN D 255 -6.64 39.29 22.95
C GLN D 255 -7.46 38.17 23.54
N ALA D 256 -6.80 37.09 24.01
CA ALA D 256 -7.53 36.02 24.68
C ALA D 256 -8.15 36.51 25.99
N LEU D 257 -7.40 37.30 26.75
CA LEU D 257 -7.94 37.87 27.98
C LEU D 257 -9.08 38.84 27.69
N GLU D 258 -8.96 39.60 26.59
CA GLU D 258 -10.02 40.54 26.23
C GLU D 258 -11.31 39.82 25.89
N ARG D 259 -11.21 38.68 25.20
CA ARG D 259 -12.40 37.92 24.85
C ARG D 259 -13.02 37.26 26.08
N ILE D 260 -12.18 36.81 27.02
CA ILE D 260 -12.69 36.13 28.21
C ILE D 260 -13.47 37.09 29.10
N ILE D 261 -12.93 38.30 29.30
CA ILE D 261 -13.62 39.28 30.14
C ILE D 261 -14.92 39.72 29.50
N HIS D 262 -14.98 39.75 28.17
CA HIS D 262 -16.21 40.13 27.48
C HIS D 262 -17.30 39.08 27.58
N PHE D 263 -16.97 37.87 28.03
CA PHE D 263 -18.00 36.87 28.32
C PHE D 263 -18.95 37.34 29.43
N PHE D 264 -18.50 38.25 30.28
CA PHE D 264 -19.21 38.64 31.48
C PHE D 264 -19.64 40.10 31.42
N PRO D 265 -20.70 40.47 32.14
CA PRO D 265 -21.07 41.89 32.23
C PRO D 265 -19.99 42.67 32.96
N ALA D 266 -20.04 43.99 32.76
CA ALA D 266 -18.99 44.86 33.28
C ALA D 266 -18.96 44.89 34.81
N ASP D 267 -20.09 44.62 35.46
CA ASP D 267 -20.11 44.65 36.92
C ASP D 267 -19.33 43.49 37.53
N ARG D 268 -19.20 42.39 36.81
CA ARG D 268 -18.45 41.23 37.28
C ARG D 268 -17.01 41.22 36.80
N HIS D 269 -16.57 42.27 36.10
CA HIS D 269 -15.18 42.32 35.63
C HIS D 269 -14.21 42.37 36.81
N GLY D 270 -14.54 43.16 37.85
CA GLY D 270 -13.66 43.27 38.99
C GLY D 270 -13.38 41.94 39.66
N GLN D 271 -14.39 41.07 39.71
CA GLN D 271 -14.19 39.72 40.23
C GLN D 271 -13.38 38.88 39.27
N VAL D 272 -13.66 39.01 37.96
CA VAL D 272 -12.98 38.19 36.96
C VAL D 272 -11.49 38.48 36.94
N TRP D 273 -11.12 39.76 37.03
CA TRP D 273 -9.71 40.12 37.08
C TRP D 273 -9.04 39.56 38.32
N MET D 274 -9.74 39.57 39.46
CA MET D 274 -9.17 39.04 40.68
C MET D 274 -9.04 37.53 40.64
N ASP D 275 -10.07 36.84 40.14
CA ASP D 275 -10.01 35.38 40.05
C ASP D 275 -8.94 34.94 39.05
N LEU D 276 -8.84 35.64 37.91
CA LEU D 276 -7.83 35.29 36.93
C LEU D 276 -6.42 35.50 37.48
N SER D 277 -6.22 36.55 38.27
CA SER D 277 -4.91 36.80 38.86
C SER D 277 -4.57 35.78 39.94
N LEU D 278 -5.54 35.02 40.43
CA LEU D 278 -5.33 34.10 41.54
C LEU D 278 -5.09 32.66 41.10
N ASN D 279 -5.79 32.18 40.07
CA ASN D 279 -5.76 30.78 39.70
C ASN D 279 -5.06 30.49 38.37
N LEU D 280 -4.89 31.48 37.51
CA LEU D 280 -4.30 31.24 36.20
C LEU D 280 -2.83 30.83 36.33
N LYS D 281 -2.41 29.92 35.47
CA LYS D 281 -1.04 29.43 35.45
C LYS D 281 -0.27 29.91 34.23
N ALA D 282 -0.85 29.82 33.04
CA ALA D 282 -0.17 30.23 31.83
C ALA D 282 -1.19 30.40 30.71
N ILE D 283 -0.78 31.13 29.67
CA ILE D 283 -1.54 31.27 28.44
C ILE D 283 -0.60 30.96 27.29
N VAL D 284 -0.93 29.96 26.50
CA VAL D 284 -0.08 29.46 25.42
C VAL D 284 -0.72 29.83 24.09
N ALA D 285 -0.12 30.77 23.38
CA ALA D 285 -0.57 31.15 22.04
C ALA D 285 0.28 30.43 21.01
N GLN D 286 -0.37 29.89 19.98
CA GLN D 286 0.28 29.03 19.00
C GLN D 286 0.08 29.56 17.60
N GLN D 287 1.16 29.66 16.85
CA GLN D 287 1.13 30.02 15.43
C GLN D 287 1.89 28.97 14.64
N LEU D 288 1.52 28.82 13.37
CA LEU D 288 2.11 27.82 12.48
C LEU D 288 2.83 28.55 11.35
N VAL D 289 4.16 28.48 11.34
CA VAL D 289 4.97 29.12 10.32
C VAL D 289 5.60 28.05 9.44
N PRO D 290 5.66 28.25 8.13
CA PRO D 290 6.23 27.23 7.25
C PRO D 290 7.74 27.10 7.43
N THR D 291 8.23 25.88 7.29
CA THR D 291 9.65 25.62 7.37
C THR D 291 10.34 26.11 6.09
N PRO D 292 11.66 26.31 6.13
CA PRO D 292 12.36 26.80 4.93
C PRO D 292 12.20 25.92 3.70
N ASP D 293 12.12 24.60 3.87
CA ASP D 293 11.98 23.69 2.75
C ASP D 293 10.56 23.65 2.19
N GLY D 294 9.60 24.33 2.82
CA GLY D 294 8.24 24.38 2.34
C GLY D 294 7.47 23.08 2.42
N LYS D 295 8.05 22.03 2.99
CA LYS D 295 7.39 20.74 3.09
C LYS D 295 6.59 20.57 4.37
N GLY D 296 6.69 21.49 5.31
CA GLY D 296 5.96 21.38 6.56
C GLY D 296 5.80 22.72 7.22
N ARG D 297 5.17 22.70 8.39
CA ARG D 297 4.93 23.90 9.19
C ARG D 297 5.40 23.65 10.62
N ARG D 298 5.97 24.69 11.23
CA ARG D 298 6.47 24.62 12.59
C ARG D 298 5.57 25.44 13.51
N ALA D 299 5.39 24.94 14.73
CA ALA D 299 4.49 25.57 15.70
C ALA D 299 5.25 26.60 16.51
N VAL D 300 4.85 27.87 16.39
CA VAL D 300 5.41 28.95 17.18
C VAL D 300 4.57 29.12 18.44
N ILE D 301 5.21 29.12 19.60
CA ILE D 301 4.52 29.12 20.88
C ILE D 301 4.89 30.38 21.65
N GLU D 302 3.89 31.17 21.98
CA GLU D 302 4.05 32.34 22.85
C GLU D 302 3.64 31.95 24.26
N VAL D 303 4.56 32.07 25.22
CA VAL D 303 4.36 31.59 26.57
C VAL D 303 4.28 32.79 27.50
N LEU D 304 3.23 32.84 28.32
CA LEU D 304 3.05 33.86 29.35
C LEU D 304 2.81 33.15 30.67
N LEU D 305 3.78 33.23 31.58
CA LEU D 305 3.68 32.59 32.88
C LEU D 305 3.18 33.59 33.91
N ASN D 306 2.34 33.11 34.83
CA ASN D 306 1.70 33.97 35.83
C ASN D 306 2.68 34.23 36.96
N THR D 307 3.60 35.16 36.71
CA THR D 307 4.48 35.66 37.75
C THR D 307 3.72 36.68 38.60
N PRO D 308 4.20 36.97 39.81
CA PRO D 308 3.50 37.95 40.66
C PRO D 308 3.25 39.29 39.98
N LEU D 309 4.21 39.78 39.20
CA LEU D 309 4.00 41.03 38.47
C LEU D 309 2.88 40.88 37.43
N ALA D 310 2.82 39.72 36.77
CA ALA D 310 1.74 39.48 35.81
C ALA D 310 0.40 39.39 36.52
N ALA D 311 0.36 38.76 37.69
CA ALA D 311 -0.89 38.65 38.44
C ALA D 311 -1.41 40.03 38.84
N ASP D 312 -0.50 40.93 39.22
CA ASP D 312 -0.93 42.28 39.58
C ASP D 312 -1.47 43.04 38.36
N LEU D 313 -0.84 42.86 37.20
CA LEU D 313 -1.37 43.44 35.98
C LEU D 313 -2.72 42.83 35.61
N ILE D 314 -2.93 41.55 35.92
CA ILE D 314 -4.22 40.92 35.66
C ILE D 314 -5.26 41.42 36.66
N ARG D 315 -4.87 41.54 37.94
CA ARG D 315 -5.81 42.00 38.96
C ARG D 315 -6.28 43.42 38.71
N LYS D 316 -5.43 44.25 38.09
CA LYS D 316 -5.78 45.63 37.75
C LYS D 316 -6.42 45.76 36.38
N GLY D 317 -6.56 44.66 35.64
CA GLY D 317 -7.08 44.72 34.29
C GLY D 317 -6.14 45.34 33.29
N GLU D 318 -4.89 45.60 33.67
CA GLU D 318 -3.91 46.22 32.78
C GLU D 318 -3.35 45.17 31.82
N VAL D 319 -4.25 44.66 30.96
CA VAL D 319 -3.86 43.67 29.97
C VAL D 319 -2.89 44.26 28.95
N HIS D 320 -2.90 45.57 28.76
CA HIS D 320 -1.94 46.21 27.86
C HIS D 320 -0.52 46.05 28.36
N GLU D 321 -0.32 46.05 29.68
CA GLU D 321 1.01 45.94 30.27
C GLU D 321 1.59 44.54 30.22
N LEU D 322 0.89 43.59 29.59
CA LEU D 322 1.37 42.21 29.57
C LEU D 322 2.48 42.02 28.53
N LYS D 323 2.31 42.58 27.34
CA LYS D 323 3.30 42.40 26.29
C LYS D 323 4.69 42.89 26.67
N PRO D 324 4.88 44.06 27.29
CA PRO D 324 6.24 44.44 27.70
C PRO D 324 6.80 43.54 28.80
N LEU D 325 5.95 43.04 29.71
CA LEU D 325 6.44 42.21 30.79
C LEU D 325 6.96 40.86 30.29
N MET D 326 6.36 40.32 29.23
CA MET D 326 6.82 39.04 28.69
C MET D 326 8.16 39.17 27.98
N LYS D 327 8.55 40.37 27.57
CA LYS D 327 9.82 40.56 26.88
C LYS D 327 11.01 40.62 27.83
N ARG D 328 10.78 40.79 29.14
CA ARG D 328 11.85 40.93 30.10
C ARG D 328 12.00 39.73 31.03
N SER D 329 11.07 38.78 31.01
CA SER D 329 11.13 37.64 31.91
C SER D 329 11.31 36.34 31.15
N THR D 330 12.29 36.29 30.25
CA THR D 330 12.55 35.07 29.48
C THR D 330 13.22 33.99 30.33
N GLU D 331 13.80 34.36 31.47
CA GLU D 331 14.47 33.39 32.34
C GLU D 331 13.48 32.50 33.09
N GLN D 332 12.26 32.98 33.31
CA GLN D 332 11.27 32.22 34.07
C GLN D 332 10.51 31.21 33.21
N GLY D 333 10.61 31.30 31.89
CA GLY D 333 9.89 30.43 30.99
C GLY D 333 8.93 31.14 30.05
N MET D 334 8.79 32.46 30.15
CA MET D 334 7.90 33.19 29.25
C MET D 334 8.62 33.52 27.95
N GLN D 335 7.82 33.75 26.91
CA GLN D 335 8.34 34.19 25.62
C GLN D 335 7.18 34.71 24.78
N THR D 336 7.42 35.82 24.08
CA THR D 336 6.45 36.35 23.13
C THR D 336 6.54 35.58 21.82
N PHE D 337 5.72 35.97 20.86
CA PHE D 337 5.84 35.40 19.52
C PHE D 337 7.13 35.85 18.84
N ASP D 338 7.59 37.07 19.14
CA ASP D 338 8.84 37.54 18.56
C ASP D 338 10.04 36.85 19.16
N GLN D 339 9.96 36.48 20.45
CA GLN D 339 11.07 35.76 21.08
C GLN D 339 11.11 34.30 20.65
N ALA D 340 9.93 33.69 20.47
CA ALA D 340 9.89 32.32 19.99
C ALA D 340 10.33 32.23 18.54
N LEU D 341 9.86 33.15 17.70
CA LEU D 341 10.33 33.20 16.31
C LEU D 341 11.82 33.50 16.25
N TYR D 342 12.34 34.26 17.21
CA TYR D 342 13.78 34.50 17.27
C TYR D 342 14.52 33.23 17.65
N GLN D 343 13.93 32.40 18.52
CA GLN D 343 14.58 31.16 18.91
C GLN D 343 14.54 30.12 17.80
N LEU D 344 13.54 30.20 16.92
CA LEU D 344 13.42 29.26 15.81
C LEU D 344 14.22 29.68 14.59
N TYR D 345 14.33 30.98 14.34
CA TYR D 345 15.14 31.45 13.22
C TYR D 345 16.63 31.23 13.46
N THR D 346 17.07 31.35 14.71
CA THR D 346 18.47 31.08 15.01
C THR D 346 18.77 29.58 14.93
N GLN D 347 17.76 28.74 15.15
CA GLN D 347 17.92 27.30 15.00
C GLN D 347 17.90 26.86 13.55
N GLY D 348 17.55 27.74 12.62
CA GLY D 348 17.46 27.38 11.22
C GLY D 348 16.16 26.73 10.82
N GLU D 349 15.16 26.70 11.71
CA GLU D 349 13.88 26.08 11.41
C GLU D 349 12.92 27.01 10.67
N ILE D 350 13.34 28.24 10.36
CA ILE D 350 12.49 29.17 9.64
C ILE D 350 13.40 30.18 8.96
N THR D 351 12.96 30.66 7.80
CA THR D 351 13.76 31.63 7.05
C THR D 351 13.69 33.01 7.70
N TYR D 352 14.46 33.93 7.13
CA TYR D 352 14.45 35.31 7.62
C TYR D 352 13.20 36.04 7.19
N GLU D 353 12.70 35.74 5.98
CA GLU D 353 11.49 36.38 5.50
C GLU D 353 10.26 35.88 6.25
N ASP D 354 10.24 34.59 6.62
CA ASP D 354 9.10 34.05 7.35
C ASP D 354 9.04 34.58 8.77
N ALA D 355 10.18 34.98 9.34
CA ALA D 355 10.19 35.49 10.71
C ALA D 355 9.63 36.92 10.77
N LEU D 356 10.02 37.77 9.82
CA LEU D 356 9.53 39.14 9.83
C LEU D 356 8.07 39.22 9.43
N ALA D 357 7.60 38.28 8.61
CA ALA D 357 6.20 38.29 8.18
C ALA D 357 5.27 37.77 9.27
N HIS D 358 5.75 36.87 10.12
CA HIS D 358 4.96 36.29 11.20
C HIS D 358 5.17 36.98 12.53
N ALA D 359 6.07 37.96 12.60
CA ALA D 359 6.36 38.62 13.87
C ALA D 359 5.22 39.53 14.28
N ASP D 360 4.99 39.62 15.59
CA ASP D 360 4.04 40.60 16.12
C ASP D 360 4.51 42.02 15.83
N SER D 361 5.83 42.22 15.77
CA SER D 361 6.42 43.50 15.38
C SER D 361 7.59 43.21 14.47
N ALA D 362 7.44 43.52 13.17
CA ALA D 362 8.49 43.24 12.21
C ALA D 362 9.74 44.08 12.44
N ASN D 363 9.61 45.21 13.14
CA ASN D 363 10.76 46.03 13.48
C ASN D 363 11.45 45.59 14.76
N ASP D 364 10.68 45.08 15.74
CA ASP D 364 11.28 44.56 16.96
C ASP D 364 11.98 43.24 16.70
N LEU D 365 11.36 42.34 15.93
CA LEU D 365 12.00 41.08 15.57
C LEU D 365 13.24 41.33 14.73
N ARG D 366 13.18 42.30 13.81
CA ARG D 366 14.37 42.68 13.07
C ARG D 366 15.43 43.28 13.99
N LEU D 367 15.00 43.96 15.06
CA LEU D 367 15.94 44.45 16.07
C LEU D 367 16.40 43.35 17.00
N MET D 368 15.54 42.37 17.30
CA MET D 368 15.93 41.25 18.14
C MET D 368 16.94 40.36 17.43
N ILE D 369 16.76 40.16 16.12
CA ILE D 369 17.67 39.30 15.37
C ILE D 369 19.00 39.99 15.13
N LYS D 370 18.99 41.30 14.89
CA LYS D 370 20.22 42.03 14.66
C LYS D 370 21.04 42.22 15.92
N LEU D 371 20.44 42.05 17.10
CA LEU D 371 21.11 42.28 18.37
C LEU D 371 21.90 41.06 18.86
N GLY D 372 21.28 39.90 18.86
CA GLY D 372 21.85 38.75 19.56
C GLY D 372 21.77 38.91 21.07
#